data_3MGE
# 
_entry.id   3MGE 
# 
_audit_conform.dict_name       mmcif_pdbx.dic 
_audit_conform.dict_version    5.397 
_audit_conform.dict_location   http://mmcif.pdb.org/dictionaries/ascii/mmcif_pdbx.dic 
# 
loop_
_database_2.database_id 
_database_2.database_code 
_database_2.pdbx_database_accession 
_database_2.pdbx_DOI 
PDB   3MGE         pdb_00003mge 10.2210/pdb3mge/pdb 
RCSB  RCSB058512   ?            ?                   
WWPDB D_1000058512 ?            ?                   
# 
loop_
_pdbx_audit_revision_history.ordinal 
_pdbx_audit_revision_history.data_content_type 
_pdbx_audit_revision_history.major_revision 
_pdbx_audit_revision_history.minor_revision 
_pdbx_audit_revision_history.revision_date 
1 'Structure model' 1 0 2010-07-21 
2 'Structure model' 1 1 2011-07-13 
3 'Structure model' 1 2 2021-10-06 
4 'Structure model' 1 3 2023-09-06 
5 'Structure model' 1 4 2024-10-09 
# 
_pdbx_audit_revision_details.ordinal             1 
_pdbx_audit_revision_details.revision_ordinal    1 
_pdbx_audit_revision_details.data_content_type   'Structure model' 
_pdbx_audit_revision_details.provider            repository 
_pdbx_audit_revision_details.type                'Initial release' 
_pdbx_audit_revision_details.description         ? 
_pdbx_audit_revision_details.details             ? 
# 
loop_
_pdbx_audit_revision_group.ordinal 
_pdbx_audit_revision_group.revision_ordinal 
_pdbx_audit_revision_group.data_content_type 
_pdbx_audit_revision_group.group 
1 2 'Structure model' 'Version format compliance' 
2 3 'Structure model' 'Database references'       
3 3 'Structure model' 'Derived calculations'      
4 4 'Structure model' 'Data collection'           
5 4 'Structure model' 'Refinement description'    
6 5 'Structure model' 'Structure summary'         
# 
loop_
_pdbx_audit_revision_category.ordinal 
_pdbx_audit_revision_category.revision_ordinal 
_pdbx_audit_revision_category.data_content_type 
_pdbx_audit_revision_category.category 
1 3 'Structure model' database_2                    
2 3 'Structure model' struct_ref_seq_dif            
3 3 'Structure model' struct_site                   
4 4 'Structure model' chem_comp_atom                
5 4 'Structure model' chem_comp_bond                
6 4 'Structure model' pdbx_initial_refinement_model 
7 5 'Structure model' pdbx_entry_details            
8 5 'Structure model' pdbx_modification_feature     
# 
loop_
_pdbx_audit_revision_item.ordinal 
_pdbx_audit_revision_item.revision_ordinal 
_pdbx_audit_revision_item.data_content_type 
_pdbx_audit_revision_item.item 
1 3 'Structure model' '_database_2.pdbx_DOI'                
2 3 'Structure model' '_database_2.pdbx_database_accession' 
3 3 'Structure model' '_struct_ref_seq_dif.details'         
4 3 'Structure model' '_struct_site.pdbx_auth_asym_id'      
5 3 'Structure model' '_struct_site.pdbx_auth_comp_id'      
6 3 'Structure model' '_struct_site.pdbx_auth_seq_id'       
# 
_pdbx_database_status.status_code                     REL 
_pdbx_database_status.entry_id                        3MGE 
_pdbx_database_status.recvd_initial_deposition_date   2010-04-05 
_pdbx_database_status.deposit_site                    RCSB 
_pdbx_database_status.process_site                    RCSB 
_pdbx_database_status.status_code_sf                  REL 
_pdbx_database_status.status_code_mr                  ? 
_pdbx_database_status.SG_entry                        ? 
_pdbx_database_status.pdb_format_compatible           Y 
_pdbx_database_status.status_code_cs                  ? 
_pdbx_database_status.status_code_nmr_data            ? 
_pdbx_database_status.methods_development_category    ? 
# 
loop_
_pdbx_database_related.db_name 
_pdbx_database_related.db_id 
_pdbx_database_related.details 
_pdbx_database_related.content_type 
PDB 3h47 . unspecified 
PDB 3h4e . unspecified 
PDB 3gv2 . unspecified 
# 
_audit_author.name           'Pornillos, O.' 
_audit_author.pdbx_ordinal   1 
# 
_citation.id                        primary 
_citation.title                     'Disulfide Bond Stabilization of the Hexameric Capsomer of Human Immunodeficiency Virus.' 
_citation.journal_abbrev            J.Mol.Biol. 
_citation.journal_volume            401 
_citation.page_first                985 
_citation.page_last                 995 
_citation.year                      2010 
_citation.journal_id_ASTM           JMOBAK 
_citation.country                   UK 
_citation.journal_id_ISSN           0022-2836 
_citation.journal_id_CSD            0070 
_citation.book_publisher            ? 
_citation.pdbx_database_id_PubMed   20600115 
_citation.pdbx_database_id_DOI      10.1016/j.jmb.2010.06.042 
# 
loop_
_citation_author.citation_id 
_citation_author.name 
_citation_author.ordinal 
_citation_author.identifier_ORCID 
primary 'Pornillos, O.'          1 ? 
primary 'Ganser-Pornillos, B.K.' 2 ? 
primary 'Banumathi, S.'          3 ? 
primary 'Hua, Y.'                4 ? 
primary 'Yeager, M.'             5 ? 
# 
loop_
_entity.id 
_entity.type 
_entity.src_method 
_entity.pdbx_description 
_entity.formula_weight 
_entity.pdbx_number_of_molecules 
_entity.pdbx_ec 
_entity.pdbx_mutation 
_entity.pdbx_fragment 
_entity.details 
1 polymer     man 'Capsid protein p24' 25489.283 1   ? 'A42C, T54C, W184A, M185A' 'UNP residues 133-363' ? 
2 non-polymer syn 1,2-ETHANEDIOL       62.068    1   ? ?                          ?                      ? 
3 water       nat water                18.015    141 ? ?                          ?                      ? 
# 
_entity_name_com.entity_id   1 
_entity_name_com.name        CA 
# 
_entity_poly.entity_id                      1 
_entity_poly.type                           'polypeptide(L)' 
_entity_poly.nstd_linkage                   no 
_entity_poly.nstd_monomer                   no 
_entity_poly.pdbx_seq_one_letter_code       
;PIVQNLQGQMVHQAISPRTLNAWVKVVEEKAFSPEVIPMFSCLSEGATPQDLNCMLNTVGGHQAAMQMLKETINEEAAEW
DRLHPVHAGPIAPGQMREPRGSDIAGTTSTLQEQIGWMTHNPPIPVGEIYKRWIILGLNKIVRMYSPTSILDIRQGPKEP
FRDYVDRFYKTLRAEQASQEVKNAATETLLVQNANPDCKTILKALGPGATLEEMMTACQGVGGPGHKARVL
;
_entity_poly.pdbx_seq_one_letter_code_can   
;PIVQNLQGQMVHQAISPRTLNAWVKVVEEKAFSPEVIPMFSCLSEGATPQDLNCMLNTVGGHQAAMQMLKETINEEAAEW
DRLHPVHAGPIAPGQMREPRGSDIAGTTSTLQEQIGWMTHNPPIPVGEIYKRWIILGLNKIVRMYSPTSILDIRQGPKEP
FRDYVDRFYKTLRAEQASQEVKNAATETLLVQNANPDCKTILKALGPGATLEEMMTACQGVGGPGHKARVL
;
_entity_poly.pdbx_strand_id                 A 
_entity_poly.pdbx_target_identifier         ? 
# 
loop_
_pdbx_entity_nonpoly.entity_id 
_pdbx_entity_nonpoly.name 
_pdbx_entity_nonpoly.comp_id 
2 1,2-ETHANEDIOL EDO 
3 water          HOH 
# 
loop_
_entity_poly_seq.entity_id 
_entity_poly_seq.num 
_entity_poly_seq.mon_id 
_entity_poly_seq.hetero 
1 1   PRO n 
1 2   ILE n 
1 3   VAL n 
1 4   GLN n 
1 5   ASN n 
1 6   LEU n 
1 7   GLN n 
1 8   GLY n 
1 9   GLN n 
1 10  MET n 
1 11  VAL n 
1 12  HIS n 
1 13  GLN n 
1 14  ALA n 
1 15  ILE n 
1 16  SER n 
1 17  PRO n 
1 18  ARG n 
1 19  THR n 
1 20  LEU n 
1 21  ASN n 
1 22  ALA n 
1 23  TRP n 
1 24  VAL n 
1 25  LYS n 
1 26  VAL n 
1 27  VAL n 
1 28  GLU n 
1 29  GLU n 
1 30  LYS n 
1 31  ALA n 
1 32  PHE n 
1 33  SER n 
1 34  PRO n 
1 35  GLU n 
1 36  VAL n 
1 37  ILE n 
1 38  PRO n 
1 39  MET n 
1 40  PHE n 
1 41  SER n 
1 42  CYS n 
1 43  LEU n 
1 44  SER n 
1 45  GLU n 
1 46  GLY n 
1 47  ALA n 
1 48  THR n 
1 49  PRO n 
1 50  GLN n 
1 51  ASP n 
1 52  LEU n 
1 53  ASN n 
1 54  CYS n 
1 55  MET n 
1 56  LEU n 
1 57  ASN n 
1 58  THR n 
1 59  VAL n 
1 60  GLY n 
1 61  GLY n 
1 62  HIS n 
1 63  GLN n 
1 64  ALA n 
1 65  ALA n 
1 66  MET n 
1 67  GLN n 
1 68  MET n 
1 69  LEU n 
1 70  LYS n 
1 71  GLU n 
1 72  THR n 
1 73  ILE n 
1 74  ASN n 
1 75  GLU n 
1 76  GLU n 
1 77  ALA n 
1 78  ALA n 
1 79  GLU n 
1 80  TRP n 
1 81  ASP n 
1 82  ARG n 
1 83  LEU n 
1 84  HIS n 
1 85  PRO n 
1 86  VAL n 
1 87  HIS n 
1 88  ALA n 
1 89  GLY n 
1 90  PRO n 
1 91  ILE n 
1 92  ALA n 
1 93  PRO n 
1 94  GLY n 
1 95  GLN n 
1 96  MET n 
1 97  ARG n 
1 98  GLU n 
1 99  PRO n 
1 100 ARG n 
1 101 GLY n 
1 102 SER n 
1 103 ASP n 
1 104 ILE n 
1 105 ALA n 
1 106 GLY n 
1 107 THR n 
1 108 THR n 
1 109 SER n 
1 110 THR n 
1 111 LEU n 
1 112 GLN n 
1 113 GLU n 
1 114 GLN n 
1 115 ILE n 
1 116 GLY n 
1 117 TRP n 
1 118 MET n 
1 119 THR n 
1 120 HIS n 
1 121 ASN n 
1 122 PRO n 
1 123 PRO n 
1 124 ILE n 
1 125 PRO n 
1 126 VAL n 
1 127 GLY n 
1 128 GLU n 
1 129 ILE n 
1 130 TYR n 
1 131 LYS n 
1 132 ARG n 
1 133 TRP n 
1 134 ILE n 
1 135 ILE n 
1 136 LEU n 
1 137 GLY n 
1 138 LEU n 
1 139 ASN n 
1 140 LYS n 
1 141 ILE n 
1 142 VAL n 
1 143 ARG n 
1 144 MET n 
1 145 TYR n 
1 146 SER n 
1 147 PRO n 
1 148 THR n 
1 149 SER n 
1 150 ILE n 
1 151 LEU n 
1 152 ASP n 
1 153 ILE n 
1 154 ARG n 
1 155 GLN n 
1 156 GLY n 
1 157 PRO n 
1 158 LYS n 
1 159 GLU n 
1 160 PRO n 
1 161 PHE n 
1 162 ARG n 
1 163 ASP n 
1 164 TYR n 
1 165 VAL n 
1 166 ASP n 
1 167 ARG n 
1 168 PHE n 
1 169 TYR n 
1 170 LYS n 
1 171 THR n 
1 172 LEU n 
1 173 ARG n 
1 174 ALA n 
1 175 GLU n 
1 176 GLN n 
1 177 ALA n 
1 178 SER n 
1 179 GLN n 
1 180 GLU n 
1 181 VAL n 
1 182 LYS n 
1 183 ASN n 
1 184 ALA n 
1 185 ALA n 
1 186 THR n 
1 187 GLU n 
1 188 THR n 
1 189 LEU n 
1 190 LEU n 
1 191 VAL n 
1 192 GLN n 
1 193 ASN n 
1 194 ALA n 
1 195 ASN n 
1 196 PRO n 
1 197 ASP n 
1 198 CYS n 
1 199 LYS n 
1 200 THR n 
1 201 ILE n 
1 202 LEU n 
1 203 LYS n 
1 204 ALA n 
1 205 LEU n 
1 206 GLY n 
1 207 PRO n 
1 208 GLY n 
1 209 ALA n 
1 210 THR n 
1 211 LEU n 
1 212 GLU n 
1 213 GLU n 
1 214 MET n 
1 215 MET n 
1 216 THR n 
1 217 ALA n 
1 218 CYS n 
1 219 GLN n 
1 220 GLY n 
1 221 VAL n 
1 222 GLY n 
1 223 GLY n 
1 224 PRO n 
1 225 GLY n 
1 226 HIS n 
1 227 LYS n 
1 228 ALA n 
1 229 ARG n 
1 230 VAL n 
1 231 LEU n 
# 
_entity_src_gen.entity_id                          1 
_entity_src_gen.pdbx_src_id                        1 
_entity_src_gen.pdbx_alt_source_flag               sample 
_entity_src_gen.pdbx_seq_type                      ? 
_entity_src_gen.pdbx_beg_seq_num                   ? 
_entity_src_gen.pdbx_end_seq_num                   ? 
_entity_src_gen.gene_src_common_name               HIV-1 
_entity_src_gen.gene_src_genus                     ? 
_entity_src_gen.pdbx_gene_src_gene                 'CA, gag-pol' 
_entity_src_gen.gene_src_species                   ? 
_entity_src_gen.gene_src_strain                    NL4-3 
_entity_src_gen.gene_src_tissue                    ? 
_entity_src_gen.gene_src_tissue_fraction           ? 
_entity_src_gen.gene_src_details                   ? 
_entity_src_gen.pdbx_gene_src_fragment             ? 
_entity_src_gen.pdbx_gene_src_scientific_name      'Human immunodeficiency virus type 1' 
_entity_src_gen.pdbx_gene_src_ncbi_taxonomy_id     11698 
_entity_src_gen.pdbx_gene_src_variant              ? 
_entity_src_gen.pdbx_gene_src_cell_line            ? 
_entity_src_gen.pdbx_gene_src_atcc                 ? 
_entity_src_gen.pdbx_gene_src_organ                ? 
_entity_src_gen.pdbx_gene_src_organelle            ? 
_entity_src_gen.pdbx_gene_src_cell                 ? 
_entity_src_gen.pdbx_gene_src_cellular_location    ? 
_entity_src_gen.host_org_common_name               ? 
_entity_src_gen.pdbx_host_org_scientific_name      'Escherichia coli' 
_entity_src_gen.pdbx_host_org_ncbi_taxonomy_id     562 
_entity_src_gen.host_org_genus                     ? 
_entity_src_gen.pdbx_host_org_gene                 ? 
_entity_src_gen.pdbx_host_org_organ                ? 
_entity_src_gen.host_org_species                   ? 
_entity_src_gen.pdbx_host_org_tissue               ? 
_entity_src_gen.pdbx_host_org_tissue_fraction      ? 
_entity_src_gen.pdbx_host_org_strain               'BL21(DE3)' 
_entity_src_gen.pdbx_host_org_variant              ? 
_entity_src_gen.pdbx_host_org_cell_line            ? 
_entity_src_gen.pdbx_host_org_atcc                 ? 
_entity_src_gen.pdbx_host_org_culture_collection   ? 
_entity_src_gen.pdbx_host_org_cell                 ? 
_entity_src_gen.pdbx_host_org_organelle            ? 
_entity_src_gen.pdbx_host_org_cellular_location    ? 
_entity_src_gen.pdbx_host_org_vector_type          plasmid 
_entity_src_gen.pdbx_host_org_vector               ? 
_entity_src_gen.host_org_details                   ? 
_entity_src_gen.expression_system_id               ? 
_entity_src_gen.plasmid_name                       pET-11a 
_entity_src_gen.plasmid_details                    ? 
_entity_src_gen.pdbx_description                   ? 
# 
loop_
_chem_comp.id 
_chem_comp.type 
_chem_comp.mon_nstd_flag 
_chem_comp.name 
_chem_comp.pdbx_synonyms 
_chem_comp.formula 
_chem_comp.formula_weight 
ALA 'L-peptide linking' y ALANINE         ?                 'C3 H7 N O2'     89.093  
ARG 'L-peptide linking' y ARGININE        ?                 'C6 H15 N4 O2 1' 175.209 
ASN 'L-peptide linking' y ASPARAGINE      ?                 'C4 H8 N2 O3'    132.118 
ASP 'L-peptide linking' y 'ASPARTIC ACID' ?                 'C4 H7 N O4'     133.103 
CYS 'L-peptide linking' y CYSTEINE        ?                 'C3 H7 N O2 S'   121.158 
EDO non-polymer         . 1,2-ETHANEDIOL  'ETHYLENE GLYCOL' 'C2 H6 O2'       62.068  
GLN 'L-peptide linking' y GLUTAMINE       ?                 'C5 H10 N2 O3'   146.144 
GLU 'L-peptide linking' y 'GLUTAMIC ACID' ?                 'C5 H9 N O4'     147.129 
GLY 'peptide linking'   y GLYCINE         ?                 'C2 H5 N O2'     75.067  
HIS 'L-peptide linking' y HISTIDINE       ?                 'C6 H10 N3 O2 1' 156.162 
HOH non-polymer         . WATER           ?                 'H2 O'           18.015  
ILE 'L-peptide linking' y ISOLEUCINE      ?                 'C6 H13 N O2'    131.173 
LEU 'L-peptide linking' y LEUCINE         ?                 'C6 H13 N O2'    131.173 
LYS 'L-peptide linking' y LYSINE          ?                 'C6 H15 N2 O2 1' 147.195 
MET 'L-peptide linking' y METHIONINE      ?                 'C5 H11 N O2 S'  149.211 
PHE 'L-peptide linking' y PHENYLALANINE   ?                 'C9 H11 N O2'    165.189 
PRO 'L-peptide linking' y PROLINE         ?                 'C5 H9 N O2'     115.130 
SER 'L-peptide linking' y SERINE          ?                 'C3 H7 N O3'     105.093 
THR 'L-peptide linking' y THREONINE       ?                 'C4 H9 N O3'     119.119 
TRP 'L-peptide linking' y TRYPTOPHAN      ?                 'C11 H12 N2 O2'  204.225 
TYR 'L-peptide linking' y TYROSINE        ?                 'C9 H11 N O3'    181.189 
VAL 'L-peptide linking' y VALINE          ?                 'C5 H11 N O2'    117.146 
# 
loop_
_pdbx_poly_seq_scheme.asym_id 
_pdbx_poly_seq_scheme.entity_id 
_pdbx_poly_seq_scheme.seq_id 
_pdbx_poly_seq_scheme.mon_id 
_pdbx_poly_seq_scheme.ndb_seq_num 
_pdbx_poly_seq_scheme.pdb_seq_num 
_pdbx_poly_seq_scheme.auth_seq_num 
_pdbx_poly_seq_scheme.pdb_mon_id 
_pdbx_poly_seq_scheme.auth_mon_id 
_pdbx_poly_seq_scheme.pdb_strand_id 
_pdbx_poly_seq_scheme.pdb_ins_code 
_pdbx_poly_seq_scheme.hetero 
A 1 1   PRO 1   1   1   PRO PRO A . n 
A 1 2   ILE 2   2   2   ILE ILE A . n 
A 1 3   VAL 3   3   3   VAL VAL A . n 
A 1 4   GLN 4   4   ?   ?   ?   A . n 
A 1 5   ASN 5   5   ?   ?   ?   A . n 
A 1 6   LEU 6   6   ?   ?   ?   A . n 
A 1 7   GLN 7   7   ?   ?   ?   A . n 
A 1 8   GLY 8   8   ?   ?   ?   A . n 
A 1 9   GLN 9   9   ?   ?   ?   A . n 
A 1 10  MET 10  10  10  MET MET A . n 
A 1 11  VAL 11  11  11  VAL VAL A . n 
A 1 12  HIS 12  12  12  HIS HIS A . n 
A 1 13  GLN 13  13  13  GLN GLN A . n 
A 1 14  ALA 14  14  14  ALA ALA A . n 
A 1 15  ILE 15  15  15  ILE ILE A . n 
A 1 16  SER 16  16  16  SER SER A . n 
A 1 17  PRO 17  17  17  PRO PRO A . n 
A 1 18  ARG 18  18  18  ARG ARG A . n 
A 1 19  THR 19  19  19  THR THR A . n 
A 1 20  LEU 20  20  20  LEU LEU A . n 
A 1 21  ASN 21  21  21  ASN ASN A . n 
A 1 22  ALA 22  22  22  ALA ALA A . n 
A 1 23  TRP 23  23  23  TRP TRP A . n 
A 1 24  VAL 24  24  24  VAL VAL A . n 
A 1 25  LYS 25  25  25  LYS LYS A . n 
A 1 26  VAL 26  26  26  VAL VAL A . n 
A 1 27  VAL 27  27  27  VAL VAL A . n 
A 1 28  GLU 28  28  28  GLU GLU A . n 
A 1 29  GLU 29  29  29  GLU GLU A . n 
A 1 30  LYS 30  30  30  LYS LYS A . n 
A 1 31  ALA 31  31  31  ALA ALA A . n 
A 1 32  PHE 32  32  32  PHE PHE A . n 
A 1 33  SER 33  33  33  SER SER A . n 
A 1 34  PRO 34  34  34  PRO PRO A . n 
A 1 35  GLU 35  35  35  GLU GLU A . n 
A 1 36  VAL 36  36  36  VAL VAL A . n 
A 1 37  ILE 37  37  37  ILE ILE A . n 
A 1 38  PRO 38  38  38  PRO PRO A . n 
A 1 39  MET 39  39  39  MET MET A . n 
A 1 40  PHE 40  40  40  PHE PHE A . n 
A 1 41  SER 41  41  41  SER SER A . n 
A 1 42  CYS 42  42  42  CYS CYS A . n 
A 1 43  LEU 43  43  43  LEU LEU A . n 
A 1 44  SER 44  44  44  SER SER A . n 
A 1 45  GLU 45  45  45  GLU GLU A . n 
A 1 46  GLY 46  46  46  GLY GLY A . n 
A 1 47  ALA 47  47  47  ALA ALA A . n 
A 1 48  THR 48  48  48  THR THR A . n 
A 1 49  PRO 49  49  49  PRO PRO A . n 
A 1 50  GLN 50  50  50  GLN GLN A . n 
A 1 51  ASP 51  51  51  ASP ASP A . n 
A 1 52  LEU 52  52  52  LEU LEU A . n 
A 1 53  ASN 53  53  53  ASN ASN A . n 
A 1 54  CYS 54  54  54  CYS CYS A . n 
A 1 55  MET 55  55  55  MET MET A . n 
A 1 56  LEU 56  56  56  LEU LEU A . n 
A 1 57  ASN 57  57  57  ASN ASN A . n 
A 1 58  THR 58  58  58  THR THR A . n 
A 1 59  VAL 59  59  59  VAL VAL A . n 
A 1 60  GLY 60  60  60  GLY GLY A . n 
A 1 61  GLY 61  61  61  GLY GLY A . n 
A 1 62  HIS 62  62  62  HIS HIS A . n 
A 1 63  GLN 63  63  63  GLN GLN A . n 
A 1 64  ALA 64  64  64  ALA ALA A . n 
A 1 65  ALA 65  65  65  ALA ALA A . n 
A 1 66  MET 66  66  66  MET MET A . n 
A 1 67  GLN 67  67  67  GLN GLN A . n 
A 1 68  MET 68  68  68  MET MET A . n 
A 1 69  LEU 69  69  69  LEU LEU A . n 
A 1 70  LYS 70  70  70  LYS LYS A . n 
A 1 71  GLU 71  71  71  GLU GLU A . n 
A 1 72  THR 72  72  72  THR THR A . n 
A 1 73  ILE 73  73  73  ILE ILE A . n 
A 1 74  ASN 74  74  74  ASN ASN A . n 
A 1 75  GLU 75  75  75  GLU GLU A . n 
A 1 76  GLU 76  76  76  GLU GLU A . n 
A 1 77  ALA 77  77  77  ALA ALA A . n 
A 1 78  ALA 78  78  78  ALA ALA A . n 
A 1 79  GLU 79  79  79  GLU GLU A . n 
A 1 80  TRP 80  80  80  TRP TRP A . n 
A 1 81  ASP 81  81  81  ASP ASP A . n 
A 1 82  ARG 82  82  82  ARG ARG A . n 
A 1 83  LEU 83  83  83  LEU LEU A . n 
A 1 84  HIS 84  84  84  HIS HIS A . n 
A 1 85  PRO 85  85  85  PRO PRO A . n 
A 1 86  VAL 86  86  86  VAL VAL A . n 
A 1 87  HIS 87  87  87  HIS HIS A . n 
A 1 88  ALA 88  88  88  ALA ALA A . n 
A 1 89  GLY 89  89  89  GLY GLY A . n 
A 1 90  PRO 90  90  90  PRO PRO A . n 
A 1 91  ILE 91  91  91  ILE ILE A . n 
A 1 92  ALA 92  92  92  ALA ALA A . n 
A 1 93  PRO 93  93  93  PRO PRO A . n 
A 1 94  GLY 94  94  94  GLY GLY A . n 
A 1 95  GLN 95  95  95  GLN GLN A . n 
A 1 96  MET 96  96  96  MET MET A . n 
A 1 97  ARG 97  97  97  ARG ARG A . n 
A 1 98  GLU 98  98  98  GLU GLU A . n 
A 1 99  PRO 99  99  99  PRO PRO A . n 
A 1 100 ARG 100 100 100 ARG ARG A . n 
A 1 101 GLY 101 101 101 GLY GLY A . n 
A 1 102 SER 102 102 102 SER SER A . n 
A 1 103 ASP 103 103 103 ASP ASP A . n 
A 1 104 ILE 104 104 104 ILE ILE A . n 
A 1 105 ALA 105 105 105 ALA ALA A . n 
A 1 106 GLY 106 106 106 GLY GLY A . n 
A 1 107 THR 107 107 107 THR THR A . n 
A 1 108 THR 108 108 108 THR THR A . n 
A 1 109 SER 109 109 109 SER SER A . n 
A 1 110 THR 110 110 110 THR THR A . n 
A 1 111 LEU 111 111 111 LEU LEU A . n 
A 1 112 GLN 112 112 112 GLN GLN A . n 
A 1 113 GLU 113 113 113 GLU GLU A . n 
A 1 114 GLN 114 114 114 GLN GLN A . n 
A 1 115 ILE 115 115 115 ILE ILE A . n 
A 1 116 GLY 116 116 116 GLY GLY A . n 
A 1 117 TRP 117 117 117 TRP TRP A . n 
A 1 118 MET 118 118 118 MET MET A . n 
A 1 119 THR 119 119 119 THR THR A . n 
A 1 120 HIS 120 120 120 HIS HIS A . n 
A 1 121 ASN 121 121 121 ASN ASN A . n 
A 1 122 PRO 122 122 122 PRO PRO A . n 
A 1 123 PRO 123 123 123 PRO PRO A . n 
A 1 124 ILE 124 124 124 ILE ILE A . n 
A 1 125 PRO 125 125 125 PRO PRO A . n 
A 1 126 VAL 126 126 126 VAL VAL A . n 
A 1 127 GLY 127 127 127 GLY GLY A . n 
A 1 128 GLU 128 128 128 GLU GLU A . n 
A 1 129 ILE 129 129 129 ILE ILE A . n 
A 1 130 TYR 130 130 130 TYR TYR A . n 
A 1 131 LYS 131 131 131 LYS LYS A . n 
A 1 132 ARG 132 132 132 ARG ARG A . n 
A 1 133 TRP 133 133 133 TRP TRP A . n 
A 1 134 ILE 134 134 134 ILE ILE A . n 
A 1 135 ILE 135 135 135 ILE ILE A . n 
A 1 136 LEU 136 136 136 LEU LEU A . n 
A 1 137 GLY 137 137 137 GLY GLY A . n 
A 1 138 LEU 138 138 138 LEU LEU A . n 
A 1 139 ASN 139 139 139 ASN ASN A . n 
A 1 140 LYS 140 140 140 LYS LYS A . n 
A 1 141 ILE 141 141 141 ILE ILE A . n 
A 1 142 VAL 142 142 142 VAL VAL A . n 
A 1 143 ARG 143 143 143 ARG ARG A . n 
A 1 144 MET 144 144 144 MET MET A . n 
A 1 145 TYR 145 145 145 TYR TYR A . n 
A 1 146 SER 146 146 146 SER SER A . n 
A 1 147 PRO 147 147 147 PRO PRO A . n 
A 1 148 THR 148 148 148 THR THR A . n 
A 1 149 SER 149 149 149 SER SER A . n 
A 1 150 ILE 150 150 150 ILE ILE A . n 
A 1 151 LEU 151 151 151 LEU LEU A . n 
A 1 152 ASP 152 152 152 ASP ASP A . n 
A 1 153 ILE 153 153 153 ILE ILE A . n 
A 1 154 ARG 154 154 154 ARG ARG A . n 
A 1 155 GLN 155 155 155 GLN GLN A . n 
A 1 156 GLY 156 156 156 GLY GLY A . n 
A 1 157 PRO 157 157 157 PRO PRO A . n 
A 1 158 LYS 158 158 158 LYS LYS A . n 
A 1 159 GLU 159 159 159 GLU GLU A . n 
A 1 160 PRO 160 160 160 PRO PRO A . n 
A 1 161 PHE 161 161 161 PHE PHE A . n 
A 1 162 ARG 162 162 162 ARG ARG A . n 
A 1 163 ASP 163 163 163 ASP ASP A . n 
A 1 164 TYR 164 164 164 TYR TYR A . n 
A 1 165 VAL 165 165 165 VAL VAL A . n 
A 1 166 ASP 166 166 166 ASP ASP A . n 
A 1 167 ARG 167 167 167 ARG ARG A . n 
A 1 168 PHE 168 168 168 PHE PHE A . n 
A 1 169 TYR 169 169 169 TYR TYR A . n 
A 1 170 LYS 170 170 170 LYS LYS A . n 
A 1 171 THR 171 171 171 THR THR A . n 
A 1 172 LEU 172 172 172 LEU LEU A . n 
A 1 173 ARG 173 173 173 ARG ARG A . n 
A 1 174 ALA 174 174 174 ALA ALA A . n 
A 1 175 GLU 175 175 175 GLU GLU A . n 
A 1 176 GLN 176 176 176 GLN GLN A . n 
A 1 177 ALA 177 177 ?   ?   ?   A . n 
A 1 178 SER 178 178 ?   ?   ?   A . n 
A 1 179 GLN 179 179 ?   ?   ?   A . n 
A 1 180 GLU 180 180 ?   ?   ?   A . n 
A 1 181 VAL 181 181 ?   ?   ?   A . n 
A 1 182 LYS 182 182 ?   ?   ?   A . n 
A 1 183 ASN 183 183 ?   ?   ?   A . n 
A 1 184 ALA 184 184 ?   ?   ?   A . n 
A 1 185 ALA 185 185 ?   ?   ?   A . n 
A 1 186 THR 186 186 186 THR THR A . n 
A 1 187 GLU 187 187 187 GLU GLU A . n 
A 1 188 THR 188 188 188 THR THR A . n 
A 1 189 LEU 189 189 189 LEU LEU A . n 
A 1 190 LEU 190 190 190 LEU LEU A . n 
A 1 191 VAL 191 191 191 VAL VAL A . n 
A 1 192 GLN 192 192 192 GLN GLN A . n 
A 1 193 ASN 193 193 193 ASN ASN A . n 
A 1 194 ALA 194 194 194 ALA ALA A . n 
A 1 195 ASN 195 195 195 ASN ASN A . n 
A 1 196 PRO 196 196 196 PRO PRO A . n 
A 1 197 ASP 197 197 197 ASP ASP A . n 
A 1 198 CYS 198 198 198 CYS CYS A . n 
A 1 199 LYS 199 199 199 LYS LYS A . n 
A 1 200 THR 200 200 200 THR THR A . n 
A 1 201 ILE 201 201 201 ILE ILE A . n 
A 1 202 LEU 202 202 202 LEU LEU A . n 
A 1 203 LYS 203 203 203 LYS LYS A . n 
A 1 204 ALA 204 204 204 ALA ALA A . n 
A 1 205 LEU 205 205 205 LEU LEU A . n 
A 1 206 GLY 206 206 206 GLY GLY A . n 
A 1 207 PRO 207 207 207 PRO PRO A . n 
A 1 208 GLY 208 208 208 GLY GLY A . n 
A 1 209 ALA 209 209 209 ALA ALA A . n 
A 1 210 THR 210 210 210 THR THR A . n 
A 1 211 LEU 211 211 211 LEU LEU A . n 
A 1 212 GLU 212 212 212 GLU GLU A . n 
A 1 213 GLU 213 213 213 GLU GLU A . n 
A 1 214 MET 214 214 214 MET MET A . n 
A 1 215 MET 215 215 215 MET MET A . n 
A 1 216 THR 216 216 216 THR THR A . n 
A 1 217 ALA 217 217 217 ALA ALA A . n 
A 1 218 CYS 218 218 218 CYS CYS A . n 
A 1 219 GLN 219 219 219 GLN GLN A . n 
A 1 220 GLY 220 220 ?   ?   ?   A . n 
A 1 221 VAL 221 221 ?   ?   ?   A . n 
A 1 222 GLY 222 222 ?   ?   ?   A . n 
A 1 223 GLY 223 223 ?   ?   ?   A . n 
A 1 224 PRO 224 224 ?   ?   ?   A . n 
A 1 225 GLY 225 225 ?   ?   ?   A . n 
A 1 226 HIS 226 226 ?   ?   ?   A . n 
A 1 227 LYS 227 227 ?   ?   ?   A . n 
A 1 228 ALA 228 228 ?   ?   ?   A . n 
A 1 229 ARG 229 229 ?   ?   ?   A . n 
A 1 230 VAL 230 230 ?   ?   ?   A . n 
A 1 231 LEU 231 231 ?   ?   ?   A . n 
# 
loop_
_pdbx_nonpoly_scheme.asym_id 
_pdbx_nonpoly_scheme.entity_id 
_pdbx_nonpoly_scheme.mon_id 
_pdbx_nonpoly_scheme.ndb_seq_num 
_pdbx_nonpoly_scheme.pdb_seq_num 
_pdbx_nonpoly_scheme.auth_seq_num 
_pdbx_nonpoly_scheme.pdb_mon_id 
_pdbx_nonpoly_scheme.auth_mon_id 
_pdbx_nonpoly_scheme.pdb_strand_id 
_pdbx_nonpoly_scheme.pdb_ins_code 
B 2 EDO 1   232 1   EDO EDO A . 
C 3 HOH 1   233 1   HOH HOH A . 
C 3 HOH 2   234 2   HOH HOH A . 
C 3 HOH 3   235 3   HOH HOH A . 
C 3 HOH 4   236 4   HOH HOH A . 
C 3 HOH 5   237 5   HOH HOH A . 
C 3 HOH 6   238 6   HOH HOH A . 
C 3 HOH 7   239 7   HOH HOH A . 
C 3 HOH 8   240 8   HOH HOH A . 
C 3 HOH 9   241 9   HOH HOH A . 
C 3 HOH 10  242 10  HOH HOH A . 
C 3 HOH 11  243 11  HOH HOH A . 
C 3 HOH 12  244 12  HOH HOH A . 
C 3 HOH 13  245 13  HOH HOH A . 
C 3 HOH 14  246 14  HOH HOH A . 
C 3 HOH 15  247 15  HOH HOH A . 
C 3 HOH 16  248 16  HOH HOH A . 
C 3 HOH 17  249 17  HOH HOH A . 
C 3 HOH 18  250 18  HOH HOH A . 
C 3 HOH 19  251 19  HOH HOH A . 
C 3 HOH 20  252 20  HOH HOH A . 
C 3 HOH 21  253 21  HOH HOH A . 
C 3 HOH 22  254 22  HOH HOH A . 
C 3 HOH 23  255 23  HOH HOH A . 
C 3 HOH 24  256 24  HOH HOH A . 
C 3 HOH 25  257 25  HOH HOH A . 
C 3 HOH 26  258 26  HOH HOH A . 
C 3 HOH 27  259 27  HOH HOH A . 
C 3 HOH 28  260 28  HOH HOH A . 
C 3 HOH 29  261 29  HOH HOH A . 
C 3 HOH 30  262 30  HOH HOH A . 
C 3 HOH 31  263 31  HOH HOH A . 
C 3 HOH 32  264 32  HOH HOH A . 
C 3 HOH 33  265 33  HOH HOH A . 
C 3 HOH 34  266 34  HOH HOH A . 
C 3 HOH 35  267 35  HOH HOH A . 
C 3 HOH 36  268 36  HOH HOH A . 
C 3 HOH 37  269 37  HOH HOH A . 
C 3 HOH 38  270 38  HOH HOH A . 
C 3 HOH 39  271 39  HOH HOH A . 
C 3 HOH 40  272 40  HOH HOH A . 
C 3 HOH 41  273 41  HOH HOH A . 
C 3 HOH 42  274 42  HOH HOH A . 
C 3 HOH 43  275 43  HOH HOH A . 
C 3 HOH 44  276 45  HOH HOH A . 
C 3 HOH 45  277 46  HOH HOH A . 
C 3 HOH 46  278 47  HOH HOH A . 
C 3 HOH 47  279 48  HOH HOH A . 
C 3 HOH 48  280 49  HOH HOH A . 
C 3 HOH 49  281 50  HOH HOH A . 
C 3 HOH 50  282 51  HOH HOH A . 
C 3 HOH 51  283 52  HOH HOH A . 
C 3 HOH 52  284 53  HOH HOH A . 
C 3 HOH 53  285 54  HOH HOH A . 
C 3 HOH 54  286 55  HOH HOH A . 
C 3 HOH 55  287 56  HOH HOH A . 
C 3 HOH 56  288 57  HOH HOH A . 
C 3 HOH 57  289 58  HOH HOH A . 
C 3 HOH 58  290 59  HOH HOH A . 
C 3 HOH 59  291 62  HOH HOH A . 
C 3 HOH 60  292 63  HOH HOH A . 
C 3 HOH 61  293 64  HOH HOH A . 
C 3 HOH 62  294 65  HOH HOH A . 
C 3 HOH 63  295 66  HOH HOH A . 
C 3 HOH 64  296 68  HOH HOH A . 
C 3 HOH 65  297 69  HOH HOH A . 
C 3 HOH 66  298 70  HOH HOH A . 
C 3 HOH 67  299 71  HOH HOH A . 
C 3 HOH 68  300 72  HOH HOH A . 
C 3 HOH 69  301 73  HOH HOH A . 
C 3 HOH 70  302 74  HOH HOH A . 
C 3 HOH 71  303 76  HOH HOH A . 
C 3 HOH 72  304 77  HOH HOH A . 
C 3 HOH 73  305 78  HOH HOH A . 
C 3 HOH 74  306 79  HOH HOH A . 
C 3 HOH 75  307 80  HOH HOH A . 
C 3 HOH 76  308 81  HOH HOH A . 
C 3 HOH 77  309 82  HOH HOH A . 
C 3 HOH 78  310 83  HOH HOH A . 
C 3 HOH 79  311 84  HOH HOH A . 
C 3 HOH 80  312 85  HOH HOH A . 
C 3 HOH 81  313 86  HOH HOH A . 
C 3 HOH 82  314 87  HOH HOH A . 
C 3 HOH 83  315 88  HOH HOH A . 
C 3 HOH 84  316 89  HOH HOH A . 
C 3 HOH 85  317 90  HOH HOH A . 
C 3 HOH 86  318 91  HOH HOH A . 
C 3 HOH 87  319 92  HOH HOH A . 
C 3 HOH 88  320 94  HOH HOH A . 
C 3 HOH 89  321 95  HOH HOH A . 
C 3 HOH 90  322 97  HOH HOH A . 
C 3 HOH 91  323 98  HOH HOH A . 
C 3 HOH 92  324 100 HOH HOH A . 
C 3 HOH 93  325 101 HOH HOH A . 
C 3 HOH 94  326 102 HOH HOH A . 
C 3 HOH 95  327 103 HOH HOH A . 
C 3 HOH 96  328 104 HOH HOH A . 
C 3 HOH 97  329 105 HOH HOH A . 
C 3 HOH 98  330 106 HOH HOH A . 
C 3 HOH 99  331 107 HOH HOH A . 
C 3 HOH 100 332 108 HOH HOH A . 
C 3 HOH 101 333 111 HOH HOH A . 
C 3 HOH 102 334 112 HOH HOH A . 
C 3 HOH 103 335 113 HOH HOH A . 
C 3 HOH 104 336 114 HOH HOH A . 
C 3 HOH 105 337 116 HOH HOH A . 
C 3 HOH 106 338 117 HOH HOH A . 
C 3 HOH 107 339 118 HOH HOH A . 
C 3 HOH 108 340 119 HOH HOH A . 
C 3 HOH 109 341 120 HOH HOH A . 
C 3 HOH 110 342 121 HOH HOH A . 
C 3 HOH 111 343 123 HOH HOH A . 
C 3 HOH 112 344 124 HOH HOH A . 
C 3 HOH 113 345 125 HOH HOH A . 
C 3 HOH 114 346 126 HOH HOH A . 
C 3 HOH 115 347 127 HOH HOH A . 
C 3 HOH 116 348 128 HOH HOH A . 
C 3 HOH 117 349 130 HOH HOH A . 
C 3 HOH 118 350 131 HOH HOH A . 
C 3 HOH 119 351 132 HOH HOH A . 
C 3 HOH 120 352 136 HOH HOH A . 
C 3 HOH 121 353 137 HOH HOH A . 
C 3 HOH 122 354 138 HOH HOH A . 
C 3 HOH 123 355 139 HOH HOH A . 
C 3 HOH 124 356 140 HOH HOH A . 
C 3 HOH 125 357 141 HOH HOH A . 
C 3 HOH 126 358 143 HOH HOH A . 
C 3 HOH 127 359 144 HOH HOH A . 
C 3 HOH 128 360 145 HOH HOH A . 
C 3 HOH 129 361 146 HOH HOH A . 
C 3 HOH 130 362 147 HOH HOH A . 
C 3 HOH 131 363 148 HOH HOH A . 
C 3 HOH 132 364 150 HOH HOH A . 
C 3 HOH 133 365 151 HOH HOH A . 
C 3 HOH 134 366 152 HOH HOH A . 
C 3 HOH 135 367 159 HOH HOH A . 
C 3 HOH 136 368 160 HOH HOH A . 
C 3 HOH 137 369 162 HOH HOH A . 
C 3 HOH 138 370 163 HOH HOH A . 
C 3 HOH 139 371 164 HOH HOH A . 
C 3 HOH 140 372 165 HOH HOH A . 
C 3 HOH 141 373 166 HOH HOH A . 
# 
loop_
_pdbx_unobs_or_zero_occ_atoms.id 
_pdbx_unobs_or_zero_occ_atoms.PDB_model_num 
_pdbx_unobs_or_zero_occ_atoms.polymer_flag 
_pdbx_unobs_or_zero_occ_atoms.occupancy_flag 
_pdbx_unobs_or_zero_occ_atoms.auth_asym_id 
_pdbx_unobs_or_zero_occ_atoms.auth_comp_id 
_pdbx_unobs_or_zero_occ_atoms.auth_seq_id 
_pdbx_unobs_or_zero_occ_atoms.PDB_ins_code 
_pdbx_unobs_or_zero_occ_atoms.auth_atom_id 
_pdbx_unobs_or_zero_occ_atoms.label_alt_id 
_pdbx_unobs_or_zero_occ_atoms.label_asym_id 
_pdbx_unobs_or_zero_occ_atoms.label_comp_id 
_pdbx_unobs_or_zero_occ_atoms.label_seq_id 
_pdbx_unobs_or_zero_occ_atoms.label_atom_id 
1 1 Y 1 A THR 186 ? OG1 ? A THR 186 OG1 
2 1 Y 1 A THR 186 ? CG2 ? A THR 186 CG2 
# 
loop_
_software.name 
_software.classification 
_software.version 
_software.citation_id 
_software.pdbx_ordinal 
MOLREP   phasing          .                 ? 1 
PHENIX   refinement       '(phenix.refine)' ? 2 
HKL-2000 'data reduction' .                 ? 3 
HKL-2000 'data scaling'   .                 ? 4 
# 
_cell.entry_id           3MGE 
_cell.length_a           90.313 
_cell.length_b           90.313 
_cell.length_c           56.527 
_cell.angle_alpha        90.00 
_cell.angle_beta         90.00 
_cell.angle_gamma        120.00 
_cell.Z_PDB              6 
_cell.pdbx_unique_axis   ? 
_cell.length_a_esd       ? 
_cell.length_b_esd       ? 
_cell.length_c_esd       ? 
_cell.angle_alpha_esd    ? 
_cell.angle_beta_esd     ? 
_cell.angle_gamma_esd    ? 
# 
_symmetry.entry_id                         3MGE 
_symmetry.space_group_name_H-M             'P 6' 
_symmetry.pdbx_full_space_group_name_H-M   ? 
_symmetry.cell_setting                     ? 
_symmetry.Int_Tables_number                168 
_symmetry.space_group_name_Hall            ? 
# 
_exptl.entry_id          3MGE 
_exptl.method            'X-RAY DIFFRACTION' 
_exptl.crystals_number   1 
# 
_exptl_crystal.id                    1 
_exptl_crystal.density_meas          ? 
_exptl_crystal.density_Matthews      2.61 
_exptl_crystal.density_percent_sol   52.89 
_exptl_crystal.description           ? 
_exptl_crystal.F_000                 ? 
_exptl_crystal.preparation           ? 
# 
_exptl_crystal_grow.crystal_id      1 
_exptl_crystal_grow.method          'VAPOR DIFFUSION, SITTING DROP' 
_exptl_crystal_grow.temp            293 
_exptl_crystal_grow.temp_details    ? 
_exptl_crystal_grow.pH              8.0 
_exptl_crystal_grow.pdbx_details    
;10% PEG 8,000 
2% Tacsimate 
100 mM Tris, pH 8.0, VAPOR DIFFUSION, SITTING DROP, temperature 293K
;
_exptl_crystal_grow.pdbx_pH_range   ? 
# 
_diffrn.id                     1 
_diffrn.ambient_temp           100 
_diffrn.ambient_temp_details   ? 
_diffrn.crystal_id             1 
# 
_diffrn_detector.diffrn_id              1 
_diffrn_detector.detector               ? 
_diffrn_detector.type                   ? 
_diffrn_detector.pdbx_collection_date   2009-06-30 
_diffrn_detector.details                ? 
# 
_diffrn_radiation.diffrn_id                        1 
_diffrn_radiation.wavelength_id                    1 
_diffrn_radiation.pdbx_monochromatic_or_laue_m_l   M 
_diffrn_radiation.monochromator                    ? 
_diffrn_radiation.pdbx_diffrn_protocol             'SINGLE WAVELENGTH' 
_diffrn_radiation.pdbx_scattering_type             x-ray 
# 
_diffrn_radiation_wavelength.id           1 
_diffrn_radiation_wavelength.wavelength   . 
_diffrn_radiation_wavelength.wt           1.0 
# 
_diffrn_source.diffrn_id                   1 
_diffrn_source.source                      SYNCHROTRON 
_diffrn_source.type                        'ALS BEAMLINE 5.0.1' 
_diffrn_source.pdbx_synchrotron_site       ALS 
_diffrn_source.pdbx_synchrotron_beamline   5.0.1 
_diffrn_source.pdbx_wavelength             ? 
_diffrn_source.pdbx_wavelength_list        ? 
# 
_reflns.entry_id                     3MGE 
_reflns.observed_criterion_sigma_I   2 
_reflns.observed_criterion_sigma_F   ? 
_reflns.d_resolution_low             50 
_reflns.d_resolution_high            1.9 
_reflns.number_obs                   20864 
_reflns.number_all                   ? 
_reflns.percent_possible_obs         99.9 
_reflns.pdbx_Rmerge_I_obs            ? 
_reflns.pdbx_Rsym_value              0.075 
_reflns.pdbx_netI_over_sigmaI        ? 
_reflns.B_iso_Wilson_estimate        ? 
_reflns.pdbx_redundancy              ? 
_reflns.R_free_details               ? 
_reflns.limit_h_max                  ? 
_reflns.limit_h_min                  ? 
_reflns.limit_k_max                  ? 
_reflns.limit_k_min                  ? 
_reflns.limit_l_max                  ? 
_reflns.limit_l_min                  ? 
_reflns.observed_criterion_F_max     ? 
_reflns.observed_criterion_F_min     ? 
_reflns.pdbx_chi_squared             ? 
_reflns.pdbx_scaling_rejects         ? 
_reflns.pdbx_diffrn_id               1 
_reflns.pdbx_ordinal                 1 
# 
_reflns_shell.d_res_high             1.90 
_reflns_shell.d_res_low              1.97 
_reflns_shell.percent_possible_all   100 
_reflns_shell.Rmerge_I_obs           ? 
_reflns_shell.pdbx_Rsym_value        0.533 
_reflns_shell.meanI_over_sigI_obs    3.6 
_reflns_shell.pdbx_redundancy        11.2 
_reflns_shell.percent_possible_obs   ? 
_reflns_shell.number_unique_all      2082 
_reflns_shell.number_measured_all    ? 
_reflns_shell.number_measured_obs    ? 
_reflns_shell.number_unique_obs      ? 
_reflns_shell.pdbx_chi_squared       ? 
_reflns_shell.pdbx_diffrn_id         ? 
_reflns_shell.pdbx_ordinal           1 
# 
_refine.entry_id                                 3MGE 
_refine.ls_number_reflns_obs                     20802 
_refine.ls_number_reflns_all                     ? 
_refine.pdbx_ls_sigma_I                          ? 
_refine.pdbx_ls_sigma_F                          1.34 
_refine.pdbx_data_cutoff_high_absF               ? 
_refine.pdbx_data_cutoff_low_absF                ? 
_refine.pdbx_data_cutoff_high_rms_absF           ? 
_refine.ls_d_res_low                             35.281 
_refine.ls_d_res_high                            1.9 
_refine.ls_percent_reflns_obs                    99.61 
_refine.ls_R_factor_obs                          0.2311 
_refine.ls_R_factor_all                          ? 
_refine.ls_R_factor_R_work                       0.2298 
_refine.ls_R_factor_R_free                       0.2553 
_refine.ls_R_factor_R_free_error                 ? 
_refine.ls_R_factor_R_free_error_details         ? 
_refine.ls_percent_reflns_R_free                 4.91 
_refine.ls_number_reflns_R_free                  1022 
_refine.ls_number_parameters                     ? 
_refine.ls_number_restraints                     ? 
_refine.occupancy_min                            ? 
_refine.occupancy_max                            ? 
_refine.correlation_coeff_Fo_to_Fc               ? 
_refine.correlation_coeff_Fo_to_Fc_free          ? 
_refine.B_iso_mean                               ? 
_refine.aniso_B[1][1]                            ? 
_refine.aniso_B[2][2]                            ? 
_refine.aniso_B[3][3]                            ? 
_refine.aniso_B[1][2]                            ? 
_refine.aniso_B[1][3]                            ? 
_refine.aniso_B[2][3]                            ? 
_refine.solvent_model_details                    'FLAT BULK SOLVENT MODEL' 
_refine.solvent_model_param_ksol                 0.348 
_refine.solvent_model_param_bsol                 59.750 
_refine.pdbx_solvent_vdw_probe_radii             1.11 
_refine.pdbx_solvent_ion_probe_radii             ? 
_refine.pdbx_solvent_shrinkage_radii             0.90 
_refine.pdbx_ls_cross_valid_method               ? 
_refine.details                                  ? 
_refine.pdbx_starting_model                      'PDB entry 3h47' 
_refine.pdbx_method_to_determine_struct          'MOLECULAR REPLACEMENT' 
_refine.pdbx_isotropic_thermal_model             ? 
_refine.pdbx_stereochemistry_target_values       ML 
_refine.pdbx_stereochem_target_val_spec_case     ? 
_refine.pdbx_R_Free_selection_details            'Copied from PDB 3h47' 
_refine.pdbx_overall_ESU_R_Free                  ? 
_refine.overall_SU_ML                            0.10 
_refine.overall_SU_B                             ? 
_refine.ls_redundancy_reflns_obs                 ? 
_refine.B_iso_min                                ? 
_refine.B_iso_max                                ? 
_refine.overall_SU_R_Cruickshank_DPI             ? 
_refine.overall_SU_R_free                        ? 
_refine.ls_wR_factor_R_free                      ? 
_refine.ls_wR_factor_R_work                      ? 
_refine.overall_FOM_free_R_set                   ? 
_refine.overall_FOM_work_R_set                   ? 
_refine.pdbx_overall_phase_error                 ? 
_refine.pdbx_refine_id                           'X-RAY DIFFRACTION' 
_refine.pdbx_overall_ESU_R                       ? 
_refine.pdbx_diffrn_id                           1 
_refine.pdbx_TLS_residual_ADP_flag               ? 
_refine.pdbx_overall_SU_R_free_Cruickshank_DPI   ? 
_refine.pdbx_overall_SU_R_Blow_DPI               ? 
_refine.pdbx_overall_SU_R_free_Blow_DPI          ? 
# 
_refine_hist.pdbx_refine_id                   'X-RAY DIFFRACTION' 
_refine_hist.cycle_id                         LAST 
_refine_hist.pdbx_number_atoms_protein        1590 
_refine_hist.pdbx_number_atoms_nucleic_acid   0 
_refine_hist.pdbx_number_atoms_ligand         4 
_refine_hist.number_atoms_solvent             141 
_refine_hist.number_atoms_total               1735 
_refine_hist.d_res_high                       1.9 
_refine_hist.d_res_low                        35.281 
# 
loop_
_refine_ls_restr.type 
_refine_ls_restr.dev_ideal 
_refine_ls_restr.dev_ideal_target 
_refine_ls_restr.weight 
_refine_ls_restr.number 
_refine_ls_restr.pdbx_refine_id 
_refine_ls_restr.pdbx_restraint_function 
f_bond_d           0.006  ? ? 1643 'X-RAY DIFFRACTION' ? 
f_angle_d          0.908  ? ? 2228 'X-RAY DIFFRACTION' ? 
f_dihedral_angle_d 15.429 ? ? 627  'X-RAY DIFFRACTION' ? 
f_chiral_restr     0.061  ? ? 250  'X-RAY DIFFRACTION' ? 
f_plane_restr      0.005  ? ? 289  'X-RAY DIFFRACTION' ? 
# 
loop_
_refine_ls_shell.pdbx_total_number_of_bins_used 
_refine_ls_shell.d_res_high 
_refine_ls_shell.d_res_low 
_refine_ls_shell.number_reflns_R_work 
_refine_ls_shell.R_factor_R_work 
_refine_ls_shell.percent_reflns_obs 
_refine_ls_shell.R_factor_R_free 
_refine_ls_shell.R_factor_R_free_error 
_refine_ls_shell.percent_reflns_R_free 
_refine_ls_shell.number_reflns_R_free 
_refine_ls_shell.number_reflns_all 
_refine_ls_shell.R_factor_all 
_refine_ls_shell.number_reflns_obs 
_refine_ls_shell.redundancy_reflns_obs 
_refine_ls_shell.pdbx_refine_id 
. 1.8994 1.9995  2774 0.2362 99.00  0.2795 . . 143 . . 2774 . 'X-RAY DIFFRACTION' 
. 1.9995 2.1248  2806 0.2193 100.00 0.2665 . . 163 . . 2806 . 'X-RAY DIFFRACTION' 
. 2.1248 2.2888  2817 0.2202 100.00 0.3038 . . 129 . . 2817 . 'X-RAY DIFFRACTION' 
. 2.2888 2.5191  2805 0.2315 100.00 0.2892 . . 166 . . 2805 . 'X-RAY DIFFRACTION' 
. 2.5191 2.8834  2853 0.2351 100.00 0.2597 . . 125 . . 2853 . 'X-RAY DIFFRACTION' 
. 2.8834 3.6323  2845 0.2230 100.00 0.2230 . . 148 . . 2845 . 'X-RAY DIFFRACTION' 
. 3.6323 35.2872 2880 0.2293 99.00  0.2360 . . 148 . . 2880 . 'X-RAY DIFFRACTION' 
# 
_struct.entry_id                  3MGE 
_struct.title                     'X-ray Structure of Hexameric HIV-1 CA' 
_struct.pdbx_model_details        ? 
_struct.pdbx_CASP_flag            ? 
_struct.pdbx_model_type_details   ? 
# 
_struct_keywords.entry_id        3MGE 
_struct_keywords.pdbx_keywords   'VIRAL PROTEIN' 
_struct_keywords.text            'virus capsid, hexamer, engineered disulfide bonds, VIRAL PROTEIN' 
# 
loop_
_struct_asym.id 
_struct_asym.pdbx_blank_PDB_chainid_flag 
_struct_asym.pdbx_modified 
_struct_asym.entity_id 
_struct_asym.details 
A N N 1 ? 
B N N 2 ? 
C N N 3 ? 
# 
_struct_ref.id                         1 
_struct_ref.db_name                    UNP 
_struct_ref.db_code                    POL_HV1N5 
_struct_ref.pdbx_db_accession          P12497 
_struct_ref.entity_id                  1 
_struct_ref.pdbx_seq_one_letter_code   
;PIVQNLQGQMVHQAISPRTLNAWVKVVEEKAFSPEVIPMFSALSEGATPQDLNTMLNTVGGHQAAMQMLKETINEEAAEW
DRLHPVHAGPIAPGQMREPRGSDIAGTTSTLQEQIGWMTHNPPIPVGEIYKRWIILGLNKIVRMYSPTSILDIRQGPKEP
FRDYVDRFYKTLRAEQASQEVKNWMTETLLVQNANPDCKTILKALGPGATLEEMMTACQGVGGPGHKARVL
;
_struct_ref.pdbx_align_begin           133 
_struct_ref.pdbx_db_isoform            ? 
# 
_struct_ref_seq.align_id                      1 
_struct_ref_seq.ref_id                        1 
_struct_ref_seq.pdbx_PDB_id_code              3MGE 
_struct_ref_seq.pdbx_strand_id                A 
_struct_ref_seq.seq_align_beg                 1 
_struct_ref_seq.pdbx_seq_align_beg_ins_code   ? 
_struct_ref_seq.seq_align_end                 231 
_struct_ref_seq.pdbx_seq_align_end_ins_code   ? 
_struct_ref_seq.pdbx_db_accession             P12497 
_struct_ref_seq.db_align_beg                  133 
_struct_ref_seq.pdbx_db_align_beg_ins_code    ? 
_struct_ref_seq.db_align_end                  363 
_struct_ref_seq.pdbx_db_align_end_ins_code    ? 
_struct_ref_seq.pdbx_auth_seq_align_beg       1 
_struct_ref_seq.pdbx_auth_seq_align_end       231 
# 
loop_
_struct_ref_seq_dif.align_id 
_struct_ref_seq_dif.pdbx_pdb_id_code 
_struct_ref_seq_dif.mon_id 
_struct_ref_seq_dif.pdbx_pdb_strand_id 
_struct_ref_seq_dif.seq_num 
_struct_ref_seq_dif.pdbx_pdb_ins_code 
_struct_ref_seq_dif.pdbx_seq_db_name 
_struct_ref_seq_dif.pdbx_seq_db_accession_code 
_struct_ref_seq_dif.db_mon_id 
_struct_ref_seq_dif.pdbx_seq_db_seq_num 
_struct_ref_seq_dif.details 
_struct_ref_seq_dif.pdbx_auth_seq_num 
_struct_ref_seq_dif.pdbx_ordinal 
1 3MGE CYS A 42  ? UNP P12497 ALA 174 'engineered mutation' 42  1 
1 3MGE CYS A 54  ? UNP P12497 THR 186 'engineered mutation' 54  2 
1 3MGE ALA A 184 ? UNP P12497 TRP 316 'engineered mutation' 184 3 
1 3MGE ALA A 185 ? UNP P12497 MET 317 'engineered mutation' 185 4 
# 
_pdbx_struct_assembly.id                   1 
_pdbx_struct_assembly.details              author_and_software_defined_assembly 
_pdbx_struct_assembly.method_details       PISA 
_pdbx_struct_assembly.oligomeric_details   hexameric 
_pdbx_struct_assembly.oligomeric_count     6 
# 
loop_
_pdbx_struct_assembly_prop.biol_id 
_pdbx_struct_assembly_prop.type 
_pdbx_struct_assembly_prop.value 
_pdbx_struct_assembly_prop.details 
1 'ABSA (A^2)' 14380 ? 
1 MORE         -59   ? 
1 'SSA (A^2)'  58790 ? 
# 
_pdbx_struct_assembly_gen.assembly_id       1 
_pdbx_struct_assembly_gen.oper_expression   1,2,3,4,5,6 
_pdbx_struct_assembly_gen.asym_id_list      A,B,C 
# 
loop_
_pdbx_struct_oper_list.id 
_pdbx_struct_oper_list.type 
_pdbx_struct_oper_list.name 
_pdbx_struct_oper_list.symmetry_operation 
_pdbx_struct_oper_list.matrix[1][1] 
_pdbx_struct_oper_list.matrix[1][2] 
_pdbx_struct_oper_list.matrix[1][3] 
_pdbx_struct_oper_list.vector[1] 
_pdbx_struct_oper_list.matrix[2][1] 
_pdbx_struct_oper_list.matrix[2][2] 
_pdbx_struct_oper_list.matrix[2][3] 
_pdbx_struct_oper_list.vector[2] 
_pdbx_struct_oper_list.matrix[3][1] 
_pdbx_struct_oper_list.matrix[3][2] 
_pdbx_struct_oper_list.matrix[3][3] 
_pdbx_struct_oper_list.vector[3] 
1 'identity operation'         1_555 x,y,z     1.0000000000  0.0000000000 0.0000000000  0.0000000000  0.0000000000 1.0000000000 0.0000000000  0.0000000000   0.0000000000  0.0000000000  1.0000000000  0.0000000000   
2 'crystal symmetry operation' 2_555 -y,x-y,z  0.1590771304  0.5708381747 0.8055049627  34.9904191749 0.8762270983 0.2942916723 -0.3815999003 -31.0334727779 -0.4548851930 0.7665090932  -0.4533688027 -3.4661746715  
3 'crystal symmetry operation' 3_555 -x+y,-x,z 0.1590771304  0.8762270983 -0.4548851930 20.0494827931 0.5708381747 0.2942916723 0.7665090932  -8.1841200086  0.8055049627  -0.3815999003 -0.4533688027 -41.5987818687 
4 'crystal symmetry operation' 4_555 -x,-y,z   -0.1212304928 0.9647101820 0.2337465131  36.6932679787 0.9647101820 0.0590555631 0.2566061286  -26.1450618576 0.2337465131  0.2566061286  -0.9378250702 -30.0433043601 
5 'crystal symmetry operation' 5_555 y,-x+y,z  0.7196923768  0.3938720073 -0.5717584496 1.7028488037  0.0884830837 0.7647638908 0.6382060289  4.8884109203   0.6886317061  -0.5099029646 0.5155437324  -26.5771296887 
6 'crystal symmetry operation' 6_555 x-y,x,z   0.7196923768  0.0884830837 0.6886317061  16.6437851856 0.3938720073 0.7647638908 -0.5099029646 -17.9609418491 -0.5717584496 0.6382060289  0.5155437324  11.5554775086 
# 
_struct_biol.id        1 
_struct_biol.details   ? 
# 
loop_
_struct_conf.conf_type_id 
_struct_conf.id 
_struct_conf.pdbx_PDB_helix_id 
_struct_conf.beg_label_comp_id 
_struct_conf.beg_label_asym_id 
_struct_conf.beg_label_seq_id 
_struct_conf.pdbx_beg_PDB_ins_code 
_struct_conf.end_label_comp_id 
_struct_conf.end_label_asym_id 
_struct_conf.end_label_seq_id 
_struct_conf.pdbx_end_PDB_ins_code 
_struct_conf.beg_auth_comp_id 
_struct_conf.beg_auth_asym_id 
_struct_conf.beg_auth_seq_id 
_struct_conf.end_auth_comp_id 
_struct_conf.end_auth_asym_id 
_struct_conf.end_auth_seq_id 
_struct_conf.pdbx_PDB_helix_class 
_struct_conf.details 
_struct_conf.pdbx_PDB_helix_length 
HELX_P HELX_P1  1  SER A 16  ? ALA A 31  ? SER A 16  ALA A 31  1 ? 16 
HELX_P HELX_P2  2  GLU A 35  ? SER A 44  ? GLU A 35  SER A 44  1 ? 10 
HELX_P HELX_P3  3  THR A 48  ? THR A 58  ? THR A 48  THR A 58  1 ? 11 
HELX_P HELX_P4  4  HIS A 62  ? HIS A 84  ? HIS A 62  HIS A 84  1 ? 23 
HELX_P HELX_P5  5  ARG A 100 ? ALA A 105 ? ARG A 100 ALA A 105 1 ? 6  
HELX_P HELX_P6  6  THR A 110 ? THR A 119 ? THR A 110 THR A 119 1 ? 10 
HELX_P HELX_P7  7  PRO A 125 ? SER A 146 ? PRO A 125 SER A 146 1 ? 22 
HELX_P HELX_P8  8  SER A 149 ? ILE A 153 ? SER A 149 ILE A 153 5 ? 5  
HELX_P HELX_P9  9  PRO A 160 ? GLN A 176 ? PRO A 160 GLN A 176 1 ? 17 
HELX_P HELX_P10 10 THR A 186 ? ASN A 193 ? THR A 186 ASN A 193 1 ? 8  
HELX_P HELX_P11 11 ASN A 195 ? GLY A 206 ? ASN A 195 GLY A 206 1 ? 12 
HELX_P HELX_P12 12 THR A 210 ? CYS A 218 ? THR A 210 CYS A 218 1 ? 9  
# 
_struct_conf_type.id          HELX_P 
_struct_conf_type.criteria    ? 
_struct_conf_type.reference   ? 
# 
_struct_conn.id                            disulf1 
_struct_conn.conn_type_id                  disulf 
_struct_conn.pdbx_leaving_atom_flag        ? 
_struct_conn.pdbx_PDB_id                   ? 
_struct_conn.ptnr1_label_asym_id           A 
_struct_conn.ptnr1_label_comp_id           CYS 
_struct_conn.ptnr1_label_seq_id            42 
_struct_conn.ptnr1_label_atom_id           SG 
_struct_conn.pdbx_ptnr1_label_alt_id       A 
_struct_conn.pdbx_ptnr1_PDB_ins_code       ? 
_struct_conn.pdbx_ptnr1_standard_comp_id   ? 
_struct_conn.ptnr1_symmetry                1_555 
_struct_conn.ptnr2_label_asym_id           A 
_struct_conn.ptnr2_label_comp_id           CYS 
_struct_conn.ptnr2_label_seq_id            54 
_struct_conn.ptnr2_label_atom_id           SG 
_struct_conn.pdbx_ptnr2_label_alt_id       ? 
_struct_conn.pdbx_ptnr2_PDB_ins_code       ? 
_struct_conn.ptnr1_auth_asym_id            A 
_struct_conn.ptnr1_auth_comp_id            CYS 
_struct_conn.ptnr1_auth_seq_id             42 
_struct_conn.ptnr2_auth_asym_id            A 
_struct_conn.ptnr2_auth_comp_id            CYS 
_struct_conn.ptnr2_auth_seq_id             54 
_struct_conn.ptnr2_symmetry                5_555 
_struct_conn.pdbx_ptnr3_label_atom_id      ? 
_struct_conn.pdbx_ptnr3_label_seq_id       ? 
_struct_conn.pdbx_ptnr3_label_comp_id      ? 
_struct_conn.pdbx_ptnr3_label_asym_id      ? 
_struct_conn.pdbx_ptnr3_label_alt_id       ? 
_struct_conn.pdbx_ptnr3_PDB_ins_code       ? 
_struct_conn.details                       ? 
_struct_conn.pdbx_dist_value               2.048 
_struct_conn.pdbx_value_order              ? 
_struct_conn.pdbx_role                     ? 
# 
_struct_conn_type.id          disulf 
_struct_conn_type.criteria    ? 
_struct_conn_type.reference   ? 
# 
_pdbx_modification_feature.ordinal                            1 
_pdbx_modification_feature.label_comp_id                      CYS 
_pdbx_modification_feature.label_asym_id                      A 
_pdbx_modification_feature.label_seq_id                       42 
_pdbx_modification_feature.label_alt_id                       A 
_pdbx_modification_feature.modified_residue_label_comp_id     CYS 
_pdbx_modification_feature.modified_residue_label_asym_id     A 
_pdbx_modification_feature.modified_residue_label_seq_id      54 
_pdbx_modification_feature.modified_residue_label_alt_id      ? 
_pdbx_modification_feature.auth_comp_id                       CYS 
_pdbx_modification_feature.auth_asym_id                       A 
_pdbx_modification_feature.auth_seq_id                        42 
_pdbx_modification_feature.PDB_ins_code                       ? 
_pdbx_modification_feature.symmetry                           1_555 
_pdbx_modification_feature.modified_residue_auth_comp_id      CYS 
_pdbx_modification_feature.modified_residue_auth_asym_id      A 
_pdbx_modification_feature.modified_residue_auth_seq_id       54 
_pdbx_modification_feature.modified_residue_PDB_ins_code      ? 
_pdbx_modification_feature.modified_residue_symmetry          5_555 
_pdbx_modification_feature.comp_id_linking_atom               SG 
_pdbx_modification_feature.modified_residue_id_linking_atom   SG 
_pdbx_modification_feature.modified_residue_id                . 
_pdbx_modification_feature.ref_pcm_id                         . 
_pdbx_modification_feature.ref_comp_id                        . 
_pdbx_modification_feature.type                               None 
_pdbx_modification_feature.category                           'Disulfide bridge' 
# 
_struct_mon_prot_cis.pdbx_id                1 
_struct_mon_prot_cis.label_comp_id          ASN 
_struct_mon_prot_cis.label_seq_id           121 
_struct_mon_prot_cis.label_asym_id          A 
_struct_mon_prot_cis.label_alt_id           . 
_struct_mon_prot_cis.pdbx_PDB_ins_code      ? 
_struct_mon_prot_cis.auth_comp_id           ASN 
_struct_mon_prot_cis.auth_seq_id            121 
_struct_mon_prot_cis.auth_asym_id           A 
_struct_mon_prot_cis.pdbx_label_comp_id_2   PRO 
_struct_mon_prot_cis.pdbx_label_seq_id_2    122 
_struct_mon_prot_cis.pdbx_label_asym_id_2   A 
_struct_mon_prot_cis.pdbx_PDB_ins_code_2    ? 
_struct_mon_prot_cis.pdbx_auth_comp_id_2    PRO 
_struct_mon_prot_cis.pdbx_auth_seq_id_2     122 
_struct_mon_prot_cis.pdbx_auth_asym_id_2    A 
_struct_mon_prot_cis.pdbx_PDB_model_num     1 
_struct_mon_prot_cis.pdbx_omega_angle       -0.91 
# 
_struct_site.id                   AC1 
_struct_site.pdbx_evidence_code   Software 
_struct_site.pdbx_auth_asym_id    A 
_struct_site.pdbx_auth_comp_id    EDO 
_struct_site.pdbx_auth_seq_id     232 
_struct_site.pdbx_auth_ins_code   ? 
_struct_site.pdbx_num_residues    6 
_struct_site.details              'BINDING SITE FOR RESIDUE EDO A 232' 
# 
loop_
_struct_site_gen.id 
_struct_site_gen.site_id 
_struct_site_gen.pdbx_num_res 
_struct_site_gen.label_comp_id 
_struct_site_gen.label_asym_id 
_struct_site_gen.label_seq_id 
_struct_site_gen.pdbx_auth_ins_code 
_struct_site_gen.auth_comp_id 
_struct_site_gen.auth_asym_id 
_struct_site_gen.auth_seq_id 
_struct_site_gen.label_atom_id 
_struct_site_gen.label_alt_id 
_struct_site_gen.symmetry 
_struct_site_gen.details 
1 AC1 6 MET A 68  ? MET A 68  . ? 1_555 ? 
2 AC1 6 GLU A 71  ? GLU A 71  . ? 1_555 ? 
3 AC1 6 THR A 72  ? THR A 72  . ? 1_555 ? 
4 AC1 6 GLU A 75  ? GLU A 75  . ? 1_555 ? 
5 AC1 6 LYS A 140 ? LYS A 140 . ? 1_555 ? 
6 AC1 6 GLU A 212 ? GLU A 212 . ? 6_555 ? 
# 
_pdbx_entry_details.entry_id                   3MGE 
_pdbx_entry_details.compound_details           ? 
_pdbx_entry_details.source_details             ? 
_pdbx_entry_details.nonpolymer_details         ? 
_pdbx_entry_details.sequence_details           ? 
_pdbx_entry_details.has_ligand_of_interest     ? 
_pdbx_entry_details.has_protein_modification   Y 
# 
_pdbx_validate_torsion.id              1 
_pdbx_validate_torsion.PDB_model_num   1 
_pdbx_validate_torsion.auth_comp_id    ALA 
_pdbx_validate_torsion.auth_asym_id    A 
_pdbx_validate_torsion.auth_seq_id     31 
_pdbx_validate_torsion.PDB_ins_code    ? 
_pdbx_validate_torsion.label_alt_id    ? 
_pdbx_validate_torsion.phi             57.68 
_pdbx_validate_torsion.psi             -118.71 
# 
loop_
_pdbx_unobs_or_zero_occ_residues.id 
_pdbx_unobs_or_zero_occ_residues.PDB_model_num 
_pdbx_unobs_or_zero_occ_residues.polymer_flag 
_pdbx_unobs_or_zero_occ_residues.occupancy_flag 
_pdbx_unobs_or_zero_occ_residues.auth_asym_id 
_pdbx_unobs_or_zero_occ_residues.auth_comp_id 
_pdbx_unobs_or_zero_occ_residues.auth_seq_id 
_pdbx_unobs_or_zero_occ_residues.PDB_ins_code 
_pdbx_unobs_or_zero_occ_residues.label_asym_id 
_pdbx_unobs_or_zero_occ_residues.label_comp_id 
_pdbx_unobs_or_zero_occ_residues.label_seq_id 
1  1 Y 1 A GLN 4   ? A GLN 4   
2  1 Y 1 A ASN 5   ? A ASN 5   
3  1 Y 1 A LEU 6   ? A LEU 6   
4  1 Y 1 A GLN 7   ? A GLN 7   
5  1 Y 1 A GLY 8   ? A GLY 8   
6  1 Y 1 A GLN 9   ? A GLN 9   
7  1 Y 1 A ALA 177 ? A ALA 177 
8  1 Y 1 A SER 178 ? A SER 178 
9  1 Y 1 A GLN 179 ? A GLN 179 
10 1 Y 1 A GLU 180 ? A GLU 180 
11 1 Y 1 A VAL 181 ? A VAL 181 
12 1 Y 1 A LYS 182 ? A LYS 182 
13 1 Y 1 A ASN 183 ? A ASN 183 
14 1 Y 1 A ALA 184 ? A ALA 184 
15 1 Y 1 A ALA 185 ? A ALA 185 
16 1 Y 1 A GLY 220 ? A GLY 220 
17 1 Y 1 A VAL 221 ? A VAL 221 
18 1 Y 1 A GLY 222 ? A GLY 222 
19 1 Y 1 A GLY 223 ? A GLY 223 
20 1 Y 1 A PRO 224 ? A PRO 224 
21 1 Y 1 A GLY 225 ? A GLY 225 
22 1 Y 1 A HIS 226 ? A HIS 226 
23 1 Y 1 A LYS 227 ? A LYS 227 
24 1 Y 1 A ALA 228 ? A ALA 228 
25 1 Y 1 A ARG 229 ? A ARG 229 
26 1 Y 1 A VAL 230 ? A VAL 230 
27 1 Y 1 A LEU 231 ? A LEU 231 
# 
loop_
_chem_comp_atom.comp_id 
_chem_comp_atom.atom_id 
_chem_comp_atom.type_symbol 
_chem_comp_atom.pdbx_aromatic_flag 
_chem_comp_atom.pdbx_stereo_config 
_chem_comp_atom.pdbx_ordinal 
ALA N    N N N 1   
ALA CA   C N S 2   
ALA C    C N N 3   
ALA O    O N N 4   
ALA CB   C N N 5   
ALA OXT  O N N 6   
ALA H    H N N 7   
ALA H2   H N N 8   
ALA HA   H N N 9   
ALA HB1  H N N 10  
ALA HB2  H N N 11  
ALA HB3  H N N 12  
ALA HXT  H N N 13  
ARG N    N N N 14  
ARG CA   C N S 15  
ARG C    C N N 16  
ARG O    O N N 17  
ARG CB   C N N 18  
ARG CG   C N N 19  
ARG CD   C N N 20  
ARG NE   N N N 21  
ARG CZ   C N N 22  
ARG NH1  N N N 23  
ARG NH2  N N N 24  
ARG OXT  O N N 25  
ARG H    H N N 26  
ARG H2   H N N 27  
ARG HA   H N N 28  
ARG HB2  H N N 29  
ARG HB3  H N N 30  
ARG HG2  H N N 31  
ARG HG3  H N N 32  
ARG HD2  H N N 33  
ARG HD3  H N N 34  
ARG HE   H N N 35  
ARG HH11 H N N 36  
ARG HH12 H N N 37  
ARG HH21 H N N 38  
ARG HH22 H N N 39  
ARG HXT  H N N 40  
ASN N    N N N 41  
ASN CA   C N S 42  
ASN C    C N N 43  
ASN O    O N N 44  
ASN CB   C N N 45  
ASN CG   C N N 46  
ASN OD1  O N N 47  
ASN ND2  N N N 48  
ASN OXT  O N N 49  
ASN H    H N N 50  
ASN H2   H N N 51  
ASN HA   H N N 52  
ASN HB2  H N N 53  
ASN HB3  H N N 54  
ASN HD21 H N N 55  
ASN HD22 H N N 56  
ASN HXT  H N N 57  
ASP N    N N N 58  
ASP CA   C N S 59  
ASP C    C N N 60  
ASP O    O N N 61  
ASP CB   C N N 62  
ASP CG   C N N 63  
ASP OD1  O N N 64  
ASP OD2  O N N 65  
ASP OXT  O N N 66  
ASP H    H N N 67  
ASP H2   H N N 68  
ASP HA   H N N 69  
ASP HB2  H N N 70  
ASP HB3  H N N 71  
ASP HD2  H N N 72  
ASP HXT  H N N 73  
CYS N    N N N 74  
CYS CA   C N R 75  
CYS C    C N N 76  
CYS O    O N N 77  
CYS CB   C N N 78  
CYS SG   S N N 79  
CYS OXT  O N N 80  
CYS H    H N N 81  
CYS H2   H N N 82  
CYS HA   H N N 83  
CYS HB2  H N N 84  
CYS HB3  H N N 85  
CYS HG   H N N 86  
CYS HXT  H N N 87  
EDO C1   C N N 88  
EDO O1   O N N 89  
EDO C2   C N N 90  
EDO O2   O N N 91  
EDO H11  H N N 92  
EDO H12  H N N 93  
EDO HO1  H N N 94  
EDO H21  H N N 95  
EDO H22  H N N 96  
EDO HO2  H N N 97  
GLN N    N N N 98  
GLN CA   C N S 99  
GLN C    C N N 100 
GLN O    O N N 101 
GLN CB   C N N 102 
GLN CG   C N N 103 
GLN CD   C N N 104 
GLN OE1  O N N 105 
GLN NE2  N N N 106 
GLN OXT  O N N 107 
GLN H    H N N 108 
GLN H2   H N N 109 
GLN HA   H N N 110 
GLN HB2  H N N 111 
GLN HB3  H N N 112 
GLN HG2  H N N 113 
GLN HG3  H N N 114 
GLN HE21 H N N 115 
GLN HE22 H N N 116 
GLN HXT  H N N 117 
GLU N    N N N 118 
GLU CA   C N S 119 
GLU C    C N N 120 
GLU O    O N N 121 
GLU CB   C N N 122 
GLU CG   C N N 123 
GLU CD   C N N 124 
GLU OE1  O N N 125 
GLU OE2  O N N 126 
GLU OXT  O N N 127 
GLU H    H N N 128 
GLU H2   H N N 129 
GLU HA   H N N 130 
GLU HB2  H N N 131 
GLU HB3  H N N 132 
GLU HG2  H N N 133 
GLU HG3  H N N 134 
GLU HE2  H N N 135 
GLU HXT  H N N 136 
GLY N    N N N 137 
GLY CA   C N N 138 
GLY C    C N N 139 
GLY O    O N N 140 
GLY OXT  O N N 141 
GLY H    H N N 142 
GLY H2   H N N 143 
GLY HA2  H N N 144 
GLY HA3  H N N 145 
GLY HXT  H N N 146 
HIS N    N N N 147 
HIS CA   C N S 148 
HIS C    C N N 149 
HIS O    O N N 150 
HIS CB   C N N 151 
HIS CG   C Y N 152 
HIS ND1  N Y N 153 
HIS CD2  C Y N 154 
HIS CE1  C Y N 155 
HIS NE2  N Y N 156 
HIS OXT  O N N 157 
HIS H    H N N 158 
HIS H2   H N N 159 
HIS HA   H N N 160 
HIS HB2  H N N 161 
HIS HB3  H N N 162 
HIS HD1  H N N 163 
HIS HD2  H N N 164 
HIS HE1  H N N 165 
HIS HE2  H N N 166 
HIS HXT  H N N 167 
HOH O    O N N 168 
HOH H1   H N N 169 
HOH H2   H N N 170 
ILE N    N N N 171 
ILE CA   C N S 172 
ILE C    C N N 173 
ILE O    O N N 174 
ILE CB   C N S 175 
ILE CG1  C N N 176 
ILE CG2  C N N 177 
ILE CD1  C N N 178 
ILE OXT  O N N 179 
ILE H    H N N 180 
ILE H2   H N N 181 
ILE HA   H N N 182 
ILE HB   H N N 183 
ILE HG12 H N N 184 
ILE HG13 H N N 185 
ILE HG21 H N N 186 
ILE HG22 H N N 187 
ILE HG23 H N N 188 
ILE HD11 H N N 189 
ILE HD12 H N N 190 
ILE HD13 H N N 191 
ILE HXT  H N N 192 
LEU N    N N N 193 
LEU CA   C N S 194 
LEU C    C N N 195 
LEU O    O N N 196 
LEU CB   C N N 197 
LEU CG   C N N 198 
LEU CD1  C N N 199 
LEU CD2  C N N 200 
LEU OXT  O N N 201 
LEU H    H N N 202 
LEU H2   H N N 203 
LEU HA   H N N 204 
LEU HB2  H N N 205 
LEU HB3  H N N 206 
LEU HG   H N N 207 
LEU HD11 H N N 208 
LEU HD12 H N N 209 
LEU HD13 H N N 210 
LEU HD21 H N N 211 
LEU HD22 H N N 212 
LEU HD23 H N N 213 
LEU HXT  H N N 214 
LYS N    N N N 215 
LYS CA   C N S 216 
LYS C    C N N 217 
LYS O    O N N 218 
LYS CB   C N N 219 
LYS CG   C N N 220 
LYS CD   C N N 221 
LYS CE   C N N 222 
LYS NZ   N N N 223 
LYS OXT  O N N 224 
LYS H    H N N 225 
LYS H2   H N N 226 
LYS HA   H N N 227 
LYS HB2  H N N 228 
LYS HB3  H N N 229 
LYS HG2  H N N 230 
LYS HG3  H N N 231 
LYS HD2  H N N 232 
LYS HD3  H N N 233 
LYS HE2  H N N 234 
LYS HE3  H N N 235 
LYS HZ1  H N N 236 
LYS HZ2  H N N 237 
LYS HZ3  H N N 238 
LYS HXT  H N N 239 
MET N    N N N 240 
MET CA   C N S 241 
MET C    C N N 242 
MET O    O N N 243 
MET CB   C N N 244 
MET CG   C N N 245 
MET SD   S N N 246 
MET CE   C N N 247 
MET OXT  O N N 248 
MET H    H N N 249 
MET H2   H N N 250 
MET HA   H N N 251 
MET HB2  H N N 252 
MET HB3  H N N 253 
MET HG2  H N N 254 
MET HG3  H N N 255 
MET HE1  H N N 256 
MET HE2  H N N 257 
MET HE3  H N N 258 
MET HXT  H N N 259 
PHE N    N N N 260 
PHE CA   C N S 261 
PHE C    C N N 262 
PHE O    O N N 263 
PHE CB   C N N 264 
PHE CG   C Y N 265 
PHE CD1  C Y N 266 
PHE CD2  C Y N 267 
PHE CE1  C Y N 268 
PHE CE2  C Y N 269 
PHE CZ   C Y N 270 
PHE OXT  O N N 271 
PHE H    H N N 272 
PHE H2   H N N 273 
PHE HA   H N N 274 
PHE HB2  H N N 275 
PHE HB3  H N N 276 
PHE HD1  H N N 277 
PHE HD2  H N N 278 
PHE HE1  H N N 279 
PHE HE2  H N N 280 
PHE HZ   H N N 281 
PHE HXT  H N N 282 
PRO N    N N N 283 
PRO CA   C N S 284 
PRO C    C N N 285 
PRO O    O N N 286 
PRO CB   C N N 287 
PRO CG   C N N 288 
PRO CD   C N N 289 
PRO OXT  O N N 290 
PRO H    H N N 291 
PRO HA   H N N 292 
PRO HB2  H N N 293 
PRO HB3  H N N 294 
PRO HG2  H N N 295 
PRO HG3  H N N 296 
PRO HD2  H N N 297 
PRO HD3  H N N 298 
PRO HXT  H N N 299 
SER N    N N N 300 
SER CA   C N S 301 
SER C    C N N 302 
SER O    O N N 303 
SER CB   C N N 304 
SER OG   O N N 305 
SER OXT  O N N 306 
SER H    H N N 307 
SER H2   H N N 308 
SER HA   H N N 309 
SER HB2  H N N 310 
SER HB3  H N N 311 
SER HG   H N N 312 
SER HXT  H N N 313 
THR N    N N N 314 
THR CA   C N S 315 
THR C    C N N 316 
THR O    O N N 317 
THR CB   C N R 318 
THR OG1  O N N 319 
THR CG2  C N N 320 
THR OXT  O N N 321 
THR H    H N N 322 
THR H2   H N N 323 
THR HA   H N N 324 
THR HB   H N N 325 
THR HG1  H N N 326 
THR HG21 H N N 327 
THR HG22 H N N 328 
THR HG23 H N N 329 
THR HXT  H N N 330 
TRP N    N N N 331 
TRP CA   C N S 332 
TRP C    C N N 333 
TRP O    O N N 334 
TRP CB   C N N 335 
TRP CG   C Y N 336 
TRP CD1  C Y N 337 
TRP CD2  C Y N 338 
TRP NE1  N Y N 339 
TRP CE2  C Y N 340 
TRP CE3  C Y N 341 
TRP CZ2  C Y N 342 
TRP CZ3  C Y N 343 
TRP CH2  C Y N 344 
TRP OXT  O N N 345 
TRP H    H N N 346 
TRP H2   H N N 347 
TRP HA   H N N 348 
TRP HB2  H N N 349 
TRP HB3  H N N 350 
TRP HD1  H N N 351 
TRP HE1  H N N 352 
TRP HE3  H N N 353 
TRP HZ2  H N N 354 
TRP HZ3  H N N 355 
TRP HH2  H N N 356 
TRP HXT  H N N 357 
TYR N    N N N 358 
TYR CA   C N S 359 
TYR C    C N N 360 
TYR O    O N N 361 
TYR CB   C N N 362 
TYR CG   C Y N 363 
TYR CD1  C Y N 364 
TYR CD2  C Y N 365 
TYR CE1  C Y N 366 
TYR CE2  C Y N 367 
TYR CZ   C Y N 368 
TYR OH   O N N 369 
TYR OXT  O N N 370 
TYR H    H N N 371 
TYR H2   H N N 372 
TYR HA   H N N 373 
TYR HB2  H N N 374 
TYR HB3  H N N 375 
TYR HD1  H N N 376 
TYR HD2  H N N 377 
TYR HE1  H N N 378 
TYR HE2  H N N 379 
TYR HH   H N N 380 
TYR HXT  H N N 381 
VAL N    N N N 382 
VAL CA   C N S 383 
VAL C    C N N 384 
VAL O    O N N 385 
VAL CB   C N N 386 
VAL CG1  C N N 387 
VAL CG2  C N N 388 
VAL OXT  O N N 389 
VAL H    H N N 390 
VAL H2   H N N 391 
VAL HA   H N N 392 
VAL HB   H N N 393 
VAL HG11 H N N 394 
VAL HG12 H N N 395 
VAL HG13 H N N 396 
VAL HG21 H N N 397 
VAL HG22 H N N 398 
VAL HG23 H N N 399 
VAL HXT  H N N 400 
# 
loop_
_chem_comp_bond.comp_id 
_chem_comp_bond.atom_id_1 
_chem_comp_bond.atom_id_2 
_chem_comp_bond.value_order 
_chem_comp_bond.pdbx_aromatic_flag 
_chem_comp_bond.pdbx_stereo_config 
_chem_comp_bond.pdbx_ordinal 
ALA N   CA   sing N N 1   
ALA N   H    sing N N 2   
ALA N   H2   sing N N 3   
ALA CA  C    sing N N 4   
ALA CA  CB   sing N N 5   
ALA CA  HA   sing N N 6   
ALA C   O    doub N N 7   
ALA C   OXT  sing N N 8   
ALA CB  HB1  sing N N 9   
ALA CB  HB2  sing N N 10  
ALA CB  HB3  sing N N 11  
ALA OXT HXT  sing N N 12  
ARG N   CA   sing N N 13  
ARG N   H    sing N N 14  
ARG N   H2   sing N N 15  
ARG CA  C    sing N N 16  
ARG CA  CB   sing N N 17  
ARG CA  HA   sing N N 18  
ARG C   O    doub N N 19  
ARG C   OXT  sing N N 20  
ARG CB  CG   sing N N 21  
ARG CB  HB2  sing N N 22  
ARG CB  HB3  sing N N 23  
ARG CG  CD   sing N N 24  
ARG CG  HG2  sing N N 25  
ARG CG  HG3  sing N N 26  
ARG CD  NE   sing N N 27  
ARG CD  HD2  sing N N 28  
ARG CD  HD3  sing N N 29  
ARG NE  CZ   sing N N 30  
ARG NE  HE   sing N N 31  
ARG CZ  NH1  sing N N 32  
ARG CZ  NH2  doub N N 33  
ARG NH1 HH11 sing N N 34  
ARG NH1 HH12 sing N N 35  
ARG NH2 HH21 sing N N 36  
ARG NH2 HH22 sing N N 37  
ARG OXT HXT  sing N N 38  
ASN N   CA   sing N N 39  
ASN N   H    sing N N 40  
ASN N   H2   sing N N 41  
ASN CA  C    sing N N 42  
ASN CA  CB   sing N N 43  
ASN CA  HA   sing N N 44  
ASN C   O    doub N N 45  
ASN C   OXT  sing N N 46  
ASN CB  CG   sing N N 47  
ASN CB  HB2  sing N N 48  
ASN CB  HB3  sing N N 49  
ASN CG  OD1  doub N N 50  
ASN CG  ND2  sing N N 51  
ASN ND2 HD21 sing N N 52  
ASN ND2 HD22 sing N N 53  
ASN OXT HXT  sing N N 54  
ASP N   CA   sing N N 55  
ASP N   H    sing N N 56  
ASP N   H2   sing N N 57  
ASP CA  C    sing N N 58  
ASP CA  CB   sing N N 59  
ASP CA  HA   sing N N 60  
ASP C   O    doub N N 61  
ASP C   OXT  sing N N 62  
ASP CB  CG   sing N N 63  
ASP CB  HB2  sing N N 64  
ASP CB  HB3  sing N N 65  
ASP CG  OD1  doub N N 66  
ASP CG  OD2  sing N N 67  
ASP OD2 HD2  sing N N 68  
ASP OXT HXT  sing N N 69  
CYS N   CA   sing N N 70  
CYS N   H    sing N N 71  
CYS N   H2   sing N N 72  
CYS CA  C    sing N N 73  
CYS CA  CB   sing N N 74  
CYS CA  HA   sing N N 75  
CYS C   O    doub N N 76  
CYS C   OXT  sing N N 77  
CYS CB  SG   sing N N 78  
CYS CB  HB2  sing N N 79  
CYS CB  HB3  sing N N 80  
CYS SG  HG   sing N N 81  
CYS OXT HXT  sing N N 82  
EDO C1  O1   sing N N 83  
EDO C1  C2   sing N N 84  
EDO C1  H11  sing N N 85  
EDO C1  H12  sing N N 86  
EDO O1  HO1  sing N N 87  
EDO C2  O2   sing N N 88  
EDO C2  H21  sing N N 89  
EDO C2  H22  sing N N 90  
EDO O2  HO2  sing N N 91  
GLN N   CA   sing N N 92  
GLN N   H    sing N N 93  
GLN N   H2   sing N N 94  
GLN CA  C    sing N N 95  
GLN CA  CB   sing N N 96  
GLN CA  HA   sing N N 97  
GLN C   O    doub N N 98  
GLN C   OXT  sing N N 99  
GLN CB  CG   sing N N 100 
GLN CB  HB2  sing N N 101 
GLN CB  HB3  sing N N 102 
GLN CG  CD   sing N N 103 
GLN CG  HG2  sing N N 104 
GLN CG  HG3  sing N N 105 
GLN CD  OE1  doub N N 106 
GLN CD  NE2  sing N N 107 
GLN NE2 HE21 sing N N 108 
GLN NE2 HE22 sing N N 109 
GLN OXT HXT  sing N N 110 
GLU N   CA   sing N N 111 
GLU N   H    sing N N 112 
GLU N   H2   sing N N 113 
GLU CA  C    sing N N 114 
GLU CA  CB   sing N N 115 
GLU CA  HA   sing N N 116 
GLU C   O    doub N N 117 
GLU C   OXT  sing N N 118 
GLU CB  CG   sing N N 119 
GLU CB  HB2  sing N N 120 
GLU CB  HB3  sing N N 121 
GLU CG  CD   sing N N 122 
GLU CG  HG2  sing N N 123 
GLU CG  HG3  sing N N 124 
GLU CD  OE1  doub N N 125 
GLU CD  OE2  sing N N 126 
GLU OE2 HE2  sing N N 127 
GLU OXT HXT  sing N N 128 
GLY N   CA   sing N N 129 
GLY N   H    sing N N 130 
GLY N   H2   sing N N 131 
GLY CA  C    sing N N 132 
GLY CA  HA2  sing N N 133 
GLY CA  HA3  sing N N 134 
GLY C   O    doub N N 135 
GLY C   OXT  sing N N 136 
GLY OXT HXT  sing N N 137 
HIS N   CA   sing N N 138 
HIS N   H    sing N N 139 
HIS N   H2   sing N N 140 
HIS CA  C    sing N N 141 
HIS CA  CB   sing N N 142 
HIS CA  HA   sing N N 143 
HIS C   O    doub N N 144 
HIS C   OXT  sing N N 145 
HIS CB  CG   sing N N 146 
HIS CB  HB2  sing N N 147 
HIS CB  HB3  sing N N 148 
HIS CG  ND1  sing Y N 149 
HIS CG  CD2  doub Y N 150 
HIS ND1 CE1  doub Y N 151 
HIS ND1 HD1  sing N N 152 
HIS CD2 NE2  sing Y N 153 
HIS CD2 HD2  sing N N 154 
HIS CE1 NE2  sing Y N 155 
HIS CE1 HE1  sing N N 156 
HIS NE2 HE2  sing N N 157 
HIS OXT HXT  sing N N 158 
HOH O   H1   sing N N 159 
HOH O   H2   sing N N 160 
ILE N   CA   sing N N 161 
ILE N   H    sing N N 162 
ILE N   H2   sing N N 163 
ILE CA  C    sing N N 164 
ILE CA  CB   sing N N 165 
ILE CA  HA   sing N N 166 
ILE C   O    doub N N 167 
ILE C   OXT  sing N N 168 
ILE CB  CG1  sing N N 169 
ILE CB  CG2  sing N N 170 
ILE CB  HB   sing N N 171 
ILE CG1 CD1  sing N N 172 
ILE CG1 HG12 sing N N 173 
ILE CG1 HG13 sing N N 174 
ILE CG2 HG21 sing N N 175 
ILE CG2 HG22 sing N N 176 
ILE CG2 HG23 sing N N 177 
ILE CD1 HD11 sing N N 178 
ILE CD1 HD12 sing N N 179 
ILE CD1 HD13 sing N N 180 
ILE OXT HXT  sing N N 181 
LEU N   CA   sing N N 182 
LEU N   H    sing N N 183 
LEU N   H2   sing N N 184 
LEU CA  C    sing N N 185 
LEU CA  CB   sing N N 186 
LEU CA  HA   sing N N 187 
LEU C   O    doub N N 188 
LEU C   OXT  sing N N 189 
LEU CB  CG   sing N N 190 
LEU CB  HB2  sing N N 191 
LEU CB  HB3  sing N N 192 
LEU CG  CD1  sing N N 193 
LEU CG  CD2  sing N N 194 
LEU CG  HG   sing N N 195 
LEU CD1 HD11 sing N N 196 
LEU CD1 HD12 sing N N 197 
LEU CD1 HD13 sing N N 198 
LEU CD2 HD21 sing N N 199 
LEU CD2 HD22 sing N N 200 
LEU CD2 HD23 sing N N 201 
LEU OXT HXT  sing N N 202 
LYS N   CA   sing N N 203 
LYS N   H    sing N N 204 
LYS N   H2   sing N N 205 
LYS CA  C    sing N N 206 
LYS CA  CB   sing N N 207 
LYS CA  HA   sing N N 208 
LYS C   O    doub N N 209 
LYS C   OXT  sing N N 210 
LYS CB  CG   sing N N 211 
LYS CB  HB2  sing N N 212 
LYS CB  HB3  sing N N 213 
LYS CG  CD   sing N N 214 
LYS CG  HG2  sing N N 215 
LYS CG  HG3  sing N N 216 
LYS CD  CE   sing N N 217 
LYS CD  HD2  sing N N 218 
LYS CD  HD3  sing N N 219 
LYS CE  NZ   sing N N 220 
LYS CE  HE2  sing N N 221 
LYS CE  HE3  sing N N 222 
LYS NZ  HZ1  sing N N 223 
LYS NZ  HZ2  sing N N 224 
LYS NZ  HZ3  sing N N 225 
LYS OXT HXT  sing N N 226 
MET N   CA   sing N N 227 
MET N   H    sing N N 228 
MET N   H2   sing N N 229 
MET CA  C    sing N N 230 
MET CA  CB   sing N N 231 
MET CA  HA   sing N N 232 
MET C   O    doub N N 233 
MET C   OXT  sing N N 234 
MET CB  CG   sing N N 235 
MET CB  HB2  sing N N 236 
MET CB  HB3  sing N N 237 
MET CG  SD   sing N N 238 
MET CG  HG2  sing N N 239 
MET CG  HG3  sing N N 240 
MET SD  CE   sing N N 241 
MET CE  HE1  sing N N 242 
MET CE  HE2  sing N N 243 
MET CE  HE3  sing N N 244 
MET OXT HXT  sing N N 245 
PHE N   CA   sing N N 246 
PHE N   H    sing N N 247 
PHE N   H2   sing N N 248 
PHE CA  C    sing N N 249 
PHE CA  CB   sing N N 250 
PHE CA  HA   sing N N 251 
PHE C   O    doub N N 252 
PHE C   OXT  sing N N 253 
PHE CB  CG   sing N N 254 
PHE CB  HB2  sing N N 255 
PHE CB  HB3  sing N N 256 
PHE CG  CD1  doub Y N 257 
PHE CG  CD2  sing Y N 258 
PHE CD1 CE1  sing Y N 259 
PHE CD1 HD1  sing N N 260 
PHE CD2 CE2  doub Y N 261 
PHE CD2 HD2  sing N N 262 
PHE CE1 CZ   doub Y N 263 
PHE CE1 HE1  sing N N 264 
PHE CE2 CZ   sing Y N 265 
PHE CE2 HE2  sing N N 266 
PHE CZ  HZ   sing N N 267 
PHE OXT HXT  sing N N 268 
PRO N   CA   sing N N 269 
PRO N   CD   sing N N 270 
PRO N   H    sing N N 271 
PRO CA  C    sing N N 272 
PRO CA  CB   sing N N 273 
PRO CA  HA   sing N N 274 
PRO C   O    doub N N 275 
PRO C   OXT  sing N N 276 
PRO CB  CG   sing N N 277 
PRO CB  HB2  sing N N 278 
PRO CB  HB3  sing N N 279 
PRO CG  CD   sing N N 280 
PRO CG  HG2  sing N N 281 
PRO CG  HG3  sing N N 282 
PRO CD  HD2  sing N N 283 
PRO CD  HD3  sing N N 284 
PRO OXT HXT  sing N N 285 
SER N   CA   sing N N 286 
SER N   H    sing N N 287 
SER N   H2   sing N N 288 
SER CA  C    sing N N 289 
SER CA  CB   sing N N 290 
SER CA  HA   sing N N 291 
SER C   O    doub N N 292 
SER C   OXT  sing N N 293 
SER CB  OG   sing N N 294 
SER CB  HB2  sing N N 295 
SER CB  HB3  sing N N 296 
SER OG  HG   sing N N 297 
SER OXT HXT  sing N N 298 
THR N   CA   sing N N 299 
THR N   H    sing N N 300 
THR N   H2   sing N N 301 
THR CA  C    sing N N 302 
THR CA  CB   sing N N 303 
THR CA  HA   sing N N 304 
THR C   O    doub N N 305 
THR C   OXT  sing N N 306 
THR CB  OG1  sing N N 307 
THR CB  CG2  sing N N 308 
THR CB  HB   sing N N 309 
THR OG1 HG1  sing N N 310 
THR CG2 HG21 sing N N 311 
THR CG2 HG22 sing N N 312 
THR CG2 HG23 sing N N 313 
THR OXT HXT  sing N N 314 
TRP N   CA   sing N N 315 
TRP N   H    sing N N 316 
TRP N   H2   sing N N 317 
TRP CA  C    sing N N 318 
TRP CA  CB   sing N N 319 
TRP CA  HA   sing N N 320 
TRP C   O    doub N N 321 
TRP C   OXT  sing N N 322 
TRP CB  CG   sing N N 323 
TRP CB  HB2  sing N N 324 
TRP CB  HB3  sing N N 325 
TRP CG  CD1  doub Y N 326 
TRP CG  CD2  sing Y N 327 
TRP CD1 NE1  sing Y N 328 
TRP CD1 HD1  sing N N 329 
TRP CD2 CE2  doub Y N 330 
TRP CD2 CE3  sing Y N 331 
TRP NE1 CE2  sing Y N 332 
TRP NE1 HE1  sing N N 333 
TRP CE2 CZ2  sing Y N 334 
TRP CE3 CZ3  doub Y N 335 
TRP CE3 HE3  sing N N 336 
TRP CZ2 CH2  doub Y N 337 
TRP CZ2 HZ2  sing N N 338 
TRP CZ3 CH2  sing Y N 339 
TRP CZ3 HZ3  sing N N 340 
TRP CH2 HH2  sing N N 341 
TRP OXT HXT  sing N N 342 
TYR N   CA   sing N N 343 
TYR N   H    sing N N 344 
TYR N   H2   sing N N 345 
TYR CA  C    sing N N 346 
TYR CA  CB   sing N N 347 
TYR CA  HA   sing N N 348 
TYR C   O    doub N N 349 
TYR C   OXT  sing N N 350 
TYR CB  CG   sing N N 351 
TYR CB  HB2  sing N N 352 
TYR CB  HB3  sing N N 353 
TYR CG  CD1  doub Y N 354 
TYR CG  CD2  sing Y N 355 
TYR CD1 CE1  sing Y N 356 
TYR CD1 HD1  sing N N 357 
TYR CD2 CE2  doub Y N 358 
TYR CD2 HD2  sing N N 359 
TYR CE1 CZ   doub Y N 360 
TYR CE1 HE1  sing N N 361 
TYR CE2 CZ   sing Y N 362 
TYR CE2 HE2  sing N N 363 
TYR CZ  OH   sing N N 364 
TYR OH  HH   sing N N 365 
TYR OXT HXT  sing N N 366 
VAL N   CA   sing N N 367 
VAL N   H    sing N N 368 
VAL N   H2   sing N N 369 
VAL CA  C    sing N N 370 
VAL CA  CB   sing N N 371 
VAL CA  HA   sing N N 372 
VAL C   O    doub N N 373 
VAL C   OXT  sing N N 374 
VAL CB  CG1  sing N N 375 
VAL CB  CG2  sing N N 376 
VAL CB  HB   sing N N 377 
VAL CG1 HG11 sing N N 378 
VAL CG1 HG12 sing N N 379 
VAL CG1 HG13 sing N N 380 
VAL CG2 HG21 sing N N 381 
VAL CG2 HG22 sing N N 382 
VAL CG2 HG23 sing N N 383 
VAL OXT HXT  sing N N 384 
# 
_pdbx_initial_refinement_model.id               1 
_pdbx_initial_refinement_model.entity_id_list   ? 
_pdbx_initial_refinement_model.type             'experimental model' 
_pdbx_initial_refinement_model.source_name      PDB 
_pdbx_initial_refinement_model.accession_code   3H47 
_pdbx_initial_refinement_model.details          'PDB entry 3h47' 
# 
_atom_sites.entry_id                    3MGE 
_atom_sites.fract_transf_matrix[1][1]   -0.00795769 
_atom_sites.fract_transf_matrix[1][2]   0.00517297 
_atom_sites.fract_transf_matrix[1][3]   0.00856723 
_atom_sites.fract_transf_matrix[2][1]   0.00063029 
_atom_sites.fract_transf_matrix[2][2]   -0.00354666 
_atom_sites.fract_transf_matrix[2][3]   0.01226808 
_atom_sites.fract_transf_matrix[3][1]   0.01172667 
_atom_sites.fract_transf_matrix[3][2]   0.01287350 
_atom_sites.fract_transf_matrix[3][3]   0.00311921 
_atom_sites.fract_transf_vector[1]      0.342314 
_atom_sites.fract_transf_vector[2]      0.126359 
_atom_sites.fract_transf_vector[3]      -0.002600 
# 
loop_
_atom_type.symbol 
C 
N 
O 
S 
# 
loop_
_atom_site.group_PDB 
_atom_site.id 
_atom_site.type_symbol 
_atom_site.label_atom_id 
_atom_site.label_alt_id 
_atom_site.label_comp_id 
_atom_site.label_asym_id 
_atom_site.label_entity_id 
_atom_site.label_seq_id 
_atom_site.pdbx_PDB_ins_code 
_atom_site.Cartn_x 
_atom_site.Cartn_y 
_atom_site.Cartn_z 
_atom_site.occupancy 
_atom_site.B_iso_or_equiv 
_atom_site.pdbx_formal_charge 
_atom_site.auth_seq_id 
_atom_site.auth_comp_id 
_atom_site.auth_asym_id 
_atom_site.auth_atom_id 
_atom_site.pdbx_PDB_model_num 
ATOM   1    N N   . PRO A 1 1   ? 2.883   -18.448 -3.724  1.00 26.13 ? 1   PRO A N   1 
ATOM   2    C CA  . PRO A 1 1   ? 1.566   -18.035 -4.214  1.00 25.73 ? 1   PRO A CA  1 
ATOM   3    C C   . PRO A 1 1   ? 0.737   -19.204 -4.728  1.00 30.21 ? 1   PRO A C   1 
ATOM   4    O O   . PRO A 1 1   ? 1.281   -20.263 -5.038  1.00 32.91 ? 1   PRO A O   1 
ATOM   5    C CB  . PRO A 1 1   ? 1.910   -17.119 -5.394  1.00 35.49 ? 1   PRO A CB  1 
ATOM   6    C CG  . PRO A 1 1   ? 3.254   -16.599 -5.087  1.00 36.38 ? 1   PRO A CG  1 
ATOM   7    C CD  . PRO A 1 1   ? 3.973   -17.695 -4.370  1.00 31.38 ? 1   PRO A CD  1 
ATOM   8    N N   . ILE A 1 2   ? -0.572  -18.999 -4.819  1.00 25.62 ? 2   ILE A N   1 
ATOM   9    C CA  . ILE A 1 2   ? -1.463  -19.957 -5.452  1.00 27.22 ? 2   ILE A CA  1 
ATOM   10   C C   . ILE A 1 2   ? -1.730  -19.464 -6.864  1.00 36.92 ? 2   ILE A C   1 
ATOM   11   O O   . ILE A 1 2   ? -2.290  -18.380 -7.057  1.00 27.83 ? 2   ILE A O   1 
ATOM   12   C CB  . ILE A 1 2   ? -2.817  -20.085 -4.712  1.00 37.57 ? 2   ILE A CB  1 
ATOM   13   C CG1 . ILE A 1 2   ? -2.607  -20.307 -3.210  1.00 30.27 ? 2   ILE A CG1 1 
ATOM   14   C CG2 . ILE A 1 2   ? -3.646  -21.229 -5.305  1.00 29.73 ? 2   ILE A CG2 1 
ATOM   15   C CD1 . ILE A 1 2   ? -1.855  -21.564 -2.881  0.65 33.23 ? 2   ILE A CD1 1 
ATOM   16   N N   . VAL A 1 3   ? -1.313  -20.259 -7.844  1.00 34.81 ? 3   VAL A N   1 
ATOM   17   C CA  . VAL A 1 3   ? -1.447  -19.901 -9.248  1.00 35.64 ? 3   VAL A CA  1 
ATOM   18   C C   . VAL A 1 3   ? -2.304  -20.933 -9.965  1.00 45.56 ? 3   VAL A C   1 
ATOM   19   O O   . VAL A 1 3   ? -2.453  -22.057 -9.490  1.00 43.40 ? 3   VAL A O   1 
ATOM   20   C CB  . VAL A 1 3   ? -0.077  -19.852 -9.930  1.00 41.54 ? 3   VAL A CB  1 
ATOM   21   C CG1 . VAL A 1 3   ? 0.802   -18.794 -9.280  1.00 36.64 ? 3   VAL A CG1 1 
ATOM   22   C CG2 . VAL A 1 3   ? 0.584   -21.219 -9.859  1.00 54.33 ? 3   VAL A CG2 1 
ATOM   23   N N   . MET A 1 10  ? -5.496  -25.121 -9.713  1.00 56.19 ? 10  MET A N   1 
ATOM   24   C CA  . MET A 1 10  ? -4.828  -24.255 -8.747  1.00 63.19 ? 10  MET A CA  1 
ATOM   25   C C   . MET A 1 10  ? -3.841  -25.033 -7.884  1.00 70.20 ? 10  MET A C   1 
ATOM   26   O O   . MET A 1 10  ? -4.205  -26.002 -7.216  1.00 61.64 ? 10  MET A O   1 
ATOM   27   C CB  . MET A 1 10  ? -5.850  -23.538 -7.861  1.00 59.86 ? 10  MET A CB  1 
ATOM   28   C CG  . MET A 1 10  ? -6.831  -22.663 -8.629  1.00 65.66 ? 10  MET A CG  1 
ATOM   29   S SD  . MET A 1 10  ? -6.013  -21.498 -9.743  1.00 90.03 ? 10  MET A SD  1 
ATOM   30   C CE  . MET A 1 10  ? -5.196  -20.416 -8.571  1.00 54.27 ? 10  MET A CE  1 
ATOM   31   N N   . VAL A 1 11  ? -2.585  -24.599 -7.909  1.00 62.87 ? 11  VAL A N   1 
ATOM   32   C CA  . VAL A 1 11  ? -1.541  -25.226 -7.112  1.00 54.69 ? 11  VAL A CA  1 
ATOM   33   C C   . VAL A 1 11  ? -0.689  -24.159 -6.430  1.00 47.66 ? 11  VAL A C   1 
ATOM   34   O O   . VAL A 1 11  ? -0.695  -22.995 -6.836  1.00 38.33 ? 11  VAL A O   1 
ATOM   35   C CB  . VAL A 1 11  ? -0.640  -26.125 -7.980  1.00 57.79 ? 11  VAL A CB  1 
ATOM   36   C CG1 . VAL A 1 11  ? -1.487  -27.080 -8.804  1.00 64.45 ? 11  VAL A CG1 1 
ATOM   37   C CG2 . VAL A 1 11  ? 0.240   -25.282 -8.884  1.00 53.12 ? 11  VAL A CG2 1 
ATOM   38   N N   . HIS A 1 12  ? 0.034   -24.559 -5.390  1.00 35.76 ? 12  HIS A N   1 
ATOM   39   C CA  . HIS A 1 12  ? 0.917   -23.644 -4.682  1.00 41.48 ? 12  HIS A CA  1 
ATOM   40   C C   . HIS A 1 12  ? 2.318   -23.649 -5.271  1.00 44.19 ? 12  HIS A C   1 
ATOM   41   O O   . HIS A 1 12  ? 2.850   -24.700 -5.637  1.00 48.94 ? 12  HIS A O   1 
ATOM   42   C CB  . HIS A 1 12  ? 1.007   -24.002 -3.197  1.00 36.78 ? 12  HIS A CB  1 
ATOM   43   C CG  . HIS A 1 12  ? 1.990   -23.161 -2.442  1.00 29.45 ? 12  HIS A CG  1 
ATOM   44   N ND1 . HIS A 1 12  ? 3.279   -23.573 -2.185  1.00 33.56 ? 12  HIS A ND1 1 
ATOM   45   C CD2 . HIS A 1 12  ? 1.883   -21.914 -1.925  1.00 28.61 ? 12  HIS A CD2 1 
ATOM   46   C CE1 . HIS A 1 12  ? 3.920   -22.621 -1.526  1.00 30.67 ? 12  HIS A CE1 1 
ATOM   47   N NE2 . HIS A 1 12  ? 3.095   -21.605 -1.356  1.00 29.31 ? 12  HIS A NE2 1 
ATOM   48   N N   . GLN A 1 13  ? 2.921   -22.471 -5.356  1.00 27.39 ? 13  GLN A N   1 
ATOM   49   C CA  . GLN A 1 13  ? 4.310   -22.366 -5.774  1.00 37.10 ? 13  GLN A CA  1 
ATOM   50   C C   . GLN A 1 13  ? 5.056   -21.446 -4.825  1.00 36.25 ? 13  GLN A C   1 
ATOM   51   O O   . GLN A 1 13  ? 4.541   -20.410 -4.426  1.00 35.24 ? 13  GLN A O   1 
ATOM   52   C CB  . GLN A 1 13  ? 4.419   -21.842 -7.206  1.00 35.12 ? 13  GLN A CB  1 
ATOM   53   C CG  . GLN A 1 13  ? 4.117   -22.873 -8.269  1.00 60.82 ? 13  GLN A CG  1 
ATOM   54   C CD  . GLN A 1 13  ? 4.548   -22.416 -9.647  1.00 74.18 ? 13  GLN A CD  1 
ATOM   55   O OE1 . GLN A 1 13  ? 4.835   -21.236 -9.864  1.00 68.04 ? 13  GLN A OE1 1 
ATOM   56   N NE2 . GLN A 1 13  ? 4.597   -23.350 -10.591 1.00 75.67 ? 13  GLN A NE2 1 
ATOM   57   N N   . ALA A 1 14  ? 6.269   -21.833 -4.459  1.00 38.37 ? 14  ALA A N   1 
ATOM   58   C CA  . ALA A 1 14  ? 7.070   -21.029 -3.549  1.00 42.71 ? 14  ALA A CA  1 
ATOM   59   C C   . ALA A 1 14  ? 7.308   -19.641 -4.130  1.00 49.84 ? 14  ALA A C   1 
ATOM   60   O O   . ALA A 1 14  ? 7.447   -19.480 -5.341  1.00 37.92 ? 14  ALA A O   1 
ATOM   61   C CB  . ALA A 1 14  ? 8.394   -21.721 -3.265  1.00 49.11 ? 14  ALA A CB  1 
ATOM   62   N N   . ILE A 1 15  ? 7.337   -18.636 -3.265  1.00 42.09 ? 15  ILE A N   1 
ATOM   63   C CA  . ILE A 1 15  ? 7.746   -17.300 -3.673  1.00 44.09 ? 15  ILE A CA  1 
ATOM   64   C C   . ILE A 1 15  ? 9.104   -17.405 -4.365  1.00 41.51 ? 15  ILE A C   1 
ATOM   65   O O   . ILE A 1 15  ? 9.949   -18.199 -3.953  1.00 41.57 ? 15  ILE A O   1 
ATOM   66   C CB  . ILE A 1 15  ? 7.842   -16.369 -2.447  1.00 35.48 ? 15  ILE A CB  1 
ATOM   67   C CG1 . ILE A 1 15  ? 8.106   -14.923 -2.870  1.00 44.09 ? 15  ILE A CG1 1 
ATOM   68   C CG2 . ILE A 1 15  ? 8.910   -16.870 -1.498  1.00 41.03 ? 15  ILE A CG2 1 
ATOM   69   C CD1 . ILE A 1 15  ? 7.740   -13.907 -1.802  1.00 43.81 ? 15  ILE A CD1 1 
ATOM   70   N N   . SER A 1 16  ? 9.315   -16.631 -5.426  1.00 29.20 ? 16  SER A N   1 
ATOM   71   C CA  . SER A 1 16  ? 10.583  -16.701 -6.140  1.00 29.67 ? 16  SER A CA  1 
ATOM   72   C C   . SER A 1 16  ? 11.609  -15.740 -5.548  1.00 32.23 ? 16  SER A C   1 
ATOM   73   O O   . SER A 1 16  ? 11.248  -14.683 -5.031  1.00 31.03 ? 16  SER A O   1 
ATOM   74   C CB  . SER A 1 16  ? 10.390  -16.434 -7.639  1.00 36.24 ? 16  SER A CB  1 
ATOM   75   O OG  . SER A 1 16  ? 10.203  -15.057 -7.903  1.00 39.97 ? 16  SER A OG  1 
ATOM   76   N N   . PRO A 1 17  ? 12.897  -16.116 -5.611  1.00 34.53 ? 17  PRO A N   1 
ATOM   77   C CA  . PRO A 1 17  ? 13.973  -15.257 -5.108  1.00 37.42 ? 17  PRO A CA  1 
ATOM   78   C C   . PRO A 1 17  ? 13.989  -13.938 -5.857  1.00 34.57 ? 17  PRO A C   1 
ATOM   79   O O   . PRO A 1 17  ? 14.305  -12.903 -5.265  1.00 27.96 ? 17  PRO A O   1 
ATOM   80   C CB  . PRO A 1 17  ? 15.244  -16.051 -5.422  1.00 35.28 ? 17  PRO A CB  1 
ATOM   81   C CG  . PRO A 1 17  ? 14.792  -17.463 -5.563  1.00 34.60 ? 17  PRO A CG  1 
ATOM   82   C CD  . PRO A 1 17  ? 13.408  -17.393 -6.137  1.00 32.66 ? 17  PRO A CD  1 
ATOM   83   N N   . ARG A 1 18  ? 13.652  -13.979 -7.142  1.00 31.40 ? 18  ARG A N   1 
ATOM   84   C CA  . ARG A 1 18  ? 13.565  -12.765 -7.942  1.00 31.81 ? 18  ARG A CA  1 
ATOM   85   C C   . ARG A 1 18  ? 12.536  -11.808 -7.347  1.00 26.93 ? 18  ARG A C   1 
ATOM   86   O O   . ARG A 1 18  ? 12.807  -10.624 -7.165  1.00 35.17 ? 18  ARG A O   1 
ATOM   87   C CB  . ARG A 1 18  ? 13.189  -13.096 -9.390  1.00 40.25 ? 18  ARG A CB  1 
ATOM   88   C CG  . ARG A 1 18  ? 14.216  -13.933 -10.133 1.00 49.67 ? 18  ARG A CG  1 
ATOM   89   C CD  . ARG A 1 18  ? 14.031  -13.798 -11.638 1.00 62.31 ? 18  ARG A CD  1 
ATOM   90   N NE  . ARG A 1 18  ? 14.118  -12.401 -12.060 1.00 68.22 ? 18  ARG A NE  1 
ATOM   91   C CZ  . ARG A 1 18  ? 15.178  -11.863 -12.655 1.00 63.74 ? 18  ARG A CZ  1 
ATOM   92   N NH1 . ARG A 1 18  ? 16.243  -12.606 -12.918 1.00 60.82 ? 18  ARG A NH1 1 
ATOM   93   N NH2 . ARG A 1 18  ? 15.169  -10.581 -12.998 1.00 54.53 ? 18  ARG A NH2 1 
ATOM   94   N N   . THR A 1 19  ? 11.349  -12.328 -7.048  1.00 28.59 ? 19  THR A N   1 
ATOM   95   C CA  . THR A 1 19  ? 10.300  -11.525 -6.422  1.00 34.00 ? 19  THR A CA  1 
ATOM   96   C C   . THR A 1 19  ? 10.770  -10.932 -5.088  1.00 38.39 ? 19  THR A C   1 
ATOM   97   O O   . THR A 1 19  ? 10.730  -9.712  -4.895  1.00 25.94 ? 19  THR A O   1 
ATOM   98   C CB  . THR A 1 19  ? 9.016   -12.341 -6.226  1.00 35.86 ? 19  THR A CB  1 
ATOM   99   O OG1 . THR A 1 19  ? 8.494   -12.712 -7.509  1.00 36.53 ? 19  THR A OG1 1 
ATOM   100  C CG2 . THR A 1 19  ? 7.958   -11.530 -5.460  1.00 34.02 ? 19  THR A CG2 1 
ATOM   101  N N   . LEU A 1 20  ? 11.220  -11.796 -4.178  1.00 32.86 ? 20  LEU A N   1 
ATOM   102  C CA  . LEU A 1 20  ? 11.762  -11.355 -2.891  1.00 25.08 ? 20  LEU A CA  1 
ATOM   103  C C   . LEU A 1 20  ? 12.809  -10.268 -3.069  1.00 29.35 ? 20  LEU A C   1 
ATOM   104  O O   . LEU A 1 20  ? 12.751  -9.222  -2.426  1.00 28.42 ? 20  LEU A O   1 
ATOM   105  C CB  . LEU A 1 20  ? 12.406  -12.526 -2.145  1.00 28.82 ? 20  LEU A CB  1 
ATOM   106  C CG  . LEU A 1 20  ? 11.507  -13.557 -1.476  1.00 37.33 ? 20  LEU A CG  1 
ATOM   107  C CD1 . LEU A 1 20  ? 12.287  -14.849 -1.284  1.00 39.33 ? 20  LEU A CD1 1 
ATOM   108  C CD2 . LEU A 1 20  ? 10.977  -13.015 -0.149  1.00 27.29 ? 20  LEU A CD2 1 
ATOM   109  N N   . ASN A 1 21  ? 13.783  -10.524 -3.930  1.00 29.34 ? 21  ASN A N   1 
ATOM   110  C CA  . ASN A 1 21  ? 14.871  -9.576  -4.113  1.00 34.93 ? 21  ASN A CA  1 
ATOM   111  C C   . ASN A 1 21  ? 14.381  -8.244  -4.668  1.00 29.72 ? 21  ASN A C   1 
ATOM   112  O O   . ASN A 1 21  ? 14.873  -7.187  -4.277  1.00 27.96 ? 21  ASN A O   1 
ATOM   113  C CB  . ASN A 1 21  ? 15.961  -10.164 -5.009  1.00 36.91 ? 21  ASN A CB  1 
ATOM   114  C CG  . ASN A 1 21  ? 17.216  -9.317  -5.024  1.00 47.55 ? 21  ASN A CG  1 
ATOM   115  O OD1 . ASN A 1 21  ? 17.830  -9.076  -3.983  1.00 51.29 ? 21  ASN A OD1 1 
ATOM   116  N ND2 . ASN A 1 21  ? 17.606  -8.859  -6.208  1.00 52.22 ? 21  ASN A ND2 1 
ATOM   117  N N   . ALA A 1 22  ? 13.407  -8.297  -5.575  1.00 33.61 ? 22  ALA A N   1 
ATOM   118  C CA  . ALA A 1 22  ? 12.858  -7.080  -6.175  1.00 33.71 ? 22  ALA A CA  1 
ATOM   119  C C   . ALA A 1 22  ? 12.219  -6.206  -5.106  1.00 31.21 ? 22  ALA A C   1 
ATOM   120  O O   . ALA A 1 22  ? 12.422  -4.988  -5.074  1.00 27.83 ? 22  ALA A O   1 
ATOM   121  C CB  . ALA A 1 22  ? 11.845  -7.420  -7.241  1.00 29.69 ? 22  ALA A CB  1 
ATOM   122  N N   . TRP A 1 23  ? 11.451  -6.842  -4.228  1.00 22.67 ? 23  TRP A N   1 
ATOM   123  C CA  . TRP A 1 23  ? 10.747  -6.134  -3.173  1.00 20.21 ? 23  TRP A CA  1 
ATOM   124  C C   . TRP A 1 23  ? 11.733  -5.493  -2.209  1.00 23.27 ? 23  TRP A C   1 
ATOM   125  O O   . TRP A 1 23  ? 11.665  -4.301  -1.924  1.00 21.15 ? 23  TRP A O   1 
ATOM   126  C CB  . TRP A 1 23  ? 9.848   -7.101  -2.410  1.00 24.04 ? 23  TRP A CB  1 
ATOM   127  C CG  . TRP A 1 23  ? 9.312   -6.525  -1.138  1.00 22.15 ? 23  TRP A CG  1 
ATOM   128  C CD1 . TRP A 1 23  ? 9.558   -6.966  0.132   1.00 20.75 ? 23  TRP A CD1 1 
ATOM   129  C CD2 . TRP A 1 23  ? 8.451   -5.392  -1.011  1.00 22.64 ? 23  TRP A CD2 1 
ATOM   130  N NE1 . TRP A 1 23  ? 8.891   -6.182  1.042   1.00 21.99 ? 23  TRP A NE1 1 
ATOM   131  C CE2 . TRP A 1 23  ? 8.202   -5.207  0.363   1.00 29.23 ? 23  TRP A CE2 1 
ATOM   132  C CE3 . TRP A 1 23  ? 7.855   -4.521  -1.930  1.00 28.53 ? 23  TRP A CE3 1 
ATOM   133  C CZ2 . TRP A 1 23  ? 7.392   -4.181  0.842   1.00 28.60 ? 23  TRP A CZ2 1 
ATOM   134  C CZ3 . TRP A 1 23  ? 7.048   -3.500  -1.451  1.00 27.42 ? 23  TRP A CZ3 1 
ATOM   135  C CH2 . TRP A 1 23  ? 6.822   -3.342  -0.079  1.00 20.94 ? 23  TRP A CH2 1 
ATOM   136  N N   . VAL A 1 24  ? 12.654  -6.302  -1.701  1.00 24.19 ? 24  VAL A N   1 
ATOM   137  C CA  . VAL A 1 24  ? 13.641  -5.812  -0.754  1.00 17.64 ? 24  VAL A CA  1 
ATOM   138  C C   . VAL A 1 24  ? 14.460  -4.649  -1.315  1.00 30.97 ? 24  VAL A C   1 
ATOM   139  O O   . VAL A 1 24  ? 14.838  -3.740  -0.580  1.00 26.49 ? 24  VAL A O   1 
ATOM   140  C CB  . VAL A 1 24  ? 14.564  -6.952  -0.296  1.00 30.97 ? 24  VAL A CB  1 
ATOM   141  C CG1 . VAL A 1 24  ? 15.658  -6.415  0.592   1.00 33.62 ? 24  VAL A CG1 1 
ATOM   142  C CG2 . VAL A 1 24  ? 13.742  -8.004  0.427   1.00 24.12 ? 24  VAL A CG2 1 
ATOM   143  N N   . LYS A 1 25  ? 14.719  -4.672  -2.619  1.00 27.22 ? 25  LYS A N   1 
ATOM   144  C CA  . LYS A 1 25  ? 15.481  -3.604  -3.258  1.00 31.88 ? 25  LYS A CA  1 
ATOM   145  C C   . LYS A 1 25  ? 14.642  -2.344  -3.410  1.00 26.47 ? 25  LYS A C   1 
ATOM   146  O O   . LYS A 1 25  ? 15.138  -1.231  -3.226  1.00 38.89 ? 25  LYS A O   1 
ATOM   147  C CB  . LYS A 1 25  ? 16.013  -4.052  -4.619  1.00 30.11 ? 25  LYS A CB  1 
ATOM   148  C CG  . LYS A 1 25  ? 17.101  -5.120  -4.529  1.00 38.99 ? 25  LYS A CG  1 
ATOM   149  C CD  . LYS A 1 25  ? 18.134  -4.747  -3.478  1.00 47.59 ? 25  LYS A CD  1 
ATOM   150  C CE  . LYS A 1 25  ? 19.116  -5.883  -3.235  1.00 68.15 ? 25  LYS A CE  1 
ATOM   151  N NZ  . LYS A 1 25  ? 20.070  -5.546  -2.143  1.00 74.83 ? 25  LYS A NZ  1 
ATOM   152  N N   . VAL A 1 26  ? 13.368  -2.517  -3.737  1.00 29.80 ? 26  VAL A N   1 
ATOM   153  C CA  . VAL A 1 26  ? 12.464  -1.379  -3.826  1.00 20.67 ? 26  VAL A CA  1 
ATOM   154  C C   . VAL A 1 26  ? 12.406  -0.644  -2.498  1.00 27.40 ? 26  VAL A C   1 
ATOM   155  O O   . VAL A 1 26  ? 12.540  0.577   -2.452  1.00 35.26 ? 26  VAL A O   1 
ATOM   156  C CB  . VAL A 1 26  ? 11.036  -1.797  -4.253  1.00 29.69 ? 26  VAL A CB  1 
ATOM   157  C CG1 . VAL A 1 26  ? 10.088  -0.626  -4.122  1.00 34.18 ? 26  VAL A CG1 1 
ATOM   158  C CG2 . VAL A 1 26  ? 11.041  -2.325  -5.685  1.00 27.66 ? 26  VAL A CG2 1 
ATOM   159  N N   . VAL A 1 27  ? 12.218  -1.388  -1.411  1.00 23.90 ? 27  VAL A N   1 
ATOM   160  C CA  . VAL A 1 27  ? 12.125  -0.767  -0.096  1.00 24.58 ? 27  VAL A CA  1 
ATOM   161  C C   . VAL A 1 27  ? 13.445  -0.111  0.297   1.00 32.87 ? 27  VAL A C   1 
ATOM   162  O O   . VAL A 1 27  ? 13.456  0.876   1.028   1.00 42.73 ? 27  VAL A O   1 
ATOM   163  C CB  . VAL A 1 27  ? 11.689  -1.766  0.986   1.00 23.79 ? 27  VAL A CB  1 
ATOM   164  C CG1 . VAL A 1 27  ? 11.599  -1.076  2.350   1.00 32.96 ? 27  VAL A CG1 1 
ATOM   165  C CG2 . VAL A 1 27  ? 10.364  -2.396  0.618   1.00 21.73 ? 27  VAL A CG2 1 
ATOM   166  N N   . GLU A 1 28  ? 14.554  -0.662  -0.194  1.00 32.54 ? 28  GLU A N   1 
ATOM   167  C CA  . GLU A 1 28  ? 15.877  -0.083  0.047   1.00 42.71 ? 28  GLU A CA  1 
ATOM   168  C C   . GLU A 1 28  ? 16.041  1.246   -0.683  1.00 36.19 ? 28  GLU A C   1 
ATOM   169  O O   . GLU A 1 28  ? 16.511  2.231   -0.117  1.00 41.06 ? 28  GLU A O   1 
ATOM   170  C CB  . GLU A 1 28  ? 16.987  -1.040  -0.408  1.00 45.54 ? 28  GLU A CB  1 
ATOM   171  C CG  . GLU A 1 28  ? 17.208  -2.243  0.495   1.00 45.12 ? 28  GLU A CG  1 
ATOM   172  C CD  . GLU A 1 28  ? 18.371  -3.111  0.035   1.00 63.64 ? 28  GLU A CD  1 
ATOM   173  O OE1 . GLU A 1 28  ? 18.917  -2.850  -1.059  1.00 69.94 ? 28  GLU A OE1 1 
ATOM   174  O OE2 . GLU A 1 28  ? 18.739  -4.055  0.766   1.00 54.25 ? 28  GLU A OE2 1 
ATOM   175  N N   . GLU A 1 29  ? 15.657  1.266   -1.952  1.00 36.42 ? 29  GLU A N   1 
ATOM   176  C CA  . GLU A 1 29  ? 15.909  2.427   -2.790  1.00 36.39 ? 29  GLU A CA  1 
ATOM   177  C C   . GLU A 1 29  ? 14.834  3.507   -2.656  1.00 39.81 ? 29  GLU A C   1 
ATOM   178  O O   . GLU A 1 29  ? 15.155  4.695   -2.628  1.00 40.44 ? 29  GLU A O   1 
ATOM   179  C CB  A GLU A 1 29  ? 16.066  2.017   -4.254  0.60 40.39 ? 29  GLU A CB  1 
ATOM   180  C CB  B GLU A 1 29  ? 16.056  1.993   -4.249  0.40 40.35 ? 29  GLU A CB  1 
ATOM   181  C CG  A GLU A 1 29  ? 14.797  1.494   -4.904  0.60 39.82 ? 29  GLU A CG  1 
ATOM   182  C CG  B GLU A 1 29  ? 17.184  0.993   -4.483  0.40 37.90 ? 29  GLU A CG  1 
ATOM   183  C CD  A GLU A 1 29  ? 14.849  1.585   -6.415  0.60 43.30 ? 29  GLU A CD  1 
ATOM   184  C CD  B GLU A 1 29  ? 16.967  0.152   -5.725  0.40 35.19 ? 29  GLU A CD  1 
ATOM   185  O OE1 A GLU A 1 29  ? 15.653  2.390   -6.931  0.60 49.79 ? 29  GLU A OE1 1 
ATOM   186  O OE1 B GLU A 1 29  ? 15.923  0.329   -6.386  0.40 46.17 ? 29  GLU A OE1 1 
ATOM   187  O OE2 A GLU A 1 29  ? 14.086  0.856   -7.085  0.60 38.08 ? 29  GLU A OE2 1 
ATOM   188  O OE2 B GLU A 1 29  ? 17.836  -0.688  -6.039  0.40 34.75 ? 29  GLU A OE2 1 
ATOM   189  N N   . LYS A 1 30  ? 13.568  3.101   -2.562  1.00 30.45 ? 30  LYS A N   1 
ATOM   190  C CA  . LYS A 1 30  ? 12.456  4.062   -2.566  1.00 25.03 ? 30  LYS A CA  1 
ATOM   191  C C   . LYS A 1 30  ? 11.977  4.421   -1.165  1.00 35.41 ? 30  LYS A C   1 
ATOM   192  O O   . LYS A 1 30  ? 11.245  5.402   -0.978  1.00 30.95 ? 30  LYS A O   1 
ATOM   193  C CB  . LYS A 1 30  ? 11.280  3.527   -3.393  1.00 26.39 ? 30  LYS A CB  1 
ATOM   194  C CG  . LYS A 1 30  ? 11.563  3.374   -4.888  1.00 31.80 ? 30  LYS A CG  1 
ATOM   195  C CD  . LYS A 1 30  ? 12.048  4.672   -5.507  1.00 45.24 ? 30  LYS A CD  1 
ATOM   196  C CE  . LYS A 1 30  ? 12.050  4.604   -7.030  1.00 46.46 ? 30  LYS A CE  1 
ATOM   197  N NZ  . LYS A 1 30  ? 10.671  4.496   -7.616  1.00 43.88 ? 30  LYS A NZ  1 
ATOM   198  N N   . ALA A 1 31  ? 12.400  3.631   -0.180  1.00 31.23 ? 31  ALA A N   1 
ATOM   199  C CA  . ALA A 1 31  ? 11.875  3.753   1.177   1.00 27.74 ? 31  ALA A CA  1 
ATOM   200  C C   . ALA A 1 31  ? 10.357  3.569   1.154   1.00 39.94 ? 31  ALA A C   1 
ATOM   201  O O   . ALA A 1 31  ? 9.867   2.508   0.755   1.00 36.17 ? 31  ALA A O   1 
ATOM   202  C CB  . ALA A 1 31  ? 12.254  5.091   1.793   1.00 31.02 ? 31  ALA A CB  1 
ATOM   203  N N   . PHE A 1 32  ? 9.618   4.595   1.571   1.00 20.49 ? 32  PHE A N   1 
ATOM   204  C CA  . PHE A 1 32  ? 8.150   4.535   1.552   1.00 20.95 ? 32  PHE A CA  1 
ATOM   205  C C   . PHE A 1 32  ? 7.506   5.623   0.695   1.00 20.67 ? 32  PHE A C   1 
ATOM   206  O O   . PHE A 1 32  ? 6.463   6.181   1.045   1.00 18.94 ? 32  PHE A O   1 
ATOM   207  C CB  . PHE A 1 32  ? 7.576   4.511   2.966   1.00 22.59 ? 32  PHE A CB  1 
ATOM   208  C CG  . PHE A 1 32  ? 7.917   3.259   3.708   1.00 24.99 ? 32  PHE A CG  1 
ATOM   209  C CD1 . PHE A 1 32  ? 7.229   2.082   3.448   1.00 22.88 ? 32  PHE A CD1 1 
ATOM   210  C CD2 . PHE A 1 32  ? 8.963   3.241   4.620   1.00 27.97 ? 32  PHE A CD2 1 
ATOM   211  C CE1 . PHE A 1 32  ? 7.559   0.911   4.111   1.00 34.21 ? 32  PHE A CE1 1 
ATOM   212  C CE2 . PHE A 1 32  ? 9.298   2.073   5.286   1.00 27.44 ? 32  PHE A CE2 1 
ATOM   213  C CZ  . PHE A 1 32  ? 8.596   0.909   5.033   1.00 24.61 ? 32  PHE A CZ  1 
ATOM   214  N N   . SER A 1 33  ? 8.139   5.902   -0.439  1.00 20.61 ? 33  SER A N   1 
ATOM   215  C CA  . SER A 1 33  ? 7.510   6.690   -1.489  1.00 20.55 ? 33  SER A CA  1 
ATOM   216  C C   . SER A 1 33  ? 6.216   5.973   -1.872  1.00 21.40 ? 33  SER A C   1 
ATOM   217  O O   . SER A 1 33  ? 6.135   4.742   -1.768  1.00 17.04 ? 33  SER A O   1 
ATOM   218  C CB  . SER A 1 33  ? 8.461   6.797   -2.689  1.00 22.79 ? 33  SER A CB  1 
ATOM   219  O OG  . SER A 1 33  ? 8.098   7.877   -3.544  1.00 28.57 ? 33  SER A OG  1 
ATOM   220  N N   . PRO A 1 34  ? 5.191   6.729   -2.305  1.00 16.37 ? 34  PRO A N   1 
ATOM   221  C CA  . PRO A 1 34  ? 3.866   6.131   -2.536  1.00 16.61 ? 34  PRO A CA  1 
ATOM   222  C C   . PRO A 1 34  ? 3.850   4.946   -3.508  1.00 15.93 ? 34  PRO A C   1 
ATOM   223  O O   . PRO A 1 34  ? 3.020   4.055   -3.341  1.00 16.60 ? 34  PRO A O   1 
ATOM   224  C CB  . PRO A 1 34  ? 3.039   7.286   -3.128  1.00 16.77 ? 34  PRO A CB  1 
ATOM   225  C CG  . PRO A 1 34  ? 3.764   8.530   -2.782  1.00 21.10 ? 34  PRO A CG  1 
ATOM   226  C CD  . PRO A 1 34  ? 5.204   8.191   -2.494  1.00 16.71 ? 34  PRO A CD  1 
ATOM   227  N N   . GLU A 1 35  ? 4.713   4.946   -4.522  1.00 15.17 ? 35  GLU A N   1 
ATOM   228  C CA  . GLU A 1 35  ? 4.657   3.888   -5.544  1.00 16.72 ? 35  GLU A CA  1 
ATOM   229  C C   . GLU A 1 35  ? 5.056   2.518   -4.991  1.00 19.59 ? 35  GLU A C   1 
ATOM   230  O O   . GLU A 1 35  ? 4.903   1.490   -5.661  1.00 16.17 ? 35  GLU A O   1 
ATOM   231  C CB  . GLU A 1 35  ? 5.501   4.244   -6.776  1.00 17.04 ? 35  GLU A CB  1 
ATOM   232  C CG  . GLU A 1 35  ? 7.012   4.275   -6.550  1.00 18.66 ? 35  GLU A CG  1 
ATOM   233  C CD  . GLU A 1 35  ? 7.507   5.597   -5.972  1.00 28.18 ? 35  GLU A CD  1 
ATOM   234  O OE1 . GLU A 1 35  ? 6.680   6.404   -5.479  1.00 18.54 ? 35  GLU A OE1 1 
ATOM   235  O OE2 . GLU A 1 35  ? 8.735   5.834   -6.013  1.00 27.46 ? 35  GLU A OE2 1 
ATOM   236  N N   . VAL A 1 36  ? 5.547   2.500   -3.758  1.00 16.31 ? 36  VAL A N   1 
ATOM   237  C CA  . VAL A 1 36  ? 5.931   1.235   -3.132  1.00 20.26 ? 36  VAL A CA  1 
ATOM   238  C C   . VAL A 1 36  ? 4.705   0.368   -2.852  1.00 17.84 ? 36  VAL A C   1 
ATOM   239  O O   . VAL A 1 36  ? 4.779   -0.858  -2.904  1.00 22.47 ? 36  VAL A O   1 
ATOM   240  C CB  . VAL A 1 36  ? 6.771   1.468   -1.848  1.00 25.76 ? 36  VAL A CB  1 
ATOM   241  C CG1 . VAL A 1 36  ? 6.920   0.183   -1.043  1.00 28.50 ? 36  VAL A CG1 1 
ATOM   242  C CG2 . VAL A 1 36  ? 8.142   2.028   -2.219  1.00 25.91 ? 36  VAL A CG2 1 
ATOM   243  N N   . ILE A 1 37  ? 3.562   0.998   -2.589  1.00 19.26 ? 37  ILE A N   1 
ATOM   244  C CA  . ILE A 1 37  ? 2.343   0.244   -2.293  1.00 15.67 ? 37  ILE A CA  1 
ATOM   245  C C   . ILE A 1 37  ? 1.847   -0.542  -3.512  1.00 19.39 ? 37  ILE A C   1 
ATOM   246  O O   . ILE A 1 37  ? 1.563   -1.729  -3.405  1.00 16.13 ? 37  ILE A O   1 
ATOM   247  C CB  . ILE A 1 37  ? 1.203   1.132   -1.731  1.00 19.70 ? 37  ILE A CB  1 
ATOM   248  C CG1 . ILE A 1 37  ? 1.687   1.982   -0.544  1.00 18.72 ? 37  ILE A CG1 1 
ATOM   249  C CG2 . ILE A 1 37  ? -0.008  0.291   -1.371  1.00 19.75 ? 37  ILE A CG2 1 
ATOM   250  C CD1 . ILE A 1 37  ? 2.580   1.245   0.425   1.00 38.26 ? 37  ILE A CD1 1 
ATOM   251  N N   . PRO A 1 38  ? 1.724   0.123   -4.675  1.00 16.85 ? 38  PRO A N   1 
ATOM   252  C CA  . PRO A 1 38  ? 1.378   -0.639  -5.876  1.00 19.36 ? 38  PRO A CA  1 
ATOM   253  C C   . PRO A 1 38  ? 2.412   -1.726  -6.161  1.00 13.68 ? 38  PRO A C   1 
ATOM   254  O O   . PRO A 1 38  ? 2.017   -2.794  -6.612  1.00 18.88 ? 38  PRO A O   1 
ATOM   255  C CB  . PRO A 1 38  ? 1.405   0.409   -6.996  1.00 17.03 ? 38  PRO A CB  1 
ATOM   256  C CG  . PRO A 1 38  ? 1.197   1.710   -6.315  1.00 22.73 ? 38  PRO A CG  1 
ATOM   257  C CD  . PRO A 1 38  ? 1.720   1.578   -4.907  1.00 19.21 ? 38  PRO A CD  1 
ATOM   258  N N   . MET A 1 39  ? 3.699   -1.467  -5.935  1.00 11.48 ? 39  MET A N   1 
ATOM   259  C CA  . MET A 1 39  ? 4.692   -2.517  -6.171  1.00 16.94 ? 39  MET A CA  1 
ATOM   260  C C   . MET A 1 39  ? 4.424   -3.724  -5.275  1.00 17.56 ? 39  MET A C   1 
ATOM   261  O O   . MET A 1 39  ? 4.413   -4.869  -5.743  1.00 16.67 ? 39  MET A O   1 
ATOM   262  C CB  . MET A 1 39  ? 6.128   -2.005  -5.973  1.00 18.44 ? 39  MET A CB  1 
ATOM   263  C CG  . MET A 1 39  ? 7.203   -3.043  -6.364  1.00 22.87 ? 39  MET A CG  1 
ATOM   264  S SD  . MET A 1 39  ? 7.216   -3.442  -8.130  1.00 32.29 ? 39  MET A SD  1 
ATOM   265  C CE  . MET A 1 39  ? 7.927   -1.936  -8.801  1.00 32.47 ? 39  MET A CE  1 
ATOM   266  N N   . PHE A 1 40  ? 4.180   -3.467  -3.995  1.00 16.85 ? 40  PHE A N   1 
ATOM   267  C CA  . PHE A 1 40  ? 3.850   -4.548  -3.060  1.00 21.56 ? 40  PHE A CA  1 
ATOM   268  C C   . PHE A 1 40  ? 2.668   -5.361  -3.556  1.00 24.28 ? 40  PHE A C   1 
ATOM   269  O O   . PHE A 1 40  ? 2.692   -6.600  -3.547  1.00 20.29 ? 40  PHE A O   1 
ATOM   270  C CB  . PHE A 1 40  ? 3.519   -4.007  -1.659  1.00 18.35 ? 40  PHE A CB  1 
ATOM   271  C CG  . PHE A 1 40  ? 3.195   -5.096  -0.656  1.00 19.05 ? 40  PHE A CG  1 
ATOM   272  C CD1 . PHE A 1 40  ? 4.212   -5.784  -0.024  1.00 26.68 ? 40  PHE A CD1 1 
ATOM   273  C CD2 . PHE A 1 40  ? 1.881   -5.433  -0.363  1.00 25.50 ? 40  PHE A CD2 1 
ATOM   274  C CE1 . PHE A 1 40  ? 3.936   -6.792  0.891   1.00 27.09 ? 40  PHE A CE1 1 
ATOM   275  C CE2 . PHE A 1 40  ? 1.589   -6.448  0.559   1.00 18.87 ? 40  PHE A CE2 1 
ATOM   276  C CZ  . PHE A 1 40  ? 2.630   -7.121  1.184   1.00 19.84 ? 40  PHE A CZ  1 
ATOM   277  N N   . SER A 1 41  ? 1.624   -4.660  -3.986  1.00 16.01 ? 41  SER A N   1 
ATOM   278  C CA  . SER A 1 41  ? 0.399   -5.322  -4.415  1.00 16.85 ? 41  SER A CA  1 
ATOM   279  C C   . SER A 1 41  ? 0.636   -6.106  -5.694  1.00 25.67 ? 41  SER A C   1 
ATOM   280  O O   . SER A 1 41  ? 0.067   -7.184  -5.889  1.00 26.70 ? 41  SER A O   1 
ATOM   281  C CB  . SER A 1 41  ? -0.719  -4.304  -4.624  1.00 22.26 ? 41  SER A CB  1 
ATOM   282  O OG  . SER A 1 41  ? -1.944  -4.955  -4.895  1.00 46.80 ? 41  SER A OG  1 
ATOM   283  N N   . CYS A 1 42  ? 1.477   -5.566  -6.568  1.00 20.04 ? 42  CYS A N   1 
ATOM   284  C CA  . CYS A 1 42  ? 1.735   -6.224  -7.846  1.00 19.56 ? 42  CYS A CA  1 
ATOM   285  C C   . CYS A 1 42  ? 2.649   -7.438  -7.703  1.00 26.33 ? 42  CYS A C   1 
ATOM   286  O O   . CYS A 1 42  ? 2.534   -8.386  -8.470  1.00 32.29 ? 42  CYS A O   1 
ATOM   287  C CB  . CYS A 1 42  ? 2.278   -5.235  -8.878  1.00 20.27 ? 42  CYS A CB  1 
ATOM   288  S SG  A CYS A 1 42  ? 1.009   -4.069  -9.478  0.80 44.96 ? 42  CYS A SG  1 
ATOM   289  S SG  B CYS A 1 42  ? 2.477   -5.952  -10.497 0.20 24.60 ? 42  CYS A SG  1 
ATOM   290  N N   . LEU A 1 43  ? 3.548   -7.412  -6.722  1.00 21.24 ? 43  LEU A N   1 
ATOM   291  C CA  . LEU A 1 43  ? 4.482   -8.526  -6.520  1.00 23.63 ? 43  LEU A CA  1 
ATOM   292  C C   . LEU A 1 43  ? 3.892   -9.685  -5.713  1.00 33.72 ? 43  LEU A C   1 
ATOM   293  O O   . LEU A 1 43  ? 4.476   -10.771 -5.664  1.00 26.31 ? 43  LEU A O   1 
ATOM   294  C CB  . LEU A 1 43  ? 5.765   -8.048  -5.837  1.00 15.63 ? 43  LEU A CB  1 
ATOM   295  C CG  . LEU A 1 43  ? 6.711   -7.194  -6.675  1.00 23.46 ? 43  LEU A CG  1 
ATOM   296  C CD1 . LEU A 1 43  ? 7.901   -6.766  -5.827  1.00 25.45 ? 43  LEU A CD1 1 
ATOM   297  C CD2 . LEU A 1 43  ? 7.164   -7.953  -7.920  1.00 28.86 ? 43  LEU A CD2 1 
ATOM   298  N N   . SER A 1 44  ? 2.736   -9.461  -5.095  1.00 23.41 ? 44  SER A N   1 
ATOM   299  C CA  . SER A 1 44  ? 2.159   -10.442 -4.185  1.00 26.26 ? 44  SER A CA  1 
ATOM   300  C C   . SER A 1 44  ? 0.816   -11.004 -4.649  1.00 19.72 ? 44  SER A C   1 
ATOM   301  O O   . SER A 1 44  ? -0.015  -11.393 -3.832  1.00 20.92 ? 44  SER A O   1 
ATOM   302  C CB  . SER A 1 44  ? 1.992   -9.810  -2.810  1.00 23.07 ? 44  SER A CB  1 
ATOM   303  O OG  . SER A 1 44  ? 1.061   -8.747  -2.880  1.00 27.26 ? 44  SER A OG  1 
ATOM   304  N N   . GLU A 1 45  ? 0.598   -11.055 -5.957  1.00 25.33 ? 45  GLU A N   1 
ATOM   305  C CA  . GLU A 1 45  ? -0.671  -11.560 -6.479  1.00 28.10 ? 45  GLU A CA  1 
ATOM   306  C C   . GLU A 1 45  ? -0.869  -13.031 -6.129  1.00 17.86 ? 45  GLU A C   1 
ATOM   307  O O   . GLU A 1 45  ? -0.020  -13.871 -6.433  1.00 26.32 ? 45  GLU A O   1 
ATOM   308  C CB  . GLU A 1 45  ? -0.740  -11.368 -7.998  1.00 37.54 ? 45  GLU A CB  1 
ATOM   309  C CG  . GLU A 1 45  ? -0.549  -9.923  -8.434  1.00 38.12 ? 45  GLU A CG  1 
ATOM   310  C CD  . GLU A 1 45  ? -1.793  -9.081  -8.215  1.00 60.23 ? 45  GLU A CD  1 
ATOM   311  O OE1 . GLU A 1 45  ? -2.844  -9.654  -7.846  1.00 52.30 ? 45  GLU A OE1 1 
ATOM   312  O OE2 . GLU A 1 45  ? -1.716  -7.850  -8.420  1.00 55.01 ? 45  GLU A OE2 1 
ATOM   313  N N   . GLY A 1 46  ? -1.998  -13.332 -5.498  1.00 22.01 ? 46  GLY A N   1 
ATOM   314  C CA  . GLY A 1 46  ? -2.311  -14.684 -5.069  1.00 24.67 ? 46  GLY A CA  1 
ATOM   315  C C   . GLY A 1 46  ? -1.447  -15.201 -3.925  1.00 26.87 ? 46  GLY A C   1 
ATOM   316  O O   . GLY A 1 46  ? -1.386  -16.401 -3.693  1.00 20.65 ? 46  GLY A O   1 
ATOM   317  N N   . ALA A 1 47  ? -0.775  -14.304 -3.208  1.00 19.34 ? 47  ALA A N   1 
ATOM   318  C CA  . ALA A 1 47  ? 0.137   -14.721 -2.149  1.00 18.29 ? 47  ALA A CA  1 
ATOM   319  C C   . ALA A 1 47  ? -0.607  -15.286 -0.949  1.00 14.35 ? 47  ALA A C   1 
ATOM   320  O O   . ALA A 1 47  ? -1.711  -14.846 -0.623  1.00 18.72 ? 47  ALA A O   1 
ATOM   321  C CB  . ALA A 1 47  ? 1.029   -13.554 -1.719  1.00 17.06 ? 47  ALA A CB  1 
ATOM   322  N N   . THR A 1 48  ? 0.004   -16.271 -0.292  1.00 17.71 ? 48  THR A N   1 
ATOM   323  C CA  . THR A 1 48  ? -0.508  -16.770 0.974   1.00 15.36 ? 48  THR A CA  1 
ATOM   324  C C   . THR A 1 48  ? -0.020  -15.847 2.082   1.00 16.16 ? 48  THR A C   1 
ATOM   325  O O   . THR A 1 48  ? 0.896   -15.051 1.872   1.00 16.16 ? 48  THR A O   1 
ATOM   326  C CB  . THR A 1 48  ? 0.055   -18.172 1.302   1.00 16.56 ? 48  THR A CB  1 
ATOM   327  O OG1 . THR A 1 48  ? 1.480   -18.086 1.376   1.00 19.73 ? 48  THR A OG1 1 
ATOM   328  C CG2 . THR A 1 48  ? -0.331  -19.198 0.225   1.00 21.07 ? 48  THR A CG2 1 
ATOM   329  N N   . PRO A 1 49  ? -0.610  -15.966 3.278   1.00 15.79 ? 49  PRO A N   1 
ATOM   330  C CA  . PRO A 1 49  ? -0.058  -15.220 4.415   1.00 14.07 ? 49  PRO A CA  1 
ATOM   331  C C   . PRO A 1 49  ? 1.435   -15.496 4.657   1.00 19.90 ? 49  PRO A C   1 
ATOM   332  O O   . PRO A 1 49  ? 2.198   -14.574 4.947   1.00 16.41 ? 49  PRO A O   1 
ATOM   333  C CB  . PRO A 1 49  ? -0.919  -15.698 5.572   1.00 18.10 ? 49  PRO A CB  1 
ATOM   334  C CG  . PRO A 1 49  ? -2.269  -15.907 4.910   1.00 19.74 ? 49  PRO A CG  1 
ATOM   335  C CD  . PRO A 1 49  ? -1.935  -16.533 3.586   1.00 15.63 ? 49  PRO A CD  1 
ATOM   336  N N   . GLN A 1 50  ? 1.868   -16.742 4.501   1.00 17.87 ? 50  GLN A N   1 
ATOM   337  C CA  . GLN A 1 50  ? 3.293   -17.035 4.647   1.00 17.49 ? 50  GLN A CA  1 
ATOM   338  C C   . GLN A 1 50  ? 4.141   -16.241 3.645   1.00 15.54 ? 50  GLN A C   1 
ATOM   339  O O   . GLN A 1 50  ? 5.191   -15.690 4.006   1.00 17.56 ? 50  GLN A O   1 
ATOM   340  C CB  . GLN A 1 50  ? 3.551   -18.540 4.532   1.00 18.65 ? 50  GLN A CB  1 
ATOM   341  C CG  . GLN A 1 50  ? 4.999   -18.933 4.766   1.00 24.98 ? 50  GLN A CG  1 
ATOM   342  C CD  . GLN A 1 50  ? 5.139   -20.388 5.167   1.00 44.06 ? 50  GLN A CD  1 
ATOM   343  O OE1 . GLN A 1 50  ? 4.756   -20.780 6.272   1.00 43.42 ? 50  GLN A OE1 1 
ATOM   344  N NE2 . GLN A 1 50  ? 5.687   -21.197 4.271   1.00 35.16 ? 50  GLN A NE2 1 
ATOM   345  N N   . ASP A 1 51  ? 3.683   -16.173 2.397   1.00 12.00 ? 51  ASP A N   1 
ATOM   346  C CA  . ASP A 1 51  ? 4.372   -15.408 1.357   1.00 15.69 ? 51  ASP A CA  1 
ATOM   347  C C   . ASP A 1 51  ? 4.483   -13.931 1.740   1.00 13.92 ? 51  ASP A C   1 
ATOM   348  O O   . ASP A 1 51  ? 5.529   -13.303 1.557   1.00 16.72 ? 51  ASP A O   1 
ATOM   349  C CB  . ASP A 1 51  ? 3.597   -15.471 0.037   1.00 17.52 ? 51  ASP A CB  1 
ATOM   350  C CG  . ASP A 1 51  ? 3.695   -16.820 -0.653  1.00 29.54 ? 51  ASP A CG  1 
ATOM   351  O OD1 . ASP A 1 51  ? 4.767   -17.460 -0.597  1.00 26.94 ? 51  ASP A OD1 1 
ATOM   352  O OD2 . ASP A 1 51  ? 2.692   -17.223 -1.284  1.00 25.54 ? 51  ASP A OD2 1 
ATOM   353  N N   . LEU A 1 52  ? 3.375   -13.379 2.217   1.00 17.02 ? 52  LEU A N   1 
ATOM   354  C CA  . LEU A 1 52  ? 3.316   -11.969 2.582   1.00 16.63 ? 52  LEU A CA  1 
ATOM   355  C C   . LEU A 1 52  ? 4.265   -11.672 3.726   1.00 16.70 ? 52  LEU A C   1 
ATOM   356  O O   . LEU A 1 52  ? 4.897   -10.619 3.765   1.00 17.11 ? 52  LEU A O   1 
ATOM   357  C CB  . LEU A 1 52  ? 1.891   -11.580 2.960   1.00 13.11 ? 52  LEU A CB  1 
ATOM   358  C CG  . LEU A 1 52  ? 0.911   -11.640 1.778   1.00 17.97 ? 52  LEU A CG  1 
ATOM   359  C CD1 . LEU A 1 52  ? -0.539  -11.702 2.255   1.00 15.81 ? 52  LEU A CD1 1 
ATOM   360  C CD2 . LEU A 1 52  ? 1.141   -10.472 0.828   1.00 17.19 ? 52  LEU A CD2 1 
ATOM   361  N N   . ASN A 1 53  ? 4.358   -12.607 4.665   1.00 14.59 ? 53  ASN A N   1 
ATOM   362  C CA  . ASN A 1 53  ? 5.273   -12.448 5.790   1.00 17.72 ? 53  ASN A CA  1 
ATOM   363  C C   . ASN A 1 53  ? 6.730   -12.519 5.357   1.00 17.79 ? 53  ASN A C   1 
ATOM   364  O O   . ASN A 1 53  ? 7.568   -11.803 5.891   1.00 16.70 ? 53  ASN A O   1 
ATOM   365  C CB  . ASN A 1 53  ? 4.952   -13.441 6.913   1.00 16.36 ? 53  ASN A CB  1 
ATOM   366  C CG  . ASN A 1 53  ? 3.725   -13.024 7.714   1.00 18.77 ? 53  ASN A CG  1 
ATOM   367  O OD1 . ASN A 1 53  ? 3.410   -11.835 7.803   1.00 21.02 ? 53  ASN A OD1 1 
ATOM   368  N ND2 . ASN A 1 53  ? 3.021   -13.997 8.284   1.00 16.10 ? 53  ASN A ND2 1 
ATOM   369  N N   . CYS A 1 54  ? 7.032   -13.359 4.370   1.00 16.20 ? 54  CYS A N   1 
ATOM   370  C CA  . CYS A 1 54  ? 8.370   -13.359 3.768   1.00 16.58 ? 54  CYS A CA  1 
ATOM   371  C C   . CYS A 1 54  ? 8.724   -11.983 3.210   1.00 16.91 ? 54  CYS A C   1 
ATOM   372  O O   . CYS A 1 54  ? 9.841   -11.490 3.366   1.00 17.93 ? 54  CYS A O   1 
ATOM   373  C CB  . CYS A 1 54  ? 8.450   -14.394 2.637   1.00 24.08 ? 54  CYS A CB  1 
ATOM   374  S SG  . CYS A 1 54  ? 8.474   -16.112 3.203   1.00 32.95 ? 54  CYS A SG  1 
ATOM   375  N N   . MET A 1 55  ? 7.765   -11.360 2.540   1.00 16.78 ? 55  MET A N   1 
ATOM   376  C CA  . MET A 1 55  ? 8.008   -10.045 1.968   1.00 16.51 ? 55  MET A CA  1 
ATOM   377  C C   . MET A 1 55  ? 8.300   -9.001  3.047   1.00 16.57 ? 55  MET A C   1 
ATOM   378  O O   . MET A 1 55  ? 9.279   -8.262  2.951   1.00 19.43 ? 55  MET A O   1 
ATOM   379  C CB  . MET A 1 55  ? 6.835   -9.628  1.075   1.00 17.28 ? 55  MET A CB  1 
ATOM   380  C CG  . MET A 1 55  ? 6.788   -10.433 -0.209  1.00 29.67 ? 55  MET A CG  1 
ATOM   381  S SD  . MET A 1 55  ? 5.338   -10.055 -1.197  1.00 29.71 ? 55  MET A SD  1 
ATOM   382  C CE  . MET A 1 55  ? 5.763   -8.410  -1.763  1.00 29.31 ? 55  MET A CE  1 
ATOM   383  N N   . LEU A 1 56  ? 7.466   -8.952  4.080   1.00 13.89 ? 56  LEU A N   1 
ATOM   384  C CA  . LEU A 1 56  ? 7.665   -7.989  5.149   1.00 11.69 ? 56  LEU A CA  1 
ATOM   385  C C   . LEU A 1 56  ? 8.911   -8.303  5.980   1.00 15.44 ? 56  LEU A C   1 
ATOM   386  O O   . LEU A 1 56  ? 9.697   -7.410  6.293   1.00 16.43 ? 56  LEU A O   1 
ATOM   387  C CB  . LEU A 1 56  ? 6.429   -7.928  6.047   1.00 15.39 ? 56  LEU A CB  1 
ATOM   388  C CG  . LEU A 1 56  ? 5.172   -7.469  5.293   1.00 24.37 ? 56  LEU A CG  1 
ATOM   389  C CD1 . LEU A 1 56  ? 3.931   -7.562  6.171   1.00 23.28 ? 56  LEU A CD1 1 
ATOM   390  C CD2 . LEU A 1 56  ? 5.343   -6.059  4.748   1.00 17.84 ? 56  LEU A CD2 1 
ATOM   391  N N   . ASN A 1 57  ? 9.089   -9.576  6.334   1.00 12.46 ? 57  ASN A N   1 
ATOM   392  C CA  . ASN A 1 57  ? 10.151  -9.948  7.266   1.00 16.52 ? 57  ASN A CA  1 
ATOM   393  C C   . ASN A 1 57  ? 11.584  -9.851  6.705   1.00 17.38 ? 57  ASN A C   1 
ATOM   394  O O   . ASN A 1 57  ? 12.560  -9.765  7.461   1.00 13.83 ? 57  ASN A O   1 
ATOM   395  C CB  . ASN A 1 57  ? 9.891   -11.339 7.844   1.00 12.18 ? 57  ASN A CB  1 
ATOM   396  C CG  . ASN A 1 57  ? 8.733   -11.360 8.820   1.00 20.64 ? 57  ASN A CG  1 
ATOM   397  O OD1 . ASN A 1 57  ? 8.337   -10.325 9.353   1.00 19.66 ? 57  ASN A OD1 1 
ATOM   398  N ND2 . ASN A 1 57  ? 8.178   -12.548 9.056   1.00 18.10 ? 57  ASN A ND2 1 
ATOM   399  N N   . THR A 1 58  ? 11.724  -9.857  5.388   1.00 14.39 ? 58  THR A N   1 
ATOM   400  C CA  . THR A 1 58  ? 13.063  -9.809  4.809   1.00 16.84 ? 58  THR A CA  1 
ATOM   401  C C   . THR A 1 58  ? 13.567  -8.390  4.678   1.00 17.65 ? 58  THR A C   1 
ATOM   402  O O   . THR A 1 58  ? 14.713  -8.175  4.310   1.00 13.10 ? 58  THR A O   1 
ATOM   403  C CB  . THR A 1 58  ? 13.135  -10.527 3.446   1.00 20.63 ? 58  THR A CB  1 
ATOM   404  O OG1 . THR A 1 58  ? 12.121  -10.001 2.572   1.00 19.42 ? 58  THR A OG1 1 
ATOM   405  C CG2 . THR A 1 58  ? 12.921  -12.017 3.645   1.00 18.16 ? 58  THR A CG2 1 
ATOM   406  N N   . VAL A 1 59  ? 12.705  -7.411  4.963   1.00 12.03 ? 59  VAL A N   1 
ATOM   407  C CA  . VAL A 1 59  ? 13.161  -6.027  5.013   1.00 15.92 ? 59  VAL A CA  1 
ATOM   408  C C   . VAL A 1 59  ? 14.026  -5.816  6.251   1.00 15.83 ? 59  VAL A C   1 
ATOM   409  O O   . VAL A 1 59  ? 13.604  -6.109  7.380   1.00 16.85 ? 59  VAL A O   1 
ATOM   410  C CB  . VAL A 1 59  ? 11.977  -5.049  5.059   1.00 14.34 ? 59  VAL A CB  1 
ATOM   411  C CG1 . VAL A 1 59  ? 12.473  -3.637  5.296   1.00 16.09 ? 59  VAL A CG1 1 
ATOM   412  C CG2 . VAL A 1 59  ? 11.152  -5.166  3.762   1.00 17.81 ? 59  VAL A CG2 1 
ATOM   413  N N   . GLY A 1 60  ? 15.235  -5.306  6.048   1.00 18.25 ? 60  GLY A N   1 
ATOM   414  C CA  . GLY A 1 60  ? 16.185  -5.205  7.140   1.00 21.86 ? 60  GLY A CA  1 
ATOM   415  C C   . GLY A 1 60  ? 16.114  -3.876  7.867   1.00 23.06 ? 60  GLY A C   1 
ATOM   416  O O   . GLY A 1 60  ? 16.298  -3.808  9.082   1.00 16.98 ? 60  GLY A O   1 
ATOM   417  N N   . GLY A 1 61  ? 15.853  -2.814  7.117   1.00 13.11 ? 61  GLY A N   1 
ATOM   418  C CA  . GLY A 1 61  ? 15.805  -1.480  7.692   1.00 19.85 ? 61  GLY A CA  1 
ATOM   419  C C   . GLY A 1 61  ? 14.401  -1.066  8.084   1.00 11.92 ? 61  GLY A C   1 
ATOM   420  O O   . GLY A 1 61  ? 13.501  -1.893  8.173   1.00 14.84 ? 61  GLY A O   1 
ATOM   421  N N   . HIS A 1 62  ? 14.221  0.229   8.317   1.00 13.90 ? 62  HIS A N   1 
ATOM   422  C CA  . HIS A 1 62  ? 12.896  0.789   8.569   1.00 16.37 ? 62  HIS A CA  1 
ATOM   423  C C   . HIS A 1 62  ? 12.111  0.069   9.663   1.00 18.50 ? 62  HIS A C   1 
ATOM   424  O O   . HIS A 1 62  ? 10.899  -0.084  9.544   1.00 13.56 ? 62  HIS A O   1 
ATOM   425  C CB  . HIS A 1 62  ? 12.085  0.779   7.270   1.00 13.74 ? 62  HIS A CB  1 
ATOM   426  C CG  . HIS A 1 62  ? 12.752  1.518   6.156   1.00 16.37 ? 62  HIS A CG  1 
ATOM   427  N ND1 . HIS A 1 62  ? 12.947  2.883   6.184   1.00 24.47 ? 62  HIS A ND1 1 
ATOM   428  C CD2 . HIS A 1 62  ? 13.280  1.084   4.987   1.00 26.11 ? 62  HIS A CD2 1 
ATOM   429  C CE1 . HIS A 1 62  ? 13.558  3.260   5.074   1.00 25.01 ? 62  HIS A CE1 1 
ATOM   430  N NE2 . HIS A 1 62  ? 13.772  2.188   4.332   1.00 24.44 ? 62  HIS A NE2 1 
ATOM   431  N N   . GLN A 1 63  ? 12.782  -0.365  10.732  1.00 11.59 ? 63  GLN A N   1 
ATOM   432  C CA  . GLN A 1 63  ? 12.086  -1.159  11.735  1.00 15.78 ? 63  GLN A CA  1 
ATOM   433  C C   . GLN A 1 63  ? 11.025  -0.379  12.529  1.00 13.65 ? 63  GLN A C   1 
ATOM   434  O O   . GLN A 1 63  ? 10.112  -0.984  13.087  1.00 14.40 ? 63  GLN A O   1 
ATOM   435  C CB  . GLN A 1 63  ? 13.080  -1.868  12.670  1.00 16.11 ? 63  GLN A CB  1 
ATOM   436  C CG  . GLN A 1 63  ? 13.899  -2.922  11.949  1.00 15.95 ? 63  GLN A CG  1 
ATOM   437  C CD  . GLN A 1 63  ? 13.014  -4.007  11.357  1.00 17.31 ? 63  GLN A CD  1 
ATOM   438  O OE1 . GLN A 1 63  ? 12.333  -4.735  12.081  1.00 15.77 ? 63  GLN A OE1 1 
ATOM   439  N NE2 . GLN A 1 63  ? 13.001  -4.101  10.027  1.00 17.71 ? 63  GLN A NE2 1 
ATOM   440  N N   . ALA A 1 64  ? 11.135  0.948   12.588  1.00 16.31 ? 64  ALA A N   1 
ATOM   441  C CA  . ALA A 1 64  ? 10.041  1.759   13.152  1.00 14.17 ? 64  ALA A CA  1 
ATOM   442  C C   . ALA A 1 64  ? 8.769   1.521   12.336  1.00 17.50 ? 64  ALA A C   1 
ATOM   443  O O   . ALA A 1 64  ? 7.724   1.154   12.869  1.00 15.39 ? 64  ALA A O   1 
ATOM   444  C CB  . ALA A 1 64  ? 10.416  3.255   13.139  1.00 14.93 ? 64  ALA A CB  1 
ATOM   445  N N   . ALA A 1 65  ? 8.867   1.721   11.023  1.00 18.58 ? 65  ALA A N   1 
ATOM   446  C CA  . ALA A 1 65  ? 7.746   1.448   10.134  1.00 15.03 ? 65  ALA A CA  1 
ATOM   447  C C   . ALA A 1 65  ? 7.219   0.031   10.284  1.00 17.29 ? 65  ALA A C   1 
ATOM   448  O O   . ALA A 1 65  ? 6.012   -0.186  10.298  1.00 13.13 ? 65  ALA A O   1 
ATOM   449  C CB  . ALA A 1 65  ? 8.160   1.701   8.679   1.00 12.81 ? 65  ALA A CB  1 
ATOM   450  N N   . MET A 1 66  ? 8.120   -0.946  10.364  1.00 11.92 ? 66  MET A N   1 
ATOM   451  C CA  . MET A 1 66  ? 7.681   -2.340  10.380  1.00 12.01 ? 66  MET A CA  1 
ATOM   452  C C   . MET A 1 66  ? 6.968   -2.632  11.681  1.00 14.20 ? 66  MET A C   1 
ATOM   453  O O   . MET A 1 66  ? 6.056   -3.456  11.733  1.00 12.49 ? 66  MET A O   1 
ATOM   454  C CB  . MET A 1 66  ? 8.857   -3.296  10.161  1.00 16.17 ? 66  MET A CB  1 
ATOM   455  C CG  . MET A 1 66  ? 9.598   -3.053  8.846   1.00 17.87 ? 66  MET A CG  1 
ATOM   456  S SD  . MET A 1 66  ? 8.530   -2.867  7.382   1.00 31.15 ? 66  MET A SD  1 
ATOM   457  C CE  . MET A 1 66  ? 7.673   -4.421  7.434   1.00 11.95 ? 66  MET A CE  1 
ATOM   458  N N   . GLN A 1 67  ? 7.356   -1.929  12.740  1.00 11.06 ? 67  GLN A N   1 
ATOM   459  C CA  . GLN A 1 67  ? 6.639   -2.096  14.009  1.00 15.18 ? 67  GLN A CA  1 
ATOM   460  C C   . GLN A 1 67  ? 5.249   -1.451  13.958  1.00 19.86 ? 67  GLN A C   1 
ATOM   461  O O   . GLN A 1 67  ? 4.275   -2.006  14.465  1.00 16.18 ? 67  GLN A O   1 
ATOM   462  C CB  . GLN A 1 67  ? 7.449   -1.540  15.185  1.00 15.35 ? 67  GLN A CB  1 
ATOM   463  C CG  . GLN A 1 67  ? 6.730   -1.635  16.506  1.00 22.52 ? 67  GLN A CG  1 
ATOM   464  C CD  . GLN A 1 67  ? 6.468   -3.072  16.921  1.00 31.19 ? 67  GLN A CD  1 
ATOM   465  O OE1 . GLN A 1 67  ? 7.252   -3.980  16.614  1.00 22.96 ? 67  GLN A OE1 1 
ATOM   466  N NE2 . GLN A 1 67  ? 5.367   -3.287  17.634  1.00 36.03 ? 67  GLN A NE2 1 
ATOM   467  N N   . MET A 1 68  ? 5.152   -0.284  13.332  1.00 12.67 ? 68  MET A N   1 
ATOM   468  C CA  . MET A 1 68  ? 3.856   0.356   13.139  1.00 11.96 ? 68  MET A CA  1 
ATOM   469  C C   . MET A 1 68  ? 2.937   -0.556  12.341  1.00 15.79 ? 68  MET A C   1 
ATOM   470  O O   . MET A 1 68  ? 1.734   -0.634  12.587  1.00 13.05 ? 68  MET A O   1 
ATOM   471  C CB  . MET A 1 68  ? 4.026   1.652   12.371  1.00 14.18 ? 68  MET A CB  1 
ATOM   472  C CG  . MET A 1 68  ? 4.584   2.779   13.188  1.00 23.11 ? 68  MET A CG  1 
ATOM   473  S SD  . MET A 1 68  ? 4.240   4.359   12.386  1.00 31.78 ? 68  MET A SD  1 
ATOM   474  C CE  . MET A 1 68  ? 5.567   4.417   11.202  1.00 28.12 ? 68  MET A CE  1 
ATOM   475  N N   . LEU A 1 69  ? 3.521   -1.237  11.361  1.00 15.31 ? 69  LEU A N   1 
ATOM   476  C CA  . LEU A 1 69  ? 2.767   -2.124  10.514  1.00 10.85 ? 69  LEU A CA  1 
ATOM   477  C C   . LEU A 1 69  ? 2.205   -3.302  11.310  1.00 15.73 ? 69  LEU A C   1 
ATOM   478  O O   . LEU A 1 69  ? 1.039   -3.672  11.142  1.00 17.90 ? 69  LEU A O   1 
ATOM   479  C CB  . LEU A 1 69  ? 3.657   -2.611  9.364   1.00 18.91 ? 69  LEU A CB  1 
ATOM   480  C CG  . LEU A 1 69  ? 2.966   -3.493  8.337   1.00 20.52 ? 69  LEU A CG  1 
ATOM   481  C CD1 . LEU A 1 69  ? 1.690   -2.813  7.814   1.00 16.15 ? 69  LEU A CD1 1 
ATOM   482  C CD2 . LEU A 1 69  ? 3.933   -3.816  7.181   1.00 21.08 ? 69  LEU A CD2 1 
ATOM   483  N N   . LYS A 1 70  ? 3.031   -3.895  12.169  1.00 14.33 ? 70  LYS A N   1 
ATOM   484  C CA  . LYS A 1 70  ? 2.566   -4.958  13.065  1.00 18.81 ? 70  LYS A CA  1 
ATOM   485  C C   . LYS A 1 70  ? 1.396   -4.484  13.928  1.00 18.90 ? 70  LYS A C   1 
ATOM   486  O O   . LYS A 1 70  ? 0.424   -5.212  14.126  1.00 16.52 ? 70  LYS A O   1 
ATOM   487  C CB  . LYS A 1 70  ? 3.694   -5.435  13.979  1.00 20.86 ? 70  LYS A CB  1 
ATOM   488  C CG  . LYS A 1 70  ? 4.825   -6.142  13.253  1.00 26.14 ? 70  LYS A CG  1 
ATOM   489  C CD  . LYS A 1 70  ? 5.764   -6.806  14.255  1.00 38.84 ? 70  LYS A CD  1 
ATOM   490  C CE  . LYS A 1 70  ? 6.711   -7.771  13.566  1.00 47.28 ? 70  LYS A CE  1 
ATOM   491  N NZ  . LYS A 1 70  ? 7.654   -7.062  12.655  1.00 45.68 ? 70  LYS A NZ  1 
ATOM   492  N N   . GLU A 1 71  ? 1.497   -3.260  14.430  1.00 18.24 ? 71  GLU A N   1 
ATOM   493  C CA  . GLU A 1 71  ? 0.448   -2.678  15.262  1.00 21.57 ? 71  GLU A CA  1 
ATOM   494  C C   . GLU A 1 71  ? -0.877  -2.591  14.517  1.00 19.64 ? 71  GLU A C   1 
ATOM   495  O O   . GLU A 1 71  ? -1.929  -2.891  15.076  1.00 16.52 ? 71  GLU A O   1 
ATOM   496  C CB  . GLU A 1 71  ? 0.850   -1.277  15.740  1.00 24.78 ? 71  GLU A CB  1 
ATOM   497  C CG  . GLU A 1 71  ? 1.612   -1.234  17.042  1.00 23.30 ? 71  GLU A CG  1 
ATOM   498  C CD  . GLU A 1 71  ? 1.774   0.196   17.590  1.00 31.61 ? 71  GLU A CD  1 
ATOM   499  O OE1 . GLU A 1 71  ? 1.314   1.154   16.939  1.00 38.12 ? 71  GLU A OE1 1 
ATOM   500  O OE2 . GLU A 1 71  ? 2.368   0.362   18.674  1.00 42.67 ? 71  GLU A OE2 1 
ATOM   501  N N   . THR A 1 72  ? -0.831  -2.152  13.259  1.00 15.91 ? 72  THR A N   1 
ATOM   502  C CA  . THR A 1 72  ? -2.044  -2.007  12.474  1.00 15.72 ? 72  THR A CA  1 
ATOM   503  C C   . THR A 1 72  ? -2.636  -3.374  12.197  1.00 18.09 ? 72  THR A C   1 
ATOM   504  O O   . THR A 1 72  ? -3.853  -3.562  12.268  1.00 18.99 ? 72  THR A O   1 
ATOM   505  C CB  . THR A 1 72  ? -1.771  -1.318  11.106  1.00 20.99 ? 72  THR A CB  1 
ATOM   506  O OG1 . THR A 1 72  ? -1.328  0.030   11.320  1.00 19.66 ? 72  THR A OG1 1 
ATOM   507  C CG2 . THR A 1 72  ? -3.050  -1.292  10.269  1.00 22.74 ? 72  THR A CG2 1 
ATOM   508  N N   . ILE A 1 73  ? -1.769  -4.326  11.867  1.00 16.46 ? 73  ILE A N   1 
ATOM   509  C CA  . ILE A 1 73  ? -2.199  -5.695  11.604  1.00 17.11 ? 73  ILE A CA  1 
ATOM   510  C C   . ILE A 1 73  ? -2.891  -6.278  12.850  1.00 20.69 ? 73  ILE A C   1 
ATOM   511  O O   . ILE A 1 73  ? -3.945  -6.913  12.760  1.00 22.26 ? 73  ILE A O   1 
ATOM   512  C CB  . ILE A 1 73  ? -1.007  -6.571  11.138  1.00 15.32 ? 73  ILE A CB  1 
ATOM   513  C CG1 . ILE A 1 73  ? -0.584  -6.167  9.720   1.00 15.83 ? 73  ILE A CG1 1 
ATOM   514  C CG2 . ILE A 1 73  ? -1.371  -8.045  11.168  1.00 19.66 ? 73  ILE A CG2 1 
ATOM   515  C CD1 . ILE A 1 73  ? 0.771   -6.742  9.296   1.00 20.32 ? 73  ILE A CD1 1 
ATOM   516  N N   . ASN A 1 74  ? -2.317  -6.035  14.018  1.00 17.49 ? 74  ASN A N   1 
ATOM   517  C CA  . ASN A 1 74  ? -2.912  -6.522  15.255  1.00 21.59 ? 74  ASN A CA  1 
ATOM   518  C C   . ASN A 1 74  ? -4.274  -5.896  15.542  1.00 23.13 ? 74  ASN A C   1 
ATOM   519  O O   . ASN A 1 74  ? -5.170  -6.554  16.065  1.00 25.13 ? 74  ASN A O   1 
ATOM   520  C CB  . ASN A 1 74  ? -1.952  -6.313  16.421  1.00 22.64 ? 74  ASN A CB  1 
ATOM   521  C CG  . ASN A 1 74  ? -0.781  -7.273  16.377  1.00 28.38 ? 74  ASN A CG  1 
ATOM   522  O OD1 . ASN A 1 74  ? -0.897  -8.372  15.839  1.00 32.35 ? 74  ASN A OD1 1 
ATOM   523  N ND2 . ASN A 1 74  ? 0.356   -6.862  16.933  1.00 34.97 ? 74  ASN A ND2 1 
ATOM   524  N N   . GLU A 1 75  ? -4.430  -4.626  15.185  1.00 24.60 ? 75  GLU A N   1 
ATOM   525  C CA  . GLU A 1 75  ? -5.713  -3.946  15.308  1.00 19.27 ? 75  GLU A CA  1 
ATOM   526  C C   . GLU A 1 75  ? -6.770  -4.601  14.412  1.00 29.22 ? 75  GLU A C   1 
ATOM   527  O O   . GLU A 1 75  ? -7.912  -4.830  14.838  1.00 25.95 ? 75  GLU A O   1 
ATOM   528  C CB  . GLU A 1 75  ? -5.558  -2.452  14.982  1.00 15.66 ? 75  GLU A CB  1 
ATOM   529  C CG  . GLU A 1 75  ? -4.666  -1.702  15.970  1.00 33.45 ? 75  GLU A CG  1 
ATOM   530  C CD  . GLU A 1 75  ? -4.273  -0.303  15.506  1.00 42.03 ? 75  GLU A CD  1 
ATOM   531  O OE1 . GLU A 1 75  ? -4.431  0.012   14.307  1.00 45.98 ? 75  GLU A OE1 1 
ATOM   532  O OE2 . GLU A 1 75  ? -3.786  0.480   16.350  1.00 43.45 ? 75  GLU A OE2 1 
ATOM   533  N N   . GLU A 1 76  ? -6.389  -4.918  13.176  1.00 22.27 ? 76  GLU A N   1 
ATOM   534  C CA  . GLU A 1 76  ? -7.321  -5.537  12.232  1.00 26.24 ? 76  GLU A CA  1 
ATOM   535  C C   . GLU A 1 76  ? -7.627  -6.980  12.634  1.00 22.85 ? 76  GLU A C   1 
ATOM   536  O O   . GLU A 1 76  ? -8.757  -7.453  12.502  1.00 21.34 ? 76  GLU A O   1 
ATOM   537  C CB  . GLU A 1 76  ? -6.766  -5.476  10.808  1.00 22.87 ? 76  GLU A CB  1 
ATOM   538  C CG  . GLU A 1 76  ? -6.484  -4.060  10.313  1.00 24.39 ? 76  GLU A CG  1 
ATOM   539  C CD  . GLU A 1 76  ? -7.722  -3.176  10.301  1.00 38.97 ? 76  GLU A CD  1 
ATOM   540  O OE1 . GLU A 1 76  ? -8.779  -3.630  9.817   1.00 35.25 ? 76  GLU A OE1 1 
ATOM   541  O OE2 . GLU A 1 76  ? -7.635  -2.020  10.769  1.00 43.14 ? 76  GLU A OE2 1 
ATOM   542  N N   . ALA A 1 77  ? -6.617  -7.675  13.141  1.00 17.47 ? 77  ALA A N   1 
ATOM   543  C CA  . ALA A 1 77  ? -6.813  -9.040  13.614  1.00 24.95 ? 77  ALA A CA  1 
ATOM   544  C C   . ALA A 1 77  ? -7.775  -9.092  14.815  1.00 26.86 ? 77  ALA A C   1 
ATOM   545  O O   . ALA A 1 77  ? -8.596  -10.006 14.927  1.00 28.39 ? 77  ALA A O   1 
ATOM   546  C CB  . ALA A 1 77  ? -5.481  -9.682  13.960  1.00 20.50 ? 77  ALA A CB  1 
ATOM   547  N N   . ALA A 1 78  ? -7.677  -8.116  15.708  1.00 26.37 ? 78  ALA A N   1 
ATOM   548  C CA  . ALA A 1 78  ? -8.580  -8.073  16.856  1.00 30.65 ? 78  ALA A CA  1 
ATOM   549  C C   . ALA A 1 78  ? -10.008 -7.747  16.427  1.00 33.08 ? 78  ALA A C   1 
ATOM   550  O O   . ALA A 1 78  ? -10.971 -8.221  17.031  1.00 32.58 ? 78  ALA A O   1 
ATOM   551  C CB  . ALA A 1 78  ? -8.087  -7.083  17.897  1.00 27.49 ? 78  ALA A CB  1 
ATOM   552  N N   . GLU A 1 79  ? -10.146 -6.948  15.377  1.00 30.31 ? 79  GLU A N   1 
ATOM   553  C CA  . GLU A 1 79  ? -11.466 -6.635  14.837  1.00 26.34 ? 79  GLU A CA  1 
ATOM   554  C C   . GLU A 1 79  ? -12.046 -7.837  14.089  1.00 36.02 ? 79  GLU A C   1 
ATOM   555  O O   . GLU A 1 79  ? -13.256 -8.071  14.115  1.00 37.16 ? 79  GLU A O   1 
ATOM   556  C CB  . GLU A 1 79  ? -11.420 -5.387  13.953  1.00 26.81 ? 79  GLU A CB  1 
ATOM   557  C CG  . GLU A 1 79  ? -12.739 -5.028  13.289  1.00 45.85 ? 79  GLU A CG  1 
ATOM   558  C CD  . GLU A 1 79  ? -13.776 -4.476  14.261  1.00 46.90 ? 79  GLU A CD  1 
ATOM   559  O OE1 . GLU A 1 79  ? -13.410 -4.097  15.393  1.00 46.69 ? 79  GLU A OE1 1 
ATOM   560  O OE2 . GLU A 1 79  ? -14.965 -4.420  13.882  1.00 48.61 ? 79  GLU A OE2 1 
ATOM   561  N N   . TRP A 1 80  ? -11.178 -8.611  13.446  1.00 30.93 ? 80  TRP A N   1 
ATOM   562  C CA  . TRP A 1 80  ? -11.611 -9.848  12.806  1.00 31.77 ? 80  TRP A CA  1 
ATOM   563  C C   . TRP A 1 80  ? -12.170 -10.806 13.851  1.00 27.00 ? 80  TRP A C   1 
ATOM   564  O O   . TRP A 1 80  ? -13.191 -11.452 13.630  1.00 32.72 ? 80  TRP A O   1 
ATOM   565  C CB  . TRP A 1 80  ? -10.452 -10.514 12.056  1.00 26.67 ? 80  TRP A CB  1 
ATOM   566  C CG  . TRP A 1 80  ? -10.808 -11.862 11.479  1.00 29.64 ? 80  TRP A CG  1 
ATOM   567  C CD1 . TRP A 1 80  ? -10.592 -13.085 12.050  1.00 30.03 ? 80  TRP A CD1 1 
ATOM   568  C CD2 . TRP A 1 80  ? -11.440 -12.113 10.221  1.00 27.15 ? 80  TRP A CD2 1 
ATOM   569  N NE1 . TRP A 1 80  ? -11.049 -14.082 11.221  1.00 31.59 ? 80  TRP A NE1 1 
ATOM   570  C CE2 . TRP A 1 80  ? -11.580 -13.510 10.095  1.00 28.04 ? 80  TRP A CE2 1 
ATOM   571  C CE3 . TRP A 1 80  ? -11.912 -11.293 9.191   1.00 23.73 ? 80  TRP A CE3 1 
ATOM   572  C CZ2 . TRP A 1 80  ? -12.163 -14.101 8.976   1.00 28.23 ? 80  TRP A CZ2 1 
ATOM   573  C CZ3 . TRP A 1 80  ? -12.493 -11.882 8.085   1.00 30.67 ? 80  TRP A CZ3 1 
ATOM   574  C CH2 . TRP A 1 80  ? -12.614 -13.272 7.985   1.00 26.41 ? 80  TRP A CH2 1 
ATOM   575  N N   . ASP A 1 81  ? -11.489 -10.900 14.985  1.00 29.39 ? 81  ASP A N   1 
ATOM   576  C CA  . ASP A 1 81  ? -11.914 -11.791 16.054  1.00 31.13 ? 81  ASP A CA  1 
ATOM   577  C C   . ASP A 1 81  ? -13.249 -11.338 16.628  1.00 40.33 ? 81  ASP A C   1 
ATOM   578  O O   . ASP A 1 81  ? -14.059 -12.157 17.047  1.00 37.33 ? 81  ASP A O   1 
ATOM   579  C CB  . ASP A 1 81  ? -10.859 -11.857 17.153  1.00 26.85 ? 81  ASP A CB  1 
ATOM   580  C CG  . ASP A 1 81  ? -9.631  -12.636 16.725  1.00 46.11 ? 81  ASP A CG  1 
ATOM   581  O OD1 . ASP A 1 81  ? -9.698  -13.328 15.684  1.00 28.24 ? 81  ASP A OD1 1 
ATOM   582  O OD2 . ASP A 1 81  ? -8.599  -12.562 17.426  1.00 45.45 ? 81  ASP A OD2 1 
ATOM   583  N N   . ARG A 1 82  ? -13.478 -10.029 16.629  1.00 36.00 ? 82  ARG A N   1 
ATOM   584  C CA  . ARG A 1 82  ? -14.723 -9.473  17.149  1.00 43.75 ? 82  ARG A CA  1 
ATOM   585  C C   . ARG A 1 82  ? -15.913 -9.856  16.271  1.00 48.14 ? 82  ARG A C   1 
ATOM   586  O O   . ARG A 1 82  ? -16.965 -10.255 16.773  1.00 37.77 ? 82  ARG A O   1 
ATOM   587  C CB  . ARG A 1 82  ? -14.623 -7.951  17.264  1.00 37.47 ? 82  ARG A CB  1 
ATOM   588  C CG  . ARG A 1 82  ? -15.790 -7.308  18.005  1.00 48.85 ? 82  ARG A CG  1 
ATOM   589  C CD  . ARG A 1 82  ? -15.690 -5.786  18.024  1.00 48.53 ? 82  ARG A CD  1 
ATOM   590  N NE  . ARG A 1 82  ? -15.987 -5.197  16.719  1.00 55.22 ? 82  ARG A NE  1 
ATOM   591  C CZ  . ARG A 1 82  ? -17.209 -5.092  16.204  1.00 58.02 ? 82  ARG A CZ  1 
ATOM   592  N NH1 . ARG A 1 82  ? -18.259 -5.541  16.881  1.00 61.92 ? 82  ARG A NH1 1 
ATOM   593  N NH2 . ARG A 1 82  ? -17.385 -4.541  15.009  1.00 60.72 ? 82  ARG A NH2 1 
ATOM   594  N N   . LEU A 1 83  ? -15.732 -9.739  14.959  1.00 39.90 ? 83  LEU A N   1 
ATOM   595  C CA  . LEU A 1 83  ? -16.791 -10.009 13.996  1.00 42.29 ? 83  LEU A CA  1 
ATOM   596  C C   . LEU A 1 83  ? -16.965 -11.498 13.692  1.00 46.69 ? 83  LEU A C   1 
ATOM   597  O O   . LEU A 1 83  ? -18.056 -11.932 13.320  1.00 38.67 ? 83  LEU A O   1 
ATOM   598  C CB  . LEU A 1 83  ? -16.519 -9.258  12.691  1.00 43.07 ? 83  LEU A CB  1 
ATOM   599  C CG  . LEU A 1 83  ? -16.443 -7.732  12.746  1.00 53.25 ? 83  LEU A CG  1 
ATOM   600  C CD1 . LEU A 1 83  ? -15.846 -7.181  11.461  1.00 49.15 ? 83  LEU A CD1 1 
ATOM   601  C CD2 . LEU A 1 83  ? -17.816 -7.136  13.003  1.00 52.89 ? 83  LEU A CD2 1 
ATOM   602  N N   . HIS A 1 84  ? -15.890 -12.272 13.833  1.00 36.71 ? 84  HIS A N   1 
ATOM   603  C CA  . HIS A 1 84  ? -15.918 -13.692 13.474  1.00 31.67 ? 84  HIS A CA  1 
ATOM   604  C C   . HIS A 1 84  ? -15.277 -14.586 14.532  1.00 36.42 ? 84  HIS A C   1 
ATOM   605  O O   . HIS A 1 84  ? -14.206 -15.152 14.298  1.00 48.28 ? 84  HIS A O   1 
ATOM   606  C CB  . HIS A 1 84  ? -15.205 -13.928 12.140  1.00 31.64 ? 84  HIS A CB  1 
ATOM   607  C CG  . HIS A 1 84  ? -15.739 -13.111 11.006  1.00 37.34 ? 84  HIS A CG  1 
ATOM   608  N ND1 . HIS A 1 84  ? -15.318 -11.823 10.754  1.00 44.23 ? 84  HIS A ND1 1 
ATOM   609  C CD2 . HIS A 1 84  ? -16.648 -13.406 10.045  1.00 36.02 ? 84  HIS A CD2 1 
ATOM   610  C CE1 . HIS A 1 84  ? -15.950 -11.357 9.691   1.00 39.93 ? 84  HIS A CE1 1 
ATOM   611  N NE2 . HIS A 1 84  ? -16.759 -12.298 9.240   1.00 42.79 ? 84  HIS A NE2 1 
ATOM   612  N N   . PRO A 1 85  ? -15.936 -14.736 15.691  1.00 48.25 ? 85  PRO A N   1 
ATOM   613  C CA  . PRO A 1 85  ? -15.395 -15.581 16.764  1.00 39.09 ? 85  PRO A CA  1 
ATOM   614  C C   . PRO A 1 85  ? -15.293 -17.033 16.306  1.00 43.71 ? 85  PRO A C   1 
ATOM   615  O O   . PRO A 1 85  ? -16.146 -17.489 15.547  1.00 39.57 ? 85  PRO A O   1 
ATOM   616  C CB  . PRO A 1 85  ? -16.446 -15.461 17.876  1.00 40.47 ? 85  PRO A CB  1 
ATOM   617  C CG  . PRO A 1 85  ? -17.326 -14.310 17.488  1.00 40.61 ? 85  PRO A CG  1 
ATOM   618  C CD  . PRO A 1 85  ? -17.278 -14.223 16.006  1.00 38.28 ? 85  PRO A CD  1 
ATOM   619  N N   . VAL A 1 86  ? -14.261 -17.746 16.748  1.00 46.47 ? 86  VAL A N   1 
ATOM   620  C CA  . VAL A 1 86  ? -14.114 -19.152 16.387  1.00 47.93 ? 86  VAL A CA  1 
ATOM   621  C C   . VAL A 1 86  ? -14.524 -20.054 17.546  1.00 59.81 ? 86  VAL A C   1 
ATOM   622  O O   . VAL A 1 86  ? -14.175 -19.804 18.699  1.00 52.11 ? 86  VAL A O   1 
ATOM   623  C CB  . VAL A 1 86  ? -12.676 -19.499 15.934  1.00 47.93 ? 86  VAL A CB  1 
ATOM   624  C CG1 . VAL A 1 86  ? -12.289 -18.669 14.715  1.00 44.96 ? 86  VAL A CG1 1 
ATOM   625  C CG2 . VAL A 1 86  ? -11.679 -19.294 17.070  1.00 49.90 ? 86  VAL A CG2 1 
ATOM   626  N N   . HIS A 1 87  ? -15.276 -21.101 17.236  1.00 55.76 ? 87  HIS A N   1 
ATOM   627  C CA  . HIS A 1 87  ? -15.706 -22.031 18.265  1.00 64.62 ? 87  HIS A CA  1 
ATOM   628  C C   . HIS A 1 87  ? -14.507 -22.686 18.941  1.00 68.34 ? 87  HIS A C   1 
ATOM   629  O O   . HIS A 1 87  ? -13.660 -23.290 18.281  1.00 62.90 ? 87  HIS A O   1 
ATOM   630  C CB  . HIS A 1 87  ? -16.662 -23.076 17.687  1.00 69.63 ? 87  HIS A CB  1 
ATOM   631  C CG  . HIS A 1 87  ? -18.011 -22.525 17.346  1.00 71.64 ? 87  HIS A CG  1 
ATOM   632  N ND1 . HIS A 1 87  ? -18.964 -22.246 18.302  1.00 64.99 ? 87  HIS A ND1 1 
ATOM   633  C CD2 . HIS A 1 87  ? -18.565 -22.193 16.155  1.00 76.64 ? 87  HIS A CD2 1 
ATOM   634  C CE1 . HIS A 1 87  ? -20.047 -21.769 17.715  1.00 67.42 ? 87  HIS A CE1 1 
ATOM   635  N NE2 . HIS A 1 87  ? -19.831 -21.726 16.413  1.00 78.67 ? 87  HIS A NE2 1 
ATOM   636  N N   . ALA A 1 88  ? -14.437 -22.540 20.262  1.00 64.77 ? 88  ALA A N   1 
ATOM   637  C CA  . ALA A 1 88  ? -13.363 -23.132 21.047  1.00 67.46 ? 88  ALA A CA  1 
ATOM   638  C C   . ALA A 1 88  ? -13.631 -24.618 21.265  1.00 76.04 ? 88  ALA A C   1 
ATOM   639  O O   . ALA A 1 88  ? -14.784 -25.041 21.361  1.00 78.08 ? 88  ALA A O   1 
ATOM   640  C CB  . ALA A 1 88  ? -13.224 -22.413 22.381  1.00 75.71 ? 88  ALA A CB  1 
ATOM   641  N N   . GLY A 1 89  ? -12.563 -25.405 21.336  1.00 83.37 ? 89  GLY A N   1 
ATOM   642  C CA  . GLY A 1 89  ? -12.692 -26.838 21.530  1.00 81.89 ? 89  GLY A CA  1 
ATOM   643  C C   . GLY A 1 89  ? -12.155 -27.644 20.362  1.00 79.32 ? 89  GLY A C   1 
ATOM   644  O O   . GLY A 1 89  ? -11.968 -27.107 19.269  1.00 77.52 ? 89  GLY A O   1 
ATOM   645  N N   . PRO A 1 90  ? -11.909 -28.943 20.591  1.00 78.61 ? 90  PRO A N   1 
ATOM   646  C CA  . PRO A 1 90  ? -11.355 -29.871 19.598  1.00 68.00 ? 90  PRO A CA  1 
ATOM   647  C C   . PRO A 1 90  ? -12.127 -29.835 18.282  1.00 52.55 ? 90  PRO A C   1 
ATOM   648  O O   . PRO A 1 90  ? -13.337 -30.051 18.261  1.00 48.85 ? 90  PRO A O   1 
ATOM   649  C CB  . PRO A 1 90  ? -11.521 -31.241 20.278  1.00 57.78 ? 90  PRO A CB  1 
ATOM   650  C CG  . PRO A 1 90  ? -12.544 -31.000 21.372  1.00 57.10 ? 90  PRO A CG  1 
ATOM   651  C CD  . PRO A 1 90  ? -12.191 -29.638 21.855  1.00 72.23 ? 90  PRO A CD  1 
ATOM   652  N N   . ILE A 1 91  ? -11.423 -29.564 17.191  1.00 41.47 ? 91  ILE A N   1 
ATOM   653  C CA  . ILE A 1 91  ? -12.067 -29.454 15.892  1.00 43.27 ? 91  ILE A CA  1 
ATOM   654  C C   . ILE A 1 91  ? -12.421 -30.834 15.340  1.00 34.59 ? 91  ILE A C   1 
ATOM   655  O O   . ILE A 1 91  ? -11.784 -31.832 15.675  1.00 37.02 ? 91  ILE A O   1 
ATOM   656  C CB  . ILE A 1 91  ? -11.169 -28.726 14.886  1.00 36.92 ? 91  ILE A CB  1 
ATOM   657  C CG1 . ILE A 1 91  ? -11.978 -28.332 13.643  1.00 32.75 ? 91  ILE A CG1 1 
ATOM   658  C CG2 . ILE A 1 91  ? -9.964  -29.591 14.524  1.00 41.68 ? 91  ILE A CG2 1 
ATOM   659  C CD1 . ILE A 1 91  ? -11.229 -28.523 12.363  1.00 37.49 ? 91  ILE A CD1 1 
ATOM   660  N N   . ALA A 1 92  ? -13.443 -30.878 14.493  1.00 33.07 ? 92  ALA A N   1 
ATOM   661  C CA  . ALA A 1 92  ? -13.897 -32.121 13.880  1.00 26.07 ? 92  ALA A CA  1 
ATOM   662  C C   . ALA A 1 92  ? -12.759 -32.835 13.156  1.00 34.03 ? 92  ALA A C   1 
ATOM   663  O O   . ALA A 1 92  ? -12.148 -32.275 12.246  1.00 34.99 ? 92  ALA A O   1 
ATOM   664  C CB  . ALA A 1 92  ? -15.039 -31.831 12.907  1.00 28.97 ? 92  ALA A CB  1 
ATOM   665  N N   . PRO A 1 93  ? -12.469 -34.079 13.555  1.00 32.39 ? 93  PRO A N   1 
ATOM   666  C CA  . PRO A 1 93  ? -11.375 -34.829 12.924  1.00 36.52 ? 93  PRO A CA  1 
ATOM   667  C C   . PRO A 1 93  ? -11.362 -34.727 11.394  1.00 30.29 ? 93  PRO A C   1 
ATOM   668  O O   . PRO A 1 93  ? -12.339 -35.090 10.734  1.00 23.80 ? 93  PRO A O   1 
ATOM   669  C CB  . PRO A 1 93  ? -11.651 -36.268 13.366  1.00 37.67 ? 93  PRO A CB  1 
ATOM   670  C CG  . PRO A 1 93  ? -12.273 -36.110 14.718  1.00 29.57 ? 93  PRO A CG  1 
ATOM   671  C CD  . PRO A 1 93  ? -13.110 -34.841 14.642  1.00 33.29 ? 93  PRO A CD  1 
ATOM   672  N N   . GLY A 1 94  ? -10.259 -34.222 10.845  1.00 39.97 ? 94  GLY A N   1 
ATOM   673  C CA  . GLY A 1 94  ? -10.051 -34.206 9.406   1.00 29.51 ? 94  GLY A CA  1 
ATOM   674  C C   . GLY A 1 94  ? -10.717 -33.048 8.690   1.00 33.26 ? 94  GLY A C   1 
ATOM   675  O O   . GLY A 1 94  ? -10.674 -32.955 7.457   1.00 34.56 ? 94  GLY A O   1 
ATOM   676  N N   . GLN A 1 95  ? -11.337 -32.157 9.453   1.00 32.47 ? 95  GLN A N   1 
ATOM   677  C CA  . GLN A 1 95  ? -12.059 -31.054 8.844   1.00 25.13 ? 95  GLN A CA  1 
ATOM   678  C C   . GLN A 1 95  ? -11.298 -29.734 8.939   1.00 28.61 ? 95  GLN A C   1 
ATOM   679  O O   . GLN A 1 95  ? -10.506 -29.520 9.849   1.00 22.93 ? 95  GLN A O   1 
ATOM   680  C CB  . GLN A 1 95  ? -13.447 -30.905 9.464   1.00 20.63 ? 95  GLN A CB  1 
ATOM   681  C CG  . GLN A 1 95  ? -14.280 -32.195 9.475   1.00 22.70 ? 95  GLN A CG  1 
ATOM   682  C CD  . GLN A 1 95  ? -14.353 -32.875 8.120   1.00 22.44 ? 95  GLN A CD  1 
ATOM   683  O OE1 . GLN A 1 95  ? -14.828 -32.295 7.142   1.00 28.37 ? 95  GLN A OE1 1 
ATOM   684  N NE2 . GLN A 1 95  ? -13.892 -34.130 8.062   1.00 33.28 ? 95  GLN A NE2 1 
ATOM   685  N N   . MET A 1 96  ? -11.578 -28.848 7.992   1.00 30.97 ? 96  MET A N   1 
ATOM   686  C CA  . MET A 1 96  ? -11.020 -27.501 7.967   1.00 26.38 ? 96  MET A CA  1 
ATOM   687  C C   . MET A 1 96  ? -11.535 -26.646 9.132   1.00 26.18 ? 96  MET A C   1 
ATOM   688  O O   . MET A 1 96  ? -12.753 -26.500 9.323   1.00 26.33 ? 96  MET A O   1 
ATOM   689  C CB  . MET A 1 96  ? -11.390 -26.848 6.635   1.00 25.76 ? 96  MET A CB  1 
ATOM   690  C CG  . MET A 1 96  ? -10.998 -25.393 6.491   1.00 28.70 ? 96  MET A CG  1 
ATOM   691  S SD  . MET A 1 96  ? -11.506 -24.777 4.876   1.00 40.53 ? 96  MET A SD  1 
ATOM   692  C CE  . MET A 1 96  ? -13.265 -24.581 5.112   1.00 39.40 ? 96  MET A CE  1 
ATOM   693  N N   . ARG A 1 97  ? -10.615 -26.061 9.900   1.00 26.78 ? 97  ARG A N   1 
ATOM   694  C CA  . ARG A 1 97  ? -11.006 -25.201 11.015  1.00 25.65 ? 97  ARG A CA  1 
ATOM   695  C C   . ARG A 1 97  ? -11.263 -23.750 10.588  1.00 27.15 ? 97  ARG A C   1 
ATOM   696  O O   . ARG A 1 97  ? -10.901 -23.349 9.490   1.00 32.10 ? 97  ARG A O   1 
ATOM   697  C CB  . ARG A 1 97  ? -9.970  -25.261 12.144  1.00 27.12 ? 97  ARG A CB  1 
ATOM   698  C CG  . ARG A 1 97  ? -8.585  -24.763 11.762  1.00 29.42 ? 97  ARG A CG  1 
ATOM   699  C CD  . ARG A 1 97  ? -7.606  -24.940 12.915  1.00 38.96 ? 97  ARG A CD  1 
ATOM   700  N NE  . ARG A 1 97  ? -6.310  -24.315 12.652  1.00 30.78 ? 97  ARG A NE  1 
ATOM   701  C CZ  . ARG A 1 97  ? -6.032  -23.041 12.900  1.00 28.60 ? 97  ARG A CZ  1 
ATOM   702  N NH1 . ARG A 1 97  ? -6.958  -22.240 13.418  1.00 29.41 ? 97  ARG A NH1 1 
ATOM   703  N NH2 . ARG A 1 97  ? -4.826  -22.567 12.632  1.00 24.75 ? 97  ARG A NH2 1 
ATOM   704  N N   . GLU A 1 98  ? -11.897 -22.973 11.461  1.00 28.93 ? 98  GLU A N   1 
ATOM   705  C CA  . GLU A 1 98  ? -12.161 -21.563 11.188  1.00 32.52 ? 98  GLU A CA  1 
ATOM   706  C C   . GLU A 1 98  ? -10.912 -20.726 11.473  1.00 24.54 ? 98  GLU A C   1 
ATOM   707  O O   . GLU A 1 98  ? -10.266 -20.908 12.496  1.00 27.32 ? 98  GLU A O   1 
ATOM   708  C CB  . GLU A 1 98  ? -13.323 -21.058 12.050  1.00 30.45 ? 98  GLU A CB  1 
ATOM   709  C CG  . GLU A 1 98  ? -14.608 -21.868 11.949  1.00 34.47 ? 98  GLU A CG  1 
ATOM   710  C CD  . GLU A 1 98  ? -15.557 -21.602 13.110  1.00 56.44 ? 98  GLU A CD  1 
ATOM   711  O OE1 . GLU A 1 98  ? -16.589 -20.935 12.885  1.00 51.61 ? 98  GLU A OE1 1 
ATOM   712  O OE2 . GLU A 1 98  ? -15.268 -22.047 14.249  1.00 44.40 ? 98  GLU A OE2 1 
ATOM   713  N N   . PRO A 1 99  ? -10.558 -19.801 10.563  1.00 31.44 ? 99  PRO A N   1 
ATOM   714  C CA  . PRO A 1 99  ? -9.380  -18.968 10.847  1.00 24.24 ? 99  PRO A CA  1 
ATOM   715  C C   . PRO A 1 99  ? -9.677  -17.820 11.829  1.00 25.20 ? 99  PRO A C   1 
ATOM   716  O O   . PRO A 1 99  ? -10.684 -17.122 11.683  1.00 28.90 ? 99  PRO A O   1 
ATOM   717  C CB  . PRO A 1 99  ? -9.007  -18.385 9.470   1.00 26.34 ? 99  PRO A CB  1 
ATOM   718  C CG  . PRO A 1 99  ? -9.940  -19.027 8.466   1.00 37.29 ? 99  PRO A CG  1 
ATOM   719  C CD  . PRO A 1 99  ? -11.122 -19.543 9.229   1.00 28.17 ? 99  PRO A CD  1 
ATOM   720  N N   . ARG A 1 100 ? -8.808  -17.621 12.818  1.00 23.22 ? 100 ARG A N   1 
ATOM   721  C CA  . ARG A 1 100 ? -8.867  -16.398 13.609  1.00 31.21 ? 100 ARG A CA  1 
ATOM   722  C C   . ARG A 1 100 ? -7.881  -15.385 13.027  1.00 18.61 ? 100 ARG A C   1 
ATOM   723  O O   . ARG A 1 100 ? -7.183  -15.690 12.066  1.00 22.88 ? 100 ARG A O   1 
ATOM   724  C CB  . ARG A 1 100 ? -8.580  -16.668 15.084  1.00 33.42 ? 100 ARG A CB  1 
ATOM   725  C CG  . ARG A 1 100 ? -7.319  -17.453 15.358  1.00 41.61 ? 100 ARG A CG  1 
ATOM   726  C CD  . ARG A 1 100 ? -7.169  -17.704 16.857  1.00 54.77 ? 100 ARG A CD  1 
ATOM   727  N NE  . ARG A 1 100 ? -6.904  -16.466 17.586  1.00 46.02 ? 100 ARG A NE  1 
ATOM   728  C CZ  . ARG A 1 100 ? -7.366  -16.199 18.805  1.00 62.30 ? 100 ARG A CZ  1 
ATOM   729  N NH1 . ARG A 1 100 ? -8.130  -17.080 19.437  1.00 57.58 ? 100 ARG A NH1 1 
ATOM   730  N NH2 . ARG A 1 100 ? -7.072  -15.046 19.387  1.00 53.78 ? 100 ARG A NH2 1 
ATOM   731  N N   . GLY A 1 101 ? -7.824  -14.198 13.624  1.00 26.54 ? 101 GLY A N   1 
ATOM   732  C CA  . GLY A 1 101 ? -7.006  -13.112 13.111  1.00 25.08 ? 101 GLY A CA  1 
ATOM   733  C C   . GLY A 1 101 ? -5.545  -13.479 12.954  1.00 23.20 ? 101 GLY A C   1 
ATOM   734  O O   . GLY A 1 101 ? -4.943  -13.199 11.916  1.00 19.20 ? 101 GLY A O   1 
ATOM   735  N N   . SER A 1 102 ? -4.970  -14.107 13.980  1.00 19.42 ? 102 SER A N   1 
ATOM   736  C CA  . SER A 1 102 ? -3.568  -14.532 13.925  1.00 18.81 ? 102 SER A CA  1 
ATOM   737  C C   . SER A 1 102 ? -3.292  -15.621 12.887  1.00 22.22 ? 102 SER A C   1 
ATOM   738  O O   . SER A 1 102 ? -2.147  -15.794 12.443  1.00 21.06 ? 102 SER A O   1 
ATOM   739  C CB  . SER A 1 102 ? -3.089  -14.999 15.302  1.00 30.04 ? 102 SER A CB  1 
ATOM   740  O OG  . SER A 1 102 ? -3.825  -16.121 15.754  1.00 26.23 ? 102 SER A OG  1 
ATOM   741  N N   . ASP A 1 103 ? -4.328  -16.375 12.521  1.00 18.63 ? 103 ASP A N   1 
ATOM   742  C CA  . ASP A 1 103 ? -4.213  -17.371 11.453  1.00 21.10 ? 103 ASP A CA  1 
ATOM   743  C C   . ASP A 1 103 ? -4.155  -16.682 10.091  1.00 14.93 ? 103 ASP A C   1 
ATOM   744  O O   . ASP A 1 103 ? -3.379  -17.056 9.209   1.00 18.91 ? 103 ASP A O   1 
ATOM   745  C CB  . ASP A 1 103 ? -5.415  -18.320 11.478  1.00 25.11 ? 103 ASP A CB  1 
ATOM   746  C CG  . ASP A 1 103 ? -5.450  -19.185 12.724  1.00 25.73 ? 103 ASP A CG  1 
ATOM   747  O OD1 . ASP A 1 103 ? -4.381  -19.703 13.115  1.00 23.73 ? 103 ASP A OD1 1 
ATOM   748  O OD2 . ASP A 1 103 ? -6.544  -19.353 13.300  1.00 27.55 ? 103 ASP A OD2 1 
ATOM   749  N N   . ILE A 1 104 ? -4.997  -15.675 9.922   1.00 16.00 ? 104 ILE A N   1 
ATOM   750  C CA  . ILE A 1 104 ? -5.016  -14.922 8.682   1.00 18.85 ? 104 ILE A CA  1 
ATOM   751  C C   . ILE A 1 104 ? -3.686  -14.193 8.514   1.00 14.86 ? 104 ILE A C   1 
ATOM   752  O O   . ILE A 1 104 ? -3.146  -14.107 7.407   1.00 18.79 ? 104 ILE A O   1 
ATOM   753  C CB  . ILE A 1 104 ? -6.156  -13.905 8.673   1.00 19.10 ? 104 ILE A CB  1 
ATOM   754  C CG1 . ILE A 1 104 ? -7.505  -14.624 8.585   1.00 18.30 ? 104 ILE A CG1 1 
ATOM   755  C CG2 . ILE A 1 104 ? -5.972  -12.911 7.502   1.00 16.72 ? 104 ILE A CG2 1 
ATOM   756  C CD1 . ILE A 1 104 ? -8.664  -13.755 9.004   1.00 21.80 ? 104 ILE A CD1 1 
ATOM   757  N N   . ALA A 1 105 ? -3.165  -13.681 9.626   1.00 21.26 ? 105 ALA A N   1 
ATOM   758  C CA  . ALA A 1 105 ? -1.893  -12.972 9.622   1.00 18.51 ? 105 ALA A CA  1 
ATOM   759  C C   . ALA A 1 105 ? -0.731  -13.952 9.525   1.00 24.38 ? 105 ALA A C   1 
ATOM   760  O O   . ALA A 1 105 ? 0.427   -13.544 9.466   1.00 21.95 ? 105 ALA A O   1 
ATOM   761  C CB  . ALA A 1 105 ? -1.762  -12.089 10.855  1.00 21.15 ? 105 ALA A CB  1 
ATOM   762  N N   . GLY A 1 106 ? -1.049  -15.245 9.522   1.00 19.90 ? 106 GLY A N   1 
ATOM   763  C CA  . GLY A 1 106 ? -0.060  -16.280 9.270   1.00 20.12 ? 106 GLY A CA  1 
ATOM   764  C C   . GLY A 1 106 ? 0.899   -16.547 10.415  1.00 27.44 ? 106 GLY A C   1 
ATOM   765  O O   . GLY A 1 106 ? 1.937   -17.168 10.221  1.00 25.46 ? 106 GLY A O   1 
ATOM   766  N N   . THR A 1 107 ? 0.552   -16.099 11.614  1.00 20.77 ? 107 THR A N   1 
ATOM   767  C CA  . THR A 1 107 ? 1.426   -16.300 12.762  1.00 24.20 ? 107 THR A CA  1 
ATOM   768  C C   . THR A 1 107 ? 1.080   -17.572 13.533  1.00 29.38 ? 107 THR A C   1 
ATOM   769  O O   . THR A 1 107 ? 1.952   -18.176 14.158  1.00 31.89 ? 107 THR A O   1 
ATOM   770  C CB  . THR A 1 107 ? 1.431   -15.074 13.706  1.00 35.92 ? 107 THR A CB  1 
ATOM   771  O OG1 . THR A 1 107 ? 0.146   -14.928 14.314  1.00 39.74 ? 107 THR A OG1 1 
ATOM   772  C CG2 . THR A 1 107 ? 1.760   -13.804 12.929  1.00 35.98 ? 107 THR A CG2 1 
ATOM   773  N N   . THR A 1 108 ? -0.181  -17.990 13.473  1.00 30.05 ? 108 THR A N   1 
ATOM   774  C CA  . THR A 1 108 ? -0.597  -19.222 14.146  1.00 25.03 ? 108 THR A CA  1 
ATOM   775  C C   . THR A 1 108 ? -1.178  -20.268 13.193  1.00 31.46 ? 108 THR A C   1 
ATOM   776  O O   . THR A 1 108 ? -1.822  -21.219 13.635  1.00 28.79 ? 108 THR A O   1 
ATOM   777  C CB  . THR A 1 108 ? -1.618  -18.948 15.264  1.00 22.58 ? 108 THR A CB  1 
ATOM   778  O OG1 . THR A 1 108 ? -2.789  -18.327 14.715  1.00 29.56 ? 108 THR A OG1 1 
ATOM   779  C CG2 . THR A 1 108 ? -1.016  -18.040 16.350  1.00 34.06 ? 108 THR A CG2 1 
ATOM   780  N N   . SER A 1 109 ? -0.950  -20.086 11.892  1.00 25.76 ? 109 SER A N   1 
ATOM   781  C CA  . SER A 1 109 ? -1.428  -21.021 10.875  1.00 26.00 ? 109 SER A CA  1 
ATOM   782  C C   . SER A 1 109 ? -0.258  -21.576 10.080  1.00 24.04 ? 109 SER A C   1 
ATOM   783  O O   . SER A 1 109 ? 0.756   -20.906 9.902   1.00 26.35 ? 109 SER A O   1 
ATOM   784  C CB  . SER A 1 109 ? -2.377  -20.313 9.905   1.00 24.24 ? 109 SER A CB  1 
ATOM   785  O OG  . SER A 1 109 ? -1.668  -19.307 9.197   1.00 20.93 ? 109 SER A OG  1 
ATOM   786  N N   . THR A 1 110 ? -0.409  -22.796 9.576   1.00 20.56 ? 110 THR A N   1 
ATOM   787  C CA  . THR A 1 110 ? 0.626   -23.407 8.764   1.00 20.77 ? 110 THR A CA  1 
ATOM   788  C C   . THR A 1 110 ? 0.332   -23.084 7.312   1.00 19.55 ? 110 THR A C   1 
ATOM   789  O O   . THR A 1 110 ? -0.781  -22.692 6.979   1.00 25.52 ? 110 THR A O   1 
ATOM   790  C CB  . THR A 1 110 ? 0.622   -24.934 8.919   1.00 26.91 ? 110 THR A CB  1 
ATOM   791  O OG1 . THR A 1 110 ? -0.594  -25.458 8.377   1.00 27.19 ? 110 THR A OG1 1 
ATOM   792  C CG2 . THR A 1 110 ? 0.728   -25.325 10.391  1.00 30.84 ? 110 THR A CG2 1 
ATOM   793  N N   . LEU A 1 111 ? 1.329   -23.256 6.454   1.00 21.67 ? 111 LEU A N   1 
ATOM   794  C CA  . LEU A 1 111 ? 1.138   -23.057 5.022   1.00 26.42 ? 111 LEU A CA  1 
ATOM   795  C C   . LEU A 1 111 ? 0.078   -24.027 4.512   1.00 30.44 ? 111 LEU A C   1 
ATOM   796  O O   . LEU A 1 111 ? -0.771  -23.672 3.696   1.00 22.65 ? 111 LEU A O   1 
ATOM   797  C CB  . LEU A 1 111 ? 2.459   -23.256 4.275   1.00 21.59 ? 111 LEU A CB  1 
ATOM   798  C CG  . LEU A 1 111 ? 2.402   -23.278 2.744   1.00 20.27 ? 111 LEU A CG  1 
ATOM   799  C CD1 . LEU A 1 111 ? 1.975   -21.916 2.209   1.00 20.78 ? 111 LEU A CD1 1 
ATOM   800  C CD2 . LEU A 1 111 ? 3.755   -23.671 2.178   1.00 34.63 ? 111 LEU A CD2 1 
ATOM   801  N N   . GLN A 1 112 ? 0.119   -25.259 5.007   1.00 24.74 ? 112 GLN A N   1 
ATOM   802  C CA  . GLN A 1 112 ? -0.860  -26.251 4.585   1.00 27.91 ? 112 GLN A CA  1 
ATOM   803  C C   . GLN A 1 112 ? -2.283  -25.756 4.847   1.00 21.76 ? 112 GLN A C   1 
ATOM   804  O O   . GLN A 1 112 ? -3.144  -25.836 3.977   1.00 26.72 ? 112 GLN A O   1 
ATOM   805  C CB  . GLN A 1 112 ? -0.602  -27.595 5.281   1.00 32.56 ? 112 GLN A CB  1 
ATOM   806  C CG  . GLN A 1 112 ? 0.661   -28.310 4.802   1.00 41.94 ? 112 GLN A CG  1 
ATOM   807  C CD  . GLN A 1 112 ? 1.922   -27.456 4.900   1.00 53.03 ? 112 GLN A CD  1 
ATOM   808  O OE1 . GLN A 1 112 ? 2.265   -26.934 5.970   1.00 34.24 ? 112 GLN A OE1 1 
ATOM   809  N NE2 . GLN A 1 112 ? 2.629   -27.320 3.778   1.00 44.14 ? 112 GLN A NE2 1 
ATOM   810  N N   . GLU A 1 113 ? -2.528  -25.243 6.046   1.00 17.60 ? 113 GLU A N   1 
ATOM   811  C CA  . GLU A 1 113 ? -3.838  -24.687 6.374   1.00 21.27 ? 113 GLU A CA  1 
ATOM   812  C C   . GLU A 1 113 ? -4.205  -23.492 5.491   1.00 28.49 ? 113 GLU A C   1 
ATOM   813  O O   . GLU A 1 113 ? -5.353  -23.356 5.054   1.00 24.05 ? 113 GLU A O   1 
ATOM   814  C CB  . GLU A 1 113 ? -3.895  -24.273 7.842   1.00 25.08 ? 113 GLU A CB  1 
ATOM   815  C CG  . GLU A 1 113 ? -3.782  -25.420 8.816   1.00 31.76 ? 113 GLU A CG  1 
ATOM   816  C CD  . GLU A 1 113 ? -3.665  -24.945 10.253  1.00 46.80 ? 113 GLU A CD  1 
ATOM   817  O OE1 . GLU A 1 113 ? -2.998  -23.912 10.479  1.00 29.21 ? 113 GLU A OE1 1 
ATOM   818  O OE2 . GLU A 1 113 ? -4.235  -25.603 11.157  1.00 37.24 ? 113 GLU A OE2 1 
ATOM   819  N N   . GLN A 1 114 ? -3.241  -22.609 5.248   1.00 26.56 ? 114 GLN A N   1 
ATOM   820  C CA  . GLN A 1 114 ? -3.495  -21.461 4.379   1.00 20.71 ? 114 GLN A CA  1 
ATOM   821  C C   . GLN A 1 114 ? -3.918  -21.900 2.987   1.00 21.69 ? 114 GLN A C   1 
ATOM   822  O O   . GLN A 1 114 ? -4.902  -21.394 2.452   1.00 21.42 ? 114 GLN A O   1 
ATOM   823  C CB  . GLN A 1 114 ? -2.270  -20.558 4.313   1.00 19.47 ? 114 GLN A CB  1 
ATOM   824  C CG  . GLN A 1 114 ? -1.908  -20.000 5.674   1.00 18.28 ? 114 GLN A CG  1 
ATOM   825  C CD  . GLN A 1 114 ? -0.506  -19.437 5.719   1.00 19.21 ? 114 GLN A CD  1 
ATOM   826  O OE1 . GLN A 1 114 ? 0.111   -19.174 4.686   1.00 19.08 ? 114 GLN A OE1 1 
ATOM   827  N NE2 . GLN A 1 114 ? 0.009   -19.253 6.920   1.00 17.66 ? 114 GLN A NE2 1 
ATOM   828  N N   . ILE A 1 115 ? -3.172  -22.834 2.402   1.00 23.26 ? 115 ILE A N   1 
ATOM   829  C CA  . ILE A 1 115 ? -3.534  -23.386 1.098   1.00 25.72 ? 115 ILE A CA  1 
ATOM   830  C C   . ILE A 1 115 ? -4.943  -23.985 1.129   1.00 29.56 ? 115 ILE A C   1 
ATOM   831  O O   . ILE A 1 115 ? -5.742  -23.755 0.222   1.00 31.74 ? 115 ILE A O   1 
ATOM   832  C CB  . ILE A 1 115 ? -2.526  -24.450 0.619   1.00 37.38 ? 115 ILE A CB  1 
ATOM   833  C CG1 . ILE A 1 115 ? -1.120  -23.854 0.535   1.00 33.36 ? 115 ILE A CG1 1 
ATOM   834  C CG2 . ILE A 1 115 ? -2.952  -25.026 -0.731  1.00 34.67 ? 115 ILE A CG2 1 
ATOM   835  C CD1 . ILE A 1 115 ? -0.092  -24.805 -0.025  1.00 38.66 ? 115 ILE A CD1 1 
ATOM   836  N N   . GLY A 1 116 ? -5.246  -24.745 2.177   1.00 28.27 ? 116 GLY A N   1 
ATOM   837  C CA  . GLY A 1 116 ? -6.570  -25.327 2.334   1.00 25.60 ? 116 GLY A CA  1 
ATOM   838  C C   . GLY A 1 116 ? -7.687  -24.295 2.354   1.00 37.35 ? 116 GLY A C   1 
ATOM   839  O O   . GLY A 1 116 ? -8.690  -24.427 1.647   1.00 33.45 ? 116 GLY A O   1 
ATOM   840  N N   . TRP A 1 117 ? -7.528  -23.258 3.169   1.00 26.20 ? 117 TRP A N   1 
ATOM   841  C CA  . TRP A 1 117 ? -8.508  -22.183 3.191   1.00 19.16 ? 117 TRP A CA  1 
ATOM   842  C C   . TRP A 1 117 ? -8.613  -21.558 1.802   1.00 19.19 ? 117 TRP A C   1 
ATOM   843  O O   . TRP A 1 117 ? -9.696  -21.465 1.235   1.00 27.64 ? 117 TRP A O   1 
ATOM   844  C CB  . TRP A 1 117 ? -8.131  -21.112 4.221   1.00 25.30 ? 117 TRP A CB  1 
ATOM   845  C CG  . TRP A 1 117 ? -8.301  -21.559 5.651   1.00 25.43 ? 117 TRP A CG  1 
ATOM   846  C CD1 . TRP A 1 117 ? -9.340  -22.282 6.172   1.00 23.44 ? 117 TRP A CD1 1 
ATOM   847  C CD2 . TRP A 1 117 ? -7.407  -21.300 6.745   1.00 24.88 ? 117 TRP A CD2 1 
ATOM   848  N NE1 . TRP A 1 117 ? -9.141  -22.498 7.519   1.00 22.71 ? 117 TRP A NE1 1 
ATOM   849  C CE2 . TRP A 1 117 ? -7.966  -21.900 7.896   1.00 29.40 ? 117 TRP A CE2 1 
ATOM   850  C CE3 . TRP A 1 117 ? -6.199  -20.607 6.866   1.00 22.46 ? 117 TRP A CE3 1 
ATOM   851  C CZ2 . TRP A 1 117 ? -7.350  -21.837 9.147   1.00 27.19 ? 117 TRP A CZ2 1 
ATOM   852  C CZ3 . TRP A 1 117 ? -5.583  -20.556 8.107   1.00 19.37 ? 117 TRP A CZ3 1 
ATOM   853  C CH2 . TRP A 1 117 ? -6.161  -21.165 9.233   1.00 22.79 ? 117 TRP A CH2 1 
ATOM   854  N N   . MET A 1 118 ? -7.482  -21.135 1.252   1.00 16.82 ? 118 MET A N   1 
ATOM   855  C CA  . MET A 1 118 ? -7.492  -20.375 0.003   1.00 24.21 ? 118 MET A CA  1 
ATOM   856  C C   . MET A 1 118 ? -8.039  -21.156 -1.205  1.00 30.50 ? 118 MET A C   1 
ATOM   857  O O   . MET A 1 118 ? -8.591  -20.559 -2.132  1.00 30.27 ? 118 MET A O   1 
ATOM   858  C CB  . MET A 1 118 ? -6.086  -19.842 -0.316  1.00 23.04 ? 118 MET A CB  1 
ATOM   859  C CG  . MET A 1 118 ? -5.624  -18.742 0.626   1.00 19.79 ? 118 MET A CG  1 
ATOM   860  S SD  . MET A 1 118 ? -3.884  -18.369 0.391   1.00 23.51 ? 118 MET A SD  1 
ATOM   861  C CE  . MET A 1 118 ? -3.878  -17.673 -1.263  1.00 21.10 ? 118 MET A CE  1 
ATOM   862  N N   . THR A 1 119 ? -7.860  -22.476 -1.208  1.00 26.74 ? 119 THR A N   1 
ATOM   863  C CA  . THR A 1 119 ? -8.311  -23.304 -2.334  1.00 26.65 ? 119 THR A CA  1 
ATOM   864  C C   . THR A 1 119 ? -9.544  -24.145 -1.987  1.00 45.27 ? 119 THR A C   1 
ATOM   865  O O   . THR A 1 119 ? -9.780  -25.189 -2.603  1.00 42.46 ? 119 THR A O   1 
ATOM   866  C CB  . THR A 1 119 ? -7.220  -24.292 -2.793  1.00 30.19 ? 119 THR A CB  1 
ATOM   867  O OG1 . THR A 1 119 ? -6.916  -25.198 -1.721  1.00 32.98 ? 119 THR A OG1 1 
ATOM   868  C CG2 . THR A 1 119 ? -5.954  -23.557 -3.229  1.00 24.61 ? 119 THR A CG2 1 
ATOM   869  N N   . HIS A 1 120 ? -10.316 -23.706 -0.998  1.00 38.17 ? 120 HIS A N   1 
ATOM   870  C CA  . HIS A 1 120 ? -11.516 -24.436 -0.597  1.00 38.19 ? 120 HIS A CA  1 
ATOM   871  C C   . HIS A 1 120 ? -12.709 -23.948 -1.400  1.00 42.89 ? 120 HIS A C   1 
ATOM   872  O O   . HIS A 1 120 ? -12.634 -22.915 -2.065  1.00 46.62 ? 120 HIS A O   1 
ATOM   873  C CB  . HIS A 1 120 ? -11.783 -24.249 0.895   1.00 41.16 ? 120 HIS A CB  1 
ATOM   874  C CG  . HIS A 1 120 ? -12.870 -25.127 1.429   1.00 54.92 ? 120 HIS A CG  1 
ATOM   875  N ND1 . HIS A 1 120 ? -14.148 -24.668 1.671   1.00 40.96 ? 120 HIS A ND1 1 
ATOM   876  C CD2 . HIS A 1 120 ? -12.872 -26.442 1.761   1.00 39.07 ? 120 HIS A CD2 1 
ATOM   877  C CE1 . HIS A 1 120 ? -14.888 -25.659 2.133   1.00 54.68 ? 120 HIS A CE1 1 
ATOM   878  N NE2 . HIS A 1 120 ? -14.140 -26.746 2.195   1.00 54.70 ? 120 HIS A NE2 1 
ATOM   879  N N   . ASN A 1 121 ? -13.808 -24.692 -1.345  1.00 43.95 ? 121 ASN A N   1 
ATOM   880  C CA  . ASN A 1 121 ? -15.014 -24.296 -2.065  1.00 44.08 ? 121 ASN A CA  1 
ATOM   881  C C   . ASN A 1 121 ? -16.247 -24.214 -1.169  1.00 48.63 ? 121 ASN A C   1 
ATOM   882  O O   . ASN A 1 121 ? -16.793 -25.244 -0.765  1.00 45.27 ? 121 ASN A O   1 
ATOM   883  C CB  . ASN A 1 121 ? -15.286 -25.251 -3.226  1.00 40.70 ? 121 ASN A CB  1 
ATOM   884  C CG  . ASN A 1 121 ? -16.465 -24.811 -4.074  1.00 52.59 ? 121 ASN A CG  1 
ATOM   885  O OD1 . ASN A 1 121 ? -16.422 -23.764 -4.724  1.00 45.21 ? 121 ASN A OD1 1 
ATOM   886  N ND2 . ASN A 1 121 ? -17.526 -25.613 -4.073  1.00 50.83 ? 121 ASN A ND2 1 
ATOM   887  N N   . PRO A 1 122 ? -16.697 -22.985 -0.869  1.00 44.75 ? 122 PRO A N   1 
ATOM   888  C CA  . PRO A 1 122 ? -16.060 -21.748 -1.337  1.00 44.82 ? 122 PRO A CA  1 
ATOM   889  C C   . PRO A 1 122 ? -14.781 -21.438 -0.558  1.00 41.49 ? 122 PRO A C   1 
ATOM   890  O O   . PRO A 1 122 ? -14.561 -21.992 0.523   1.00 37.97 ? 122 PRO A O   1 
ATOM   891  C CB  . PRO A 1 122 ? -17.117 -20.673 -1.048  1.00 45.56 ? 122 PRO A CB  1 
ATOM   892  C CG  . PRO A 1 122 ? -18.384 -21.423 -0.744  1.00 60.11 ? 122 PRO A CG  1 
ATOM   893  C CD  . PRO A 1 122 ? -17.943 -22.713 -0.141  1.00 45.25 ? 122 PRO A CD  1 
ATOM   894  N N   . PRO A 1 123 ? -13.937 -20.557 -1.109  1.00 35.02 ? 123 PRO A N   1 
ATOM   895  C CA  . PRO A 1 123 ? -12.680 -20.156 -0.462  1.00 40.03 ? 123 PRO A CA  1 
ATOM   896  C C   . PRO A 1 123 ? -12.882 -19.295 0.781   1.00 39.38 ? 123 PRO A C   1 
ATOM   897  O O   . PRO A 1 123 ? -13.853 -18.539 0.884   1.00 29.77 ? 123 PRO A O   1 
ATOM   898  C CB  . PRO A 1 123 ? -11.982 -19.310 -1.537  1.00 36.53 ? 123 PRO A CB  1 
ATOM   899  C CG  . PRO A 1 123 ? -12.675 -19.637 -2.822  1.00 40.53 ? 123 PRO A CG  1 
ATOM   900  C CD  . PRO A 1 123 ? -14.085 -19.964 -2.448  1.00 40.64 ? 123 PRO A CD  1 
ATOM   901  N N   . ILE A 1 124 ? -11.963 -19.436 1.729   1.00 34.83 ? 124 ILE A N   1 
ATOM   902  C CA  . ILE A 1 124 ? -11.768 -18.441 2.771   1.00 31.71 ? 124 ILE A CA  1 
ATOM   903  C C   . ILE A 1 124 ? -10.506 -17.712 2.339   1.00 29.59 ? 124 ILE A C   1 
ATOM   904  O O   . ILE A 1 124 ? -9.412  -18.235 2.524   1.00 25.27 ? 124 ILE A O   1 
ATOM   905  C CB  . ILE A 1 124 ? -11.511 -19.098 4.136   1.00 36.62 ? 124 ILE A CB  1 
ATOM   906  C CG1 . ILE A 1 124 ? -12.695 -19.969 4.550   1.00 40.62 ? 124 ILE A CG1 1 
ATOM   907  C CG2 . ILE A 1 124 ? -11.201 -18.042 5.209   1.00 29.93 ? 124 ILE A CG2 1 
ATOM   908  C CD1 . ILE A 1 124 ? -12.433 -20.764 5.813   1.00 46.70 ? 124 ILE A CD1 1 
ATOM   909  N N   . PRO A 1 125 ? -10.648 -16.516 1.739   1.00 30.40 ? 125 PRO A N   1 
ATOM   910  C CA  . PRO A 1 125 ? -9.510  -15.884 1.057   1.00 25.95 ? 125 PRO A CA  1 
ATOM   911  C C   . PRO A 1 125 ? -8.526  -15.228 2.023   1.00 29.42 ? 125 PRO A C   1 
ATOM   912  O O   . PRO A 1 125 ? -8.408  -13.998 1.997   1.00 22.20 ? 125 PRO A O   1 
ATOM   913  C CB  . PRO A 1 125 ? -10.169 -14.791 0.198   1.00 34.13 ? 125 PRO A CB  1 
ATOM   914  C CG  . PRO A 1 125 ? -11.652 -14.820 0.532   1.00 37.06 ? 125 PRO A CG  1 
ATOM   915  C CD  . PRO A 1 125 ? -11.825 -15.634 1.769   1.00 30.70 ? 125 PRO A CD  1 
ATOM   916  N N   . VAL A 1 126 ? -7.829  -16.019 2.837   1.00 21.19 ? 126 VAL A N   1 
ATOM   917  C CA  . VAL A 1 126 ? -6.971  -15.455 3.884   1.00 22.99 ? 126 VAL A CA  1 
ATOM   918  C C   . VAL A 1 126 ? -5.835  -14.580 3.337   1.00 20.01 ? 126 VAL A C   1 
ATOM   919  O O   . VAL A 1 126 ? -5.410  -13.629 3.993   1.00 18.58 ? 126 VAL A O   1 
ATOM   920  C CB  . VAL A 1 126 ? -6.403  -16.550 4.835   1.00 16.77 ? 126 VAL A CB  1 
ATOM   921  C CG1 . VAL A 1 126 ? -7.552  -17.277 5.547   1.00 20.57 ? 126 VAL A CG1 1 
ATOM   922  C CG2 . VAL A 1 126 ? -5.519  -17.537 4.074   1.00 15.66 ? 126 VAL A CG2 1 
ATOM   923  N N   . GLY A 1 127 ? -5.348  -14.900 2.143   1.00 19.25 ? 127 GLY A N   1 
ATOM   924  C CA  . GLY A 1 127 ? -4.271  -14.127 1.553   1.00 21.23 ? 127 GLY A CA  1 
ATOM   925  C C   . GLY A 1 127 ? -4.775  -12.739 1.194   1.00 27.35 ? 127 GLY A C   1 
ATOM   926  O O   . GLY A 1 127 ? -4.090  -11.731 1.376   1.00 17.95 ? 127 GLY A O   1 
ATOM   927  N N   . GLU A 1 128 ? -5.997  -12.686 0.684   1.00 21.43 ? 128 GLU A N   1 
ATOM   928  C CA  . GLU A 1 128 ? -6.562  -11.430 0.224   1.00 21.36 ? 128 GLU A CA  1 
ATOM   929  C C   . GLU A 1 128 ? -6.973  -10.562 1.403   1.00 24.21 ? 128 GLU A C   1 
ATOM   930  O O   . GLU A 1 128 ? -6.816  -9.345  1.370   1.00 18.21 ? 128 GLU A O   1 
ATOM   931  C CB  . GLU A 1 128 ? -7.733  -11.697 -0.720  1.00 22.98 ? 128 GLU A CB  1 
ATOM   932  C CG  . GLU A 1 128 ? -7.255  -12.246 -2.055  1.00 26.60 ? 128 GLU A CG  1 
ATOM   933  C CD  . GLU A 1 128 ? -6.129  -11.401 -2.648  1.00 52.98 ? 128 GLU A CD  1 
ATOM   934  O OE1 . GLU A 1 128 ? -6.383  -10.220 -2.978  1.00 55.11 ? 128 GLU A OE1 1 
ATOM   935  O OE2 . GLU A 1 128 ? -4.990  -11.913 -2.779  1.00 42.36 ? 128 GLU A OE2 1 
ATOM   936  N N   . ILE A 1 129 ? -7.474  -11.200 2.455   1.00 19.80 ? 129 ILE A N   1 
ATOM   937  C CA  . ILE A 1 129 ? -7.841  -10.489 3.668   1.00 19.27 ? 129 ILE A CA  1 
ATOM   938  C C   . ILE A 1 129 ? -6.616  -9.902  4.366   1.00 19.16 ? 129 ILE A C   1 
ATOM   939  O O   . ILE A 1 129 ? -6.636  -8.766  4.817   1.00 20.43 ? 129 ILE A O   1 
ATOM   940  C CB  . ILE A 1 129 ? -8.585  -11.411 4.646   1.00 22.49 ? 129 ILE A CB  1 
ATOM   941  C CG1 . ILE A 1 129 ? -9.929  -11.833 4.048   1.00 23.11 ? 129 ILE A CG1 1 
ATOM   942  C CG2 . ILE A 1 129 ? -8.790  -10.720 5.992   1.00 18.83 ? 129 ILE A CG2 1 
ATOM   943  C CD1 . ILE A 1 129 ? -10.607 -12.915 4.836   1.00 19.79 ? 129 ILE A CD1 1 
ATOM   944  N N   . TYR A 1 130 ? -5.549  -10.689 4.461   1.00 13.70 ? 130 TYR A N   1 
ATOM   945  C CA  . TYR A 1 130 ? -4.325  -10.213 5.088   1.00 16.37 ? 130 TYR A CA  1 
ATOM   946  C C   . TYR A 1 130 ? -3.721  -9.071  4.273   1.00 18.40 ? 130 TYR A C   1 
ATOM   947  O O   . TYR A 1 130 ? -3.283  -8.072  4.832   1.00 13.92 ? 130 TYR A O   1 
ATOM   948  C CB  . TYR A 1 130 ? -3.336  -11.370 5.219   1.00 17.16 ? 130 TYR A CB  1 
ATOM   949  C CG  . TYR A 1 130 ? -2.100  -11.077 6.055   1.00 18.32 ? 130 TYR A CG  1 
ATOM   950  C CD1 . TYR A 1 130 ? -2.110  -10.106 7.043   1.00 16.59 ? 130 TYR A CD1 1 
ATOM   951  C CD2 . TYR A 1 130 ? -0.935  -11.813 5.872   1.00 14.25 ? 130 TYR A CD2 1 
ATOM   952  C CE1 . TYR A 1 130 ? -0.980  -9.864  7.823   1.00 13.52 ? 130 TYR A CE1 1 
ATOM   953  C CE2 . TYR A 1 130 ? 0.198   -11.577 6.648   1.00 15.36 ? 130 TYR A CE2 1 
ATOM   954  C CZ  . TYR A 1 130 ? 0.166   -10.599 7.619   1.00 13.96 ? 130 TYR A CZ  1 
ATOM   955  O OH  . TYR A 1 130 ? 1.289   -10.369 8.395   1.00 17.84 ? 130 TYR A OH  1 
ATOM   956  N N   . LYS A 1 131 ? -3.695  -9.223  2.951   1.00 13.05 ? 131 LYS A N   1 
ATOM   957  C CA  . LYS A 1 131 ? -3.113  -8.192  2.095   1.00 15.82 ? 131 LYS A CA  1 
ATOM   958  C C   . LYS A 1 131 ? -3.809  -6.841  2.298   1.00 20.11 ? 131 LYS A C   1 
ATOM   959  O O   . LYS A 1 131 ? -3.173  -5.784  2.244   1.00 14.48 ? 131 LYS A O   1 
ATOM   960  C CB  . LYS A 1 131 ? -3.174  -8.601  0.628   1.00 14.84 ? 131 LYS A CB  1 
ATOM   961  C CG  . LYS A 1 131 ? -2.279  -7.744  -0.262  1.00 23.59 ? 131 LYS A CG  1 
ATOM   962  C CD  . LYS A 1 131 ? -2.660  -7.835  -1.739  1.00 32.21 ? 131 LYS A CD  1 
ATOM   963  C CE  . LYS A 1 131 ? -2.008  -9.016  -2.416  1.00 35.23 ? 131 LYS A CE  1 
ATOM   964  N NZ  . LYS A 1 131 ? -1.722  -8.727  -3.858  1.00 33.50 ? 131 LYS A NZ  1 
ATOM   965  N N   . ARG A 1 132 ? -5.114  -6.876  2.537   1.00 17.20 ? 132 ARG A N   1 
ATOM   966  C CA  . ARG A 1 132 ? -5.850  -5.641  2.800   1.00 20.38 ? 132 ARG A CA  1 
ATOM   967  C C   . ARG A 1 132 ? -5.380  -4.981  4.102   1.00 17.64 ? 132 ARG A C   1 
ATOM   968  O O   . ARG A 1 132 ? -5.199  -3.761  4.152   1.00 15.27 ? 132 ARG A O   1 
ATOM   969  C CB  . ARG A 1 132 ? -7.352  -5.908  2.825   1.00 22.84 ? 132 ARG A CB  1 
ATOM   970  C CG  . ARG A 1 132 ? -8.206  -4.686  3.089   1.00 40.85 ? 132 ARG A CG  1 
ATOM   971  C CD  . ARG A 1 132 ? -9.681  -5.068  3.114   1.00 50.35 ? 132 ARG A CD  1 
ATOM   972  N NE  . ARG A 1 132 ? -9.952  -6.232  2.272   1.00 47.97 ? 132 ARG A NE  1 
ATOM   973  C CZ  . ARG A 1 132 ? -10.373 -7.408  2.735   1.00 56.48 ? 132 ARG A CZ  1 
ATOM   974  N NH1 . ARG A 1 132 ? -10.587 -7.576  4.035   1.00 61.06 ? 132 ARG A NH1 1 
ATOM   975  N NH2 . ARG A 1 132 ? -10.591 -8.415  1.896   1.00 44.07 ? 132 ARG A NH2 1 
ATOM   976  N N   . TRP A 1 133 ? -5.160  -5.779  5.149   1.00 14.28 ? 133 TRP A N   1 
ATOM   977  C CA  . TRP A 1 133 ? -4.660  -5.236  6.419   1.00 13.78 ? 133 TRP A CA  1 
ATOM   978  C C   . TRP A 1 133 ? -3.270  -4.620  6.250   1.00 13.94 ? 133 TRP A C   1 
ATOM   979  O O   . TRP A 1 133 ? -2.972  -3.558  6.816   1.00 14.16 ? 133 TRP A O   1 
ATOM   980  C CB  . TRP A 1 133 ? -4.590  -6.307  7.509   1.00 17.82 ? 133 TRP A CB  1 
ATOM   981  C CG  . TRP A 1 133 ? -5.872  -6.987  7.814   1.00 20.35 ? 133 TRP A CG  1 
ATOM   982  C CD1 . TRP A 1 133 ? -7.126  -6.627  7.401   1.00 23.60 ? 133 TRP A CD1 1 
ATOM   983  C CD2 . TRP A 1 133 ? -6.038  -8.135  8.649   1.00 13.67 ? 133 TRP A CD2 1 
ATOM   984  N NE1 . TRP A 1 133 ? -8.061  -7.511  7.909   1.00 22.19 ? 133 TRP A NE1 1 
ATOM   985  C CE2 . TRP A 1 133 ? -7.414  -8.443  8.676   1.00 20.02 ? 133 TRP A CE2 1 
ATOM   986  C CE3 . TRP A 1 133 ? -5.150  -8.952  9.350   1.00 16.32 ? 133 TRP A CE3 1 
ATOM   987  C CZ2 . TRP A 1 133 ? -7.925  -9.525  9.404   1.00 21.16 ? 133 TRP A CZ2 1 
ATOM   988  C CZ3 . TRP A 1 133 ? -5.659  -10.029 10.065  1.00 23.73 ? 133 TRP A CZ3 1 
ATOM   989  C CH2 . TRP A 1 133 ? -7.033  -10.304 10.082  1.00 20.14 ? 133 TRP A CH2 1 
ATOM   990  N N   . ILE A 1 134 ? -2.422  -5.291  5.471   1.00 11.70 ? 134 ILE A N   1 
ATOM   991  C CA  . ILE A 1 134 ? -1.054  -4.806  5.248   1.00 13.99 ? 134 ILE A CA  1 
ATOM   992  C C   . ILE A 1 134 ? -1.102  -3.471  4.505   1.00 15.50 ? 134 ILE A C   1 
ATOM   993  O O   . ILE A 1 134 ? -0.418  -2.513  4.862   1.00 14.81 ? 134 ILE A O   1 
ATOM   994  C CB  . ILE A 1 134 ? -0.211  -5.834  4.450   1.00 12.96 ? 134 ILE A CB  1 
ATOM   995  C CG1 . ILE A 1 134 ? 0.006   -7.100  5.295   1.00 15.52 ? 134 ILE A CG1 1 
ATOM   996  C CG2 . ILE A 1 134 ? 1.156   -5.242  4.086   1.00 14.02 ? 134 ILE A CG2 1 
ATOM   997  C CD1 . ILE A 1 134 ? 0.486   -8.307  4.504   1.00 13.27 ? 134 ILE A CD1 1 
ATOM   998  N N   . ILE A 1 135 ? -1.928  -3.404  3.474   1.00 13.97 ? 135 ILE A N   1 
ATOM   999  C CA  . ILE A 1 135 ? -2.002  -2.190  2.660   1.00 14.71 ? 135 ILE A CA  1 
ATOM   1000 C C   . ILE A 1 135 ? -2.542  -1.020  3.483   1.00 14.98 ? 135 ILE A C   1 
ATOM   1001 O O   . ILE A 1 135 ? -2.075  0.121   3.354   1.00 18.02 ? 135 ILE A O   1 
ATOM   1002 C CB  . ILE A 1 135 ? -2.852  -2.399  1.398   1.00 17.17 ? 135 ILE A CB  1 
ATOM   1003 C CG1 . ILE A 1 135 ? -2.115  -3.328  0.432   1.00 26.86 ? 135 ILE A CG1 1 
ATOM   1004 C CG2 . ILE A 1 135 ? -3.141  -1.052  0.734   1.00 20.77 ? 135 ILE A CG2 1 
ATOM   1005 C CD1 . ILE A 1 135 ? -2.805  -3.528  -0.894  1.00 29.30 ? 135 ILE A CD1 1 
ATOM   1006 N N   . LEU A 1 136 ? -3.515  -1.309  4.337   1.00 16.51 ? 136 LEU A N   1 
ATOM   1007 C CA  . LEU A 1 136 ? -4.026  -0.309  5.275   1.00 17.80 ? 136 LEU A CA  1 
ATOM   1008 C C   . LEU A 1 136 ? -2.873  0.230   6.127   1.00 17.03 ? 136 LEU A C   1 
ATOM   1009 O O   . LEU A 1 136 ? -2.753  1.436   6.357   1.00 16.15 ? 136 LEU A O   1 
ATOM   1010 C CB  . LEU A 1 136 ? -5.098  -0.937  6.170   1.00 24.49 ? 136 LEU A CB  1 
ATOM   1011 C CG  . LEU A 1 136 ? -6.190  -0.040  6.754   1.00 45.68 ? 136 LEU A CG  1 
ATOM   1012 C CD1 . LEU A 1 136 ? -7.421  -0.876  7.084   1.00 37.87 ? 136 LEU A CD1 1 
ATOM   1013 C CD2 . LEU A 1 136 ? -5.691  0.718   7.980   1.00 45.10 ? 136 LEU A CD2 1 
ATOM   1014 N N   . GLY A 1 137 ? -2.015  -0.670  6.593   1.00 15.08 ? 137 GLY A N   1 
ATOM   1015 C CA  . GLY A 1 137 ? -0.867  -0.271  7.388   1.00 13.02 ? 137 GLY A CA  1 
ATOM   1016 C C   . GLY A 1 137 ? 0.183   0.475   6.591   1.00 15.68 ? 137 GLY A C   1 
ATOM   1017 O O   . GLY A 1 137 ? 0.779   1.444   7.074   1.00 14.61 ? 137 GLY A O   1 
ATOM   1018 N N   . LEU A 1 138 ? 0.430   0.024   5.364   1.00 12.96 ? 138 LEU A N   1 
ATOM   1019 C CA  . LEU A 1 138 ? 1.394   0.699   4.507   1.00 18.61 ? 138 LEU A CA  1 
ATOM   1020 C C   . LEU A 1 138 ? 0.936   2.117   4.151   1.00 14.73 ? 138 LEU A C   1 
ATOM   1021 O O   . LEU A 1 138 ? 1.745   3.044   4.099   1.00 13.50 ? 138 LEU A O   1 
ATOM   1022 C CB  . LEU A 1 138 ? 1.668   -0.125  3.247   1.00 21.75 ? 138 LEU A CB  1 
ATOM   1023 C CG  . LEU A 1 138 ? 2.482   -1.405  3.467   1.00 19.57 ? 138 LEU A CG  1 
ATOM   1024 C CD1 . LEU A 1 138 ? 2.483   -2.297  2.215   1.00 17.41 ? 138 LEU A CD1 1 
ATOM   1025 C CD2 . LEU A 1 138 ? 3.918   -1.119  3.932   1.00 18.62 ? 138 LEU A CD2 1 
ATOM   1026 N N   . ASN A 1 139 ? -0.361  2.291   3.919   1.00 16.35 ? 139 ASN A N   1 
ATOM   1027 C CA  . ASN A 1 139 ? -0.894  3.623   3.615   1.00 18.68 ? 139 ASN A CA  1 
ATOM   1028 C C   . ASN A 1 139 ? -0.624  4.629   4.742   1.00 23.03 ? 139 ASN A C   1 
ATOM   1029 O O   . ASN A 1 139 ? -0.260  5.788   4.496   1.00 19.77 ? 139 ASN A O   1 
ATOM   1030 C CB  . ASN A 1 139 ? -2.394  3.544   3.289   1.00 17.69 ? 139 ASN A CB  1 
ATOM   1031 C CG  . ASN A 1 139 ? -2.667  2.906   1.925   1.00 20.33 ? 139 ASN A CG  1 
ATOM   1032 O OD1 . ASN A 1 139 ? -1.820  2.922   1.039   1.00 32.26 ? 139 ASN A OD1 1 
ATOM   1033 N ND2 . ASN A 1 139 ? -3.857  2.344   1.763   1.00 30.78 ? 139 ASN A ND2 1 
ATOM   1034 N N   . LYS A 1 140 ? -0.789  4.191   5.987   1.00 19.30 ? 140 LYS A N   1 
ATOM   1035 C CA  . LYS A 1 140 ? -0.457  5.050   7.117   1.00 16.24 ? 140 LYS A CA  1 
ATOM   1036 C C   . LYS A 1 140 ? 1.015   5.445   7.135   1.00 14.75 ? 140 LYS A C   1 
ATOM   1037 O O   . LYS A 1 140 ? 1.360   6.589   7.436   1.00 20.82 ? 140 LYS A O   1 
ATOM   1038 C CB  . LYS A 1 140 ? -0.868  4.375   8.437   1.00 25.61 ? 140 LYS A CB  1 
ATOM   1039 C CG  . LYS A 1 140 ? -2.381  4.197   8.536   1.00 33.11 ? 140 LYS A CG  1 
ATOM   1040 C CD  . LYS A 1 140 ? -2.774  3.218   9.620   1.00 31.77 ? 140 LYS A CD  1 
ATOM   1041 C CE  . LYS A 1 140 ? -1.976  3.459   10.871  1.00 35.43 ? 140 LYS A CE  1 
ATOM   1042 N NZ  . LYS A 1 140 ? -2.710  2.921   12.044  1.00 49.23 ? 140 LYS A NZ  1 
ATOM   1043 N N   . ILE A 1 141 ? 1.885   4.492   6.802   1.00 13.53 ? 141 ILE A N   1 
ATOM   1044 C CA  . ILE A 1 141 ? 3.322   4.727   6.804   1.00 15.81 ? 141 ILE A CA  1 
ATOM   1045 C C   . ILE A 1 141 ? 3.693   5.701   5.691   1.00 19.81 ? 141 ILE A C   1 
ATOM   1046 O O   . ILE A 1 141 ? 4.455   6.645   5.906   1.00 17.30 ? 141 ILE A O   1 
ATOM   1047 C CB  . ILE A 1 141 ? 4.095   3.416   6.617   1.00 16.74 ? 141 ILE A CB  1 
ATOM   1048 C CG1 . ILE A 1 141 ? 3.970   2.555   7.878   1.00 17.04 ? 141 ILE A CG1 1 
ATOM   1049 C CG2 . ILE A 1 141 ? 5.565   3.691   6.291   1.00 20.93 ? 141 ILE A CG2 1 
ATOM   1050 C CD1 . ILE A 1 141 ? 4.371   1.120   7.655   1.00 20.00 ? 141 ILE A CD1 1 
ATOM   1051 N N   . VAL A 1 142 ? 3.148   5.471   4.504   1.00 14.43 ? 142 VAL A N   1 
ATOM   1052 C CA  . VAL A 1 142 ? 3.405   6.378   3.382   1.00 13.28 ? 142 VAL A CA  1 
ATOM   1053 C C   . VAL A 1 142 ? 3.026   7.810   3.763   1.00 13.54 ? 142 VAL A C   1 
ATOM   1054 O O   . VAL A 1 142 ? 3.798   8.749   3.548   1.00 18.34 ? 142 VAL A O   1 
ATOM   1055 C CB  . VAL A 1 142 ? 2.689   5.900   2.090   1.00 13.55 ? 142 VAL A CB  1 
ATOM   1056 C CG1 . VAL A 1 142 ? 2.680   7.001   1.023   1.00 15.64 ? 142 VAL A CG1 1 
ATOM   1057 C CG2 . VAL A 1 142 ? 3.388   4.646   1.549   1.00 7.69  ? 142 VAL A CG2 1 
ATOM   1058 N N   . ARG A 1 143 ? 1.864   7.978   4.379   1.00 16.72 ? 143 ARG A N   1 
ATOM   1059 C CA  A ARG A 1 143 ? 1.432   9.307   4.764   0.50 23.98 ? 143 ARG A CA  1 
ATOM   1060 C CA  B ARG A 1 143 ? 1.397   9.293   4.821   0.50 24.00 ? 143 ARG A CA  1 
ATOM   1061 C C   . ARG A 1 143 ? 2.355   9.897   5.835   1.00 23.79 ? 143 ARG A C   1 
ATOM   1062 O O   . ARG A 1 143 ? 2.667   11.088  5.805   1.00 21.41 ? 143 ARG A O   1 
ATOM   1063 C CB  A ARG A 1 143 ? -0.019  9.276   5.232   0.50 27.59 ? 143 ARG A CB  1 
ATOM   1064 C CB  B ARG A 1 143 ? 0.012   9.184   5.467   0.50 27.75 ? 143 ARG A CB  1 
ATOM   1065 C CG  A ARG A 1 143 ? -0.744  10.586  5.040   0.50 40.76 ? 143 ARG A CG  1 
ATOM   1066 C CG  B ARG A 1 143 ? -1.142  9.689   4.628   0.50 38.34 ? 143 ARG A CG  1 
ATOM   1067 C CD  A ARG A 1 143 ? -2.170  10.465  5.522   0.50 45.48 ? 143 ARG A CD  1 
ATOM   1068 C CD  B ARG A 1 143 ? -2.153  10.438  5.506   0.50 45.49 ? 143 ARG A CD  1 
ATOM   1069 N NE  . ARG A 1 143 ? -2.231  9.890   6.862   1.00 47.24 ? 143 ARG A NE  1 
ATOM   1070 C CZ  . ARG A 1 143 ? -1.847  10.531  7.965   1.00 45.38 ? 143 ARG A CZ  1 
ATOM   1071 N NH1 . ARG A 1 143 ? -1.360  11.761  7.893   1.00 43.87 ? 143 ARG A NH1 1 
ATOM   1072 N NH2 . ARG A 1 143 ? -1.950  9.942   9.149   1.00 56.94 ? 143 ARG A NH2 1 
ATOM   1073 N N   . MET A 1 144 ? 2.819   9.069   6.760   1.00 24.55 ? 144 MET A N   1 
ATOM   1074 C CA  . MET A 1 144 ? 3.696   9.571   7.805   1.00 27.93 ? 144 MET A CA  1 
ATOM   1075 C C   . MET A 1 144 ? 5.056   10.038  7.288   1.00 26.82 ? 144 MET A C   1 
ATOM   1076 O O   . MET A 1 144 ? 5.595   11.035  7.771   1.00 24.84 ? 144 MET A O   1 
ATOM   1077 C CB  . MET A 1 144 ? 3.888   8.533   8.912   1.00 27.97 ? 144 MET A CB  1 
ATOM   1078 C CG  . MET A 1 144 ? 5.023   8.896   9.860   1.00 35.57 ? 144 MET A CG  1 
ATOM   1079 S SD  . MET A 1 144 ? 5.194   7.735   11.212  1.00 52.49 ? 144 MET A SD  1 
ATOM   1080 C CE  . MET A 1 144 ? 3.553   7.826   11.929  1.00 42.24 ? 144 MET A CE  1 
ATOM   1081 N N   . TYR A 1 145 ? 5.605   9.311   6.319   1.00 22.56 ? 145 TYR A N   1 
ATOM   1082 C CA  . TYR A 1 145 ? 6.950   9.577   5.807   1.00 18.55 ? 145 TYR A CA  1 
ATOM   1083 C C   . TYR A 1 145 ? 6.973   10.598  4.661   1.00 21.84 ? 145 TYR A C   1 
ATOM   1084 O O   . TYR A 1 145 ? 8.034   10.919  4.133   1.00 21.03 ? 145 TYR A O   1 
ATOM   1085 C CB  . TYR A 1 145 ? 7.622   8.270   5.383   1.00 32.39 ? 145 TYR A CB  1 
ATOM   1086 C CG  . TYR A 1 145 ? 7.969   7.385   6.564   1.00 28.48 ? 145 TYR A CG  1 
ATOM   1087 C CD1 . TYR A 1 145 ? 7.280   7.508   7.764   1.00 34.38 ? 145 TYR A CD1 1 
ATOM   1088 C CD2 . TYR A 1 145 ? 8.969   6.430   6.480   1.00 34.38 ? 145 TYR A CD2 1 
ATOM   1089 C CE1 . TYR A 1 145 ? 7.584   6.717   8.852   1.00 35.39 ? 145 TYR A CE1 1 
ATOM   1090 C CE2 . TYR A 1 145 ? 9.284   5.628   7.567   1.00 35.27 ? 145 TYR A CE2 1 
ATOM   1091 C CZ  . TYR A 1 145 ? 8.582   5.775   8.750   1.00 27.73 ? 145 TYR A CZ  1 
ATOM   1092 O OH  . TYR A 1 145 ? 8.872   4.990   9.846   1.00 37.99 ? 145 TYR A OH  1 
ATOM   1093 N N   . SER A 1 146 ? 5.804   11.102  4.279   1.00 21.95 ? 146 SER A N   1 
ATOM   1094 C CA  . SER A 1 146 ? 5.725   12.203  3.318   1.00 17.02 ? 146 SER A CA  1 
ATOM   1095 C C   . SER A 1 146 ? 6.422   13.425  3.929   1.00 18.75 ? 146 SER A C   1 
ATOM   1096 O O   . SER A 1 146 ? 6.021   13.910  4.983   1.00 24.45 ? 146 SER A O   1 
ATOM   1097 C CB  . SER A 1 146 ? 4.255   12.516  2.997   1.00 25.42 ? 146 SER A CB  1 
ATOM   1098 O OG  . SER A 1 146 ? 4.134   13.582  2.067   1.00 35.12 ? 146 SER A OG  1 
ATOM   1099 N N   . PRO A 1 147 ? 7.462   13.936  3.263   1.00 20.33 ? 147 PRO A N   1 
ATOM   1100 C CA  . PRO A 1 147 ? 8.315   14.960  3.891   1.00 28.16 ? 147 PRO A CA  1 
ATOM   1101 C C   . PRO A 1 147 ? 7.700   16.360  3.956   1.00 31.79 ? 147 PRO A C   1 
ATOM   1102 O O   . PRO A 1 147 ? 8.148   17.195  4.744   1.00 32.51 ? 147 PRO A O   1 
ATOM   1103 C CB  . PRO A 1 147 ? 9.541   15.012  2.969   1.00 27.06 ? 147 PRO A CB  1 
ATOM   1104 C CG  . PRO A 1 147 ? 9.331   13.972  1.908   1.00 36.82 ? 147 PRO A CG  1 
ATOM   1105 C CD  . PRO A 1 147 ? 7.884   13.627  1.890   1.00 27.27 ? 147 PRO A CD  1 
ATOM   1106 N N   . THR A 1 148 ? 6.700   16.631  3.130   1.00 29.47 ? 148 THR A N   1 
ATOM   1107 C CA  . THR A 1 148 ? 6.288   18.016  2.934   1.00 25.28 ? 148 THR A CA  1 
ATOM   1108 C C   . THR A 1 148 ? 4.792   18.153  2.739   1.00 27.76 ? 148 THR A C   1 
ATOM   1109 O O   . THR A 1 148 ? 4.165   17.313  2.102   1.00 22.05 ? 148 THR A O   1 
ATOM   1110 C CB  . THR A 1 148 ? 7.042   18.626  1.736   1.00 29.44 ? 148 THR A CB  1 
ATOM   1111 O OG1 . THR A 1 148 ? 8.453   18.552  1.987   1.00 27.68 ? 148 THR A OG1 1 
ATOM   1112 C CG2 . THR A 1 148 ? 6.642   20.083  1.525   1.00 26.41 ? 148 THR A CG2 1 
ATOM   1113 N N   . SER A 1 149 ? 4.222   19.210  3.315   1.00 23.65 ? 149 SER A N   1 
ATOM   1114 C CA  . SER A 1 149 ? 2.803   19.476  3.196   1.00 22.81 ? 149 SER A CA  1 
ATOM   1115 C C   . SER A 1 149 ? 2.488   19.975  1.793   1.00 18.95 ? 149 SER A C   1 
ATOM   1116 O O   . SER A 1 149 ? 3.262   20.738  1.212   1.00 18.07 ? 149 SER A O   1 
ATOM   1117 C CB  . SER A 1 149 ? 2.372   20.529  4.229   1.00 21.07 ? 149 SER A CB  1 
ATOM   1118 O OG  . SER A 1 149 ? 1.080   21.031  3.935   1.00 21.61 ? 149 SER A OG  1 
ATOM   1119 N N   . ILE A 1 150 ? 1.350   19.559  1.255   1.00 15.54 ? 150 ILE A N   1 
ATOM   1120 C CA  . ILE A 1 150 ? 0.922   20.081  -0.036  1.00 19.54 ? 150 ILE A CA  1 
ATOM   1121 C C   . ILE A 1 150 ? 0.850   21.612  -0.002  1.00 24.89 ? 150 ILE A C   1 
ATOM   1122 O O   . ILE A 1 150 ? 0.992   22.275  -1.026  1.00 20.02 ? 150 ILE A O   1 
ATOM   1123 C CB  . ILE A 1 150 ? -0.421  19.501  -0.474  1.00 16.65 ? 150 ILE A CB  1 
ATOM   1124 C CG1 . ILE A 1 150 ? -0.688  19.865  -1.941  1.00 23.47 ? 150 ILE A CG1 1 
ATOM   1125 C CG2 . ILE A 1 150 ? -1.550  19.984  0.433   1.00 27.83 ? 150 ILE A CG2 1 
ATOM   1126 C CD1 . ILE A 1 150 ? 0.258   19.192  -2.910  1.00 21.34 ? 150 ILE A CD1 1 
ATOM   1127 N N   . LEU A 1 151 ? 0.651   22.175  1.187   1.00 22.30 ? 151 LEU A N   1 
ATOM   1128 C CA  . LEU A 1 151 ? 0.574   23.627  1.319   1.00 24.34 ? 151 LEU A CA  1 
ATOM   1129 C C   . LEU A 1 151 ? 1.916   24.285  1.052   1.00 23.61 ? 151 LEU A C   1 
ATOM   1130 O O   . LEU A 1 151 ? 1.981   25.482  0.754   1.00 30.40 ? 151 LEU A O   1 
ATOM   1131 C CB  . LEU A 1 151 ? 0.073   24.018  2.711   1.00 31.41 ? 151 LEU A CB  1 
ATOM   1132 C CG  . LEU A 1 151 ? -1.359  23.607  3.068   1.00 34.94 ? 151 LEU A CG  1 
ATOM   1133 C CD1 . LEU A 1 151 ? -1.623  23.838  4.554   1.00 45.01 ? 151 LEU A CD1 1 
ATOM   1134 C CD2 . LEU A 1 151 ? -2.375  24.357  2.229   1.00 37.42 ? 151 LEU A CD2 1 
ATOM   1135 N N   . ASP A 1 152 ? 2.992   23.512  1.174   1.00 21.99 ? 152 ASP A N   1 
ATOM   1136 C CA  . ASP A 1 152 ? 4.336   24.059  1.005   1.00 20.07 ? 152 ASP A CA  1 
ATOM   1137 C C   . ASP A 1 152 ? 4.932   23.784  -0.368  1.00 21.66 ? 152 ASP A C   1 
ATOM   1138 O O   . ASP A 1 152 ? 6.078   24.145  -0.639  1.00 27.49 ? 152 ASP A O   1 
ATOM   1139 C CB  . ASP A 1 152 ? 5.271   23.553  2.100   1.00 23.21 ? 152 ASP A CB  1 
ATOM   1140 C CG  . ASP A 1 152 ? 5.004   24.217  3.452   1.00 39.63 ? 152 ASP A CG  1 
ATOM   1141 O OD1 . ASP A 1 152 ? 4.486   25.356  3.479   1.00 34.22 ? 152 ASP A OD1 1 
ATOM   1142 O OD2 . ASP A 1 152 ? 5.316   23.601  4.490   1.00 38.51 ? 152 ASP A OD2 1 
ATOM   1143 N N   . ILE A 1 153 ? 4.157   23.130  -1.225  1.00 17.17 ? 153 ILE A N   1 
ATOM   1144 C CA  . ILE A 1 153 ? 4.579   22.907  -2.610  1.00 17.64 ? 153 ILE A CA  1 
ATOM   1145 C C   . ILE A 1 153 ? 4.163   24.106  -3.449  1.00 23.62 ? 153 ILE A C   1 
ATOM   1146 O O   . ILE A 1 153 ? 3.013   24.217  -3.880  1.00 20.69 ? 153 ILE A O   1 
ATOM   1147 C CB  . ILE A 1 153 ? 3.975   21.624  -3.213  1.00 19.98 ? 153 ILE A CB  1 
ATOM   1148 C CG1 . ILE A 1 153 ? 4.463   20.391  -2.452  1.00 16.19 ? 153 ILE A CG1 1 
ATOM   1149 C CG2 . ILE A 1 153 ? 4.375   21.498  -4.685  1.00 24.33 ? 153 ILE A CG2 1 
ATOM   1150 C CD1 . ILE A 1 153 ? 5.970   20.340  -2.305  1.00 20.44 ? 153 ILE A CD1 1 
ATOM   1151 N N   . ARG A 1 154 ? 5.110   25.014  -3.657  1.00 22.55 ? 154 ARG A N   1 
ATOM   1152 C CA  . ARG A 1 154 ? 4.849   26.233  -4.399  1.00 17.45 ? 154 ARG A CA  1 
ATOM   1153 C C   . ARG A 1 154 ? 5.869   26.386  -5.525  1.00 15.98 ? 154 ARG A C   1 
ATOM   1154 O O   . ARG A 1 154 ? 7.039   26.043  -5.374  1.00 21.71 ? 154 ARG A O   1 
ATOM   1155 C CB  . ARG A 1 154 ? 4.883   27.435  -3.453  1.00 21.95 ? 154 ARG A CB  1 
ATOM   1156 C CG  . ARG A 1 154 ? 3.859   27.347  -2.331  1.00 25.51 ? 154 ARG A CG  1 
ATOM   1157 C CD  . ARG A 1 154 ? 3.842   28.608  -1.467  1.00 36.32 ? 154 ARG A CD  1 
ATOM   1158 N NE  . ARG A 1 154 ? 3.605   29.807  -2.266  1.00 43.36 ? 154 ARG A NE  1 
ATOM   1159 C CZ  . ARG A 1 154 ? 4.374   30.895  -2.245  1.00 49.91 ? 154 ARG A CZ  1 
ATOM   1160 N NH1 . ARG A 1 154 ? 5.432   30.960  -1.445  1.00 39.38 ? 154 ARG A NH1 1 
ATOM   1161 N NH2 . ARG A 1 154 ? 4.070   31.930  -3.017  1.00 41.76 ? 154 ARG A NH2 1 
ATOM   1162 N N   . GLN A 1 155 ? 5.407   26.879  -6.665  1.00 16.63 ? 155 GLN A N   1 
ATOM   1163 C CA  . GLN A 1 155 ? 6.269   26.988  -7.824  1.00 15.37 ? 155 GLN A CA  1 
ATOM   1164 C C   . GLN A 1 155 ? 7.341   28.061  -7.619  1.00 22.78 ? 155 GLN A C   1 
ATOM   1165 O O   . GLN A 1 155 ? 7.029   29.203  -7.287  1.00 19.47 ? 155 GLN A O   1 
ATOM   1166 C CB  . GLN A 1 155 ? 5.454   27.319  -9.069  1.00 13.95 ? 155 GLN A CB  1 
ATOM   1167 C CG  . GLN A 1 155 ? 6.295   27.414  -10.321 1.00 18.64 ? 155 GLN A CG  1 
ATOM   1168 C CD  . GLN A 1 155 ? 5.473   27.786  -11.527 1.00 14.80 ? 155 GLN A CD  1 
ATOM   1169 O OE1 . GLN A 1 155 ? 4.383   28.329  -11.397 1.00 16.20 ? 155 GLN A OE1 1 
ATOM   1170 N NE2 . GLN A 1 155 ? 5.994   27.492  -12.716 1.00 19.34 ? 155 GLN A NE2 1 
ATOM   1171 N N   . GLY A 1 156 ? 8.598   27.690  -7.827  1.00 24.34 ? 156 GLY A N   1 
ATOM   1172 C CA  . GLY A 1 156 ? 9.685   28.651  -7.732  1.00 25.40 ? 156 GLY A CA  1 
ATOM   1173 C C   . GLY A 1 156 ? 9.637   29.664  -8.860  1.00 23.03 ? 156 GLY A C   1 
ATOM   1174 O O   . GLY A 1 156 ? 9.018   29.422  -9.900  1.00 21.97 ? 156 GLY A O   1 
ATOM   1175 N N   . PRO A 1 157 ? 10.294  30.815  -8.660  1.00 29.52 ? 157 PRO A N   1 
ATOM   1176 C CA  . PRO A 1 157 ? 10.363  31.934  -9.612  1.00 25.44 ? 157 PRO A CA  1 
ATOM   1177 C C   . PRO A 1 157 ? 10.891  31.521  -10.980 1.00 26.22 ? 157 PRO A C   1 
ATOM   1178 O O   . PRO A 1 157 ? 10.502  32.110  -11.994 1.00 30.28 ? 157 PRO A O   1 
ATOM   1179 C CB  . PRO A 1 157 ? 11.383  32.885  -8.964  1.00 23.76 ? 157 PRO A CB  1 
ATOM   1180 C CG  . PRO A 1 157 ? 11.419  32.530  -7.541  1.00 30.80 ? 157 PRO A CG  1 
ATOM   1181 C CD  . PRO A 1 157 ? 11.024  31.090  -7.411  1.00 30.33 ? 157 PRO A CD  1 
ATOM   1182 N N   . LYS A 1 158 ? 11.792  30.545  -11.002 1.00 33.66 ? 158 LYS A N   1 
ATOM   1183 C CA  . LYS A 1 158 ? 12.394  30.089  -12.255 1.00 32.14 ? 158 LYS A CA  1 
ATOM   1184 C C   . LYS A 1 158 ? 12.172  28.592  -12.457 1.00 30.31 ? 158 LYS A C   1 
ATOM   1185 O O   . LYS A 1 158 ? 12.852  27.955  -13.258 1.00 32.11 ? 158 LYS A O   1 
ATOM   1186 C CB  . LYS A 1 158 ? 13.890  30.421  -12.282 1.00 31.51 ? 158 LYS A CB  1 
ATOM   1187 C CG  . LYS A 1 158 ? 14.232  31.748  -11.604 1.00 44.27 ? 158 LYS A CG  1 
ATOM   1188 C CD  . LYS A 1 158 ? 15.493  32.390  -12.169 1.00 58.54 ? 158 LYS A CD  1 
ATOM   1189 C CE  . LYS A 1 158 ? 15.178  33.589  -13.069 1.00 51.72 ? 158 LYS A CE  1 
ATOM   1190 N NZ  . LYS A 1 158 ? 14.829  33.222  -14.472 1.00 47.26 ? 158 LYS A NZ  1 
ATOM   1191 N N   . GLU A 1 159 ? 11.219  28.032  -11.719 1.00 27.27 ? 159 GLU A N   1 
ATOM   1192 C CA  . GLU A 1 159 ? 10.868  26.623  -11.869 1.00 23.48 ? 159 GLU A CA  1 
ATOM   1193 C C   . GLU A 1 159 ? 9.904   26.436  -13.037 1.00 24.93 ? 159 GLU A C   1 
ATOM   1194 O O   . GLU A 1 159 ? 8.849   27.067  -13.081 1.00 22.83 ? 159 GLU A O   1 
ATOM   1195 C CB  . GLU A 1 159 ? 10.236  26.084  -10.578 1.00 18.91 ? 159 GLU A CB  1 
ATOM   1196 C CG  . GLU A 1 159 ? 9.899   24.611  -10.650 1.00 23.14 ? 159 GLU A CG  1 
ATOM   1197 C CD  . GLU A 1 159 ? 9.394   24.061  -9.343  1.00 19.38 ? 159 GLU A CD  1 
ATOM   1198 O OE1 . GLU A 1 159 ? 8.874   24.847  -8.531  1.00 22.55 ? 159 GLU A OE1 1 
ATOM   1199 O OE2 . GLU A 1 159 ? 9.524   22.839  -9.121  1.00 25.98 ? 159 GLU A OE2 1 
ATOM   1200 N N   . PRO A 1 160 ? 10.264  25.569  -13.996 1.00 22.80 ? 160 PRO A N   1 
ATOM   1201 C CA  . PRO A 1 160 ? 9.330   25.268  -15.087 1.00 24.77 ? 160 PRO A CA  1 
ATOM   1202 C C   . PRO A 1 160 ? 8.010   24.738  -14.524 1.00 18.26 ? 160 PRO A C   1 
ATOM   1203 O O   . PRO A 1 160 ? 8.003   24.018  -13.532 1.00 17.67 ? 160 PRO A O   1 
ATOM   1204 C CB  . PRO A 1 160 ? 10.051  24.172  -15.875 1.00 29.79 ? 160 PRO A CB  1 
ATOM   1205 C CG  . PRO A 1 160 ? 11.507  24.404  -15.592 1.00 28.13 ? 160 PRO A CG  1 
ATOM   1206 C CD  . PRO A 1 160 ? 11.555  24.878  -14.161 1.00 24.71 ? 160 PRO A CD  1 
ATOM   1207 N N   . PHE A 1 161 ? 6.896   25.104  -15.137 1.00 18.44 ? 161 PHE A N   1 
ATOM   1208 C CA  . PHE A 1 161 ? 5.598   24.655  -14.626 1.00 20.56 ? 161 PHE A CA  1 
ATOM   1209 C C   . PHE A 1 161 ? 5.525   23.130  -14.490 1.00 19.31 ? 161 PHE A C   1 
ATOM   1210 O O   . PHE A 1 161 ? 5.031   22.612  -13.482 1.00 16.92 ? 161 PHE A O   1 
ATOM   1211 C CB  . PHE A 1 161 ? 4.464   25.186  -15.502 1.00 20.05 ? 161 PHE A CB  1 
ATOM   1212 C CG  . PHE A 1 161 ? 3.096   24.995  -14.911 1.00 16.45 ? 161 PHE A CG  1 
ATOM   1213 C CD1 . PHE A 1 161 ? 2.700   25.715  -13.796 1.00 16.39 ? 161 PHE A CD1 1 
ATOM   1214 C CD2 . PHE A 1 161 ? 2.203   24.107  -15.482 1.00 17.82 ? 161 PHE A CD2 1 
ATOM   1215 C CE1 . PHE A 1 161 ? 1.440   25.549  -13.258 1.00 15.24 ? 161 PHE A CE1 1 
ATOM   1216 C CE2 . PHE A 1 161 ? 0.932   23.937  -14.955 1.00 18.89 ? 161 PHE A CE2 1 
ATOM   1217 C CZ  . PHE A 1 161 ? 0.549   24.656  -13.841 1.00 11.96 ? 161 PHE A CZ  1 
ATOM   1218 N N   . ARG A 1 162 ? 6.025   22.404  -15.488 1.00 16.89 ? 162 ARG A N   1 
ATOM   1219 C CA  . ARG A 1 162 ? 5.970   20.940  -15.428 1.00 23.23 ? 162 ARG A CA  1 
ATOM   1220 C C   . ARG A 1 162 ? 6.651   20.343  -14.201 1.00 20.72 ? 162 ARG A C   1 
ATOM   1221 O O   . ARG A 1 162 ? 6.155   19.373  -13.627 1.00 22.71 ? 162 ARG A O   1 
ATOM   1222 C CB  . ARG A 1 162 ? 6.577   20.294  -16.678 1.00 23.70 ? 162 ARG A CB  1 
ATOM   1223 C CG  . ARG A 1 162 ? 6.330   18.793  -16.737 1.00 25.17 ? 162 ARG A CG  1 
ATOM   1224 C CD  . ARG A 1 162 ? 7.141   18.149  -17.862 1.00 29.62 ? 162 ARG A CD  1 
ATOM   1225 N NE  . ARG A 1 162 ? 6.880   18.819  -19.132 1.00 48.07 ? 162 ARG A NE  1 
ATOM   1226 C CZ  . ARG A 1 162 ? 7.703   18.802  -20.173 1.00 38.61 ? 162 ARG A CZ  1 
ATOM   1227 N NH1 . ARG A 1 162 ? 8.855   18.150  -20.103 1.00 28.53 ? 162 ARG A NH1 1 
ATOM   1228 N NH2 . ARG A 1 162 ? 7.368   19.442  -21.283 1.00 26.53 ? 162 ARG A NH2 1 
ATOM   1229 N N   . ASP A 1 163 ? 7.783   20.912  -13.802 1.00 15.02 ? 163 ASP A N   1 
ATOM   1230 C CA  . ASP A 1 163 ? 8.534   20.388  -12.654 1.00 15.72 ? 163 ASP A CA  1 
ATOM   1231 C C   . ASP A 1 163 ? 7.760   20.641  -11.361 1.00 13.70 ? 163 ASP A C   1 
ATOM   1232 O O   . ASP A 1 163 ? 7.729   19.798  -10.479 1.00 12.51 ? 163 ASP A O   1 
ATOM   1233 C CB  . ASP A 1 163 ? 9.897   21.062  -12.562 1.00 16.88 ? 163 ASP A CB  1 
ATOM   1234 C CG  . ASP A 1 163 ? 10.843  20.632  -13.667 1.00 27.99 ? 163 ASP A CG  1 
ATOM   1235 O OD1 . ASP A 1 163 ? 10.630  19.561  -14.273 1.00 28.64 ? 163 ASP A OD1 1 
ATOM   1236 O OD2 . ASP A 1 163 ? 11.814  21.371  -13.919 1.00 32.10 ? 163 ASP A OD2 1 
ATOM   1237 N N   . TYR A 1 164 ? 7.125   21.805  -11.275 1.00 15.06 ? 164 TYR A N   1 
ATOM   1238 C CA  . TYR A 1 164 ? 6.246   22.143  -10.147 1.00 15.27 ? 164 TYR A CA  1 
ATOM   1239 C C   . TYR A 1 164 ? 5.043   21.200  -10.055 1.00 15.94 ? 164 TYR A C   1 
ATOM   1240 O O   . TYR A 1 164 ? 4.699   20.696  -8.970  1.00 14.88 ? 164 TYR A O   1 
ATOM   1241 C CB  . TYR A 1 164 ? 5.798   23.600  -10.281 1.00 11.82 ? 164 TYR A CB  1 
ATOM   1242 C CG  . TYR A 1 164 ? 4.512   23.938  -9.575  1.00 16.17 ? 164 TYR A CG  1 
ATOM   1243 C CD1 . TYR A 1 164 ? 4.399   23.799  -8.201  1.00 17.77 ? 164 TYR A CD1 1 
ATOM   1244 C CD2 . TYR A 1 164 ? 3.409   24.416  -10.281 1.00 14.76 ? 164 TYR A CD2 1 
ATOM   1245 C CE1 . TYR A 1 164 ? 3.223   24.111  -7.553  1.00 16.20 ? 164 TYR A CE1 1 
ATOM   1246 C CE2 . TYR A 1 164 ? 2.238   24.737  -9.639  1.00 19.46 ? 164 TYR A CE2 1 
ATOM   1247 C CZ  . TYR A 1 164 ? 2.152   24.590  -8.272  1.00 18.47 ? 164 TYR A CZ  1 
ATOM   1248 O OH  . TYR A 1 164 ? 0.985   24.895  -7.613  1.00 18.67 ? 164 TYR A OH  1 
ATOM   1249 N N   . VAL A 1 165 ? 4.401   20.953  -11.190 1.00 12.47 ? 165 VAL A N   1 
ATOM   1250 C CA  . VAL A 1 165 ? 3.238   20.068  -11.216 1.00 14.56 ? 165 VAL A CA  1 
ATOM   1251 C C   . VAL A 1 165 ? 3.635   18.644  -10.793 1.00 12.76 ? 165 VAL A C   1 
ATOM   1252 O O   . VAL A 1 165 ? 2.894   17.977  -10.070 1.00 14.33 ? 165 VAL A O   1 
ATOM   1253 C CB  . VAL A 1 165 ? 2.553   20.066  -12.606 1.00 13.07 ? 165 VAL A CB  1 
ATOM   1254 C CG1 . VAL A 1 165 ? 1.329   19.139  -12.604 1.00 16.26 ? 165 VAL A CG1 1 
ATOM   1255 C CG2 . VAL A 1 165 ? 2.122   21.490  -12.989 1.00 16.37 ? 165 VAL A CG2 1 
ATOM   1256 N N   . ASP A 1 166 ? 4.801   18.185  -11.252 1.00 12.08 ? 166 ASP A N   1 
ATOM   1257 C CA  . ASP A 1 166 ? 5.366   16.920  -10.785 1.00 13.60 ? 166 ASP A CA  1 
ATOM   1258 C C   . ASP A 1 166 ? 5.480   16.883  -9.261  1.00 15.48 ? 166 ASP A C   1 
ATOM   1259 O O   . ASP A 1 166 ? 5.111   15.891  -8.645  1.00 16.05 ? 166 ASP A O   1 
ATOM   1260 C CB  . ASP A 1 166 ? 6.763   16.692  -11.375 1.00 16.34 ? 166 ASP A CB  1 
ATOM   1261 C CG  . ASP A 1 166 ? 6.728   16.156  -12.783 1.00 21.00 ? 166 ASP A CG  1 
ATOM   1262 O OD1 . ASP A 1 166 ? 5.670   15.634  -13.196 1.00 21.28 ? 166 ASP A OD1 1 
ATOM   1263 O OD2 . ASP A 1 166 ? 7.783   16.233  -13.470 1.00 21.62 ? 166 ASP A OD2 1 
ATOM   1264 N N   . ARG A 1 167 ? 6.021   17.940  -8.655  1.00 12.85 ? 167 ARG A N   1 
ATOM   1265 C CA  . ARG A 1 167 ? 6.188   17.940  -7.197  1.00 14.94 ? 167 ARG A CA  1 
ATOM   1266 C C   . ARG A 1 167 ? 4.828   17.958  -6.517  1.00 16.93 ? 167 ARG A C   1 
ATOM   1267 O O   . ARG A 1 167 ? 4.626   17.294  -5.508  1.00 13.35 ? 167 ARG A O   1 
ATOM   1268 C CB  . ARG A 1 167 ? 7.043   19.127  -6.701  1.00 16.37 ? 167 ARG A CB  1 
ATOM   1269 C CG  . ARG A 1 167 ? 8.476   19.155  -7.225  1.00 24.08 ? 167 ARG A CG  1 
ATOM   1270 C CD  . ARG A 1 167 ? 9.333   20.191  -6.499  1.00 27.17 ? 167 ARG A CD  1 
ATOM   1271 N NE  . ARG A 1 167 ? 8.878   21.552  -6.754  1.00 21.64 ? 167 ARG A NE  1 
ATOM   1272 C CZ  . ARG A 1 167 ? 8.454   22.407  -5.821  1.00 24.52 ? 167 ARG A CZ  1 
ATOM   1273 N NH1 . ARG A 1 167 ? 8.436   22.061  -4.544  1.00 17.29 ? 167 ARG A NH1 1 
ATOM   1274 N NH2 . ARG A 1 167 ? 8.052   23.625  -6.171  1.00 18.58 ? 167 ARG A NH2 1 
ATOM   1275 N N   . PHE A 1 168 ? 3.899   18.731  -7.080  1.00 12.52 ? 168 PHE A N   1 
ATOM   1276 C CA  . PHE A 1 168 ? 2.581   18.915  -6.483  1.00 11.72 ? 168 PHE A CA  1 
ATOM   1277 C C   . PHE A 1 168 ? 1.836   17.586  -6.424  1.00 16.31 ? 168 PHE A C   1 
ATOM   1278 O O   . PHE A 1 168 ? 1.298   17.202  -5.371  1.00 14.21 ? 168 PHE A O   1 
ATOM   1279 C CB  . PHE A 1 168 ? 1.783   19.940  -7.297  1.00 10.01 ? 168 PHE A CB  1 
ATOM   1280 C CG  . PHE A 1 168 ? 0.437   20.271  -6.728  1.00 14.65 ? 168 PHE A CG  1 
ATOM   1281 C CD1 . PHE A 1 168 ? 0.274   21.355  -5.886  1.00 25.15 ? 168 PHE A CD1 1 
ATOM   1282 C CD2 . PHE A 1 168 ? -0.680  19.522  -7.066  1.00 16.95 ? 168 PHE A CD2 1 
ATOM   1283 C CE1 . PHE A 1 168 ? -0.975  21.674  -5.378  1.00 23.02 ? 168 PHE A CE1 1 
ATOM   1284 C CE2 . PHE A 1 168 ? -1.932  19.837  -6.553  1.00 24.80 ? 168 PHE A CE2 1 
ATOM   1285 C CZ  . PHE A 1 168 ? -2.073  20.913  -5.712  1.00 30.35 ? 168 PHE A CZ  1 
ATOM   1286 N N   . TYR A 1 169 ? 1.801   16.869  -7.545  1.00 12.89 ? 169 TYR A N   1 
ATOM   1287 C CA  . TYR A 1 169 ? 1.054   15.607  -7.575  1.00 14.37 ? 169 TYR A CA  1 
ATOM   1288 C C   . TYR A 1 169 ? 1.772   14.450  -6.882  1.00 11.33 ? 169 TYR A C   1 
ATOM   1289 O O   . TYR A 1 169 ? 1.121   13.546  -6.377  1.00 15.20 ? 169 TYR A O   1 
ATOM   1290 C CB  . TYR A 1 169 ? 0.604   15.237  -9.005  1.00 13.89 ? 169 TYR A CB  1 
ATOM   1291 C CG  . TYR A 1 169 ? -0.594  16.059  -9.413  1.00 16.32 ? 169 TYR A CG  1 
ATOM   1292 C CD1 . TYR A 1 169 ? -1.840  15.830  -8.838  1.00 15.74 ? 169 TYR A CD1 1 
ATOM   1293 C CD2 . TYR A 1 169 ? -0.477  17.082  -10.341 1.00 17.00 ? 169 TYR A CD2 1 
ATOM   1294 C CE1 . TYR A 1 169 ? -2.930  16.585  -9.179  1.00 20.69 ? 169 TYR A CE1 1 
ATOM   1295 C CE2 . TYR A 1 169 ? -1.572  17.849  -10.689 1.00 17.74 ? 169 TYR A CE2 1 
ATOM   1296 C CZ  . TYR A 1 169 ? -2.793  17.596  -10.106 1.00 26.32 ? 169 TYR A CZ  1 
ATOM   1297 O OH  . TYR A 1 169 ? -3.890  18.359  -10.457 1.00 28.78 ? 169 TYR A OH  1 
ATOM   1298 N N   . LYS A 1 170 ? 3.101   14.490  -6.849  1.00 15.52 ? 170 LYS A N   1 
ATOM   1299 C CA  . LYS A 1 170 ? 3.880   13.513  -6.078  1.00 18.26 ? 170 LYS A CA  1 
ATOM   1300 C C   . LYS A 1 170 ? 3.547   13.659  -4.584  1.00 20.01 ? 170 LYS A C   1 
ATOM   1301 O O   . LYS A 1 170 ? 3.310   12.670  -3.874  1.00 14.65 ? 170 LYS A O   1 
ATOM   1302 C CB  . LYS A 1 170 ? 5.368   13.764  -6.317  1.00 22.59 ? 170 LYS A CB  1 
ATOM   1303 C CG  . LYS A 1 170 ? 6.318   12.883  -5.526  1.00 39.59 ? 170 LYS A CG  1 
ATOM   1304 C CD  . LYS A 1 170 ? 6.329   11.468  -6.061  1.00 31.01 ? 170 LYS A CD  1 
ATOM   1305 C CE  A LYS A 1 170 ? 7.344   10.589  -5.323  0.50 29.10 ? 170 LYS A CE  1 
ATOM   1306 C CE  B LYS A 1 170 ? 7.662   10.779  -5.792  0.50 32.20 ? 170 LYS A CE  1 
ATOM   1307 N NZ  A LYS A 1 170 ? 8.741   10.758  -5.827  0.50 29.47 ? 170 LYS A NZ  1 
ATOM   1308 N NZ  B LYS A 1 170 ? 7.997   10.749  -4.344  0.50 17.93 ? 170 LYS A NZ  1 
ATOM   1309 N N   . THR A 1 171 ? 3.513   14.904  -4.116  1.00 13.94 ? 171 THR A N   1 
ATOM   1310 C CA  . THR A 1 171 ? 3.126   15.193  -2.731  1.00 15.17 ? 171 THR A CA  1 
ATOM   1311 C C   . THR A 1 171 ? 1.697   14.768  -2.421  1.00 17.90 ? 171 THR A C   1 
ATOM   1312 O O   . THR A 1 171 ? 1.434   14.115  -1.405  1.00 20.23 ? 171 THR A O   1 
ATOM   1313 C CB  . THR A 1 171 ? 3.286   16.681  -2.402  1.00 17.81 ? 171 THR A CB  1 
ATOM   1314 O OG1 . THR A 1 171 ? 4.642   17.058  -2.643  1.00 23.09 ? 171 THR A OG1 1 
ATOM   1315 C CG2 . THR A 1 171 ? 2.956   16.946  -0.933  1.00 19.24 ? 171 THR A CG2 1 
ATOM   1316 N N   . LEU A 1 172 ? 0.773   15.133  -3.301  1.00 13.96 ? 172 LEU A N   1 
ATOM   1317 C CA  . LEU A 1 172 ? -0.631  14.803  -3.120  1.00 16.50 ? 172 LEU A CA  1 
ATOM   1318 C C   . LEU A 1 172 ? -0.803  13.296  -3.011  1.00 18.11 ? 172 LEU A C   1 
ATOM   1319 O O   . LEU A 1 172 ? -1.625  12.792  -2.240  1.00 19.87 ? 172 LEU A O   1 
ATOM   1320 C CB  . LEU A 1 172 ? -1.436  15.317  -4.306  1.00 16.61 ? 172 LEU A CB  1 
ATOM   1321 C CG  . LEU A 1 172 ? -2.853  15.808  -4.031  1.00 31.45 ? 172 LEU A CG  1 
ATOM   1322 C CD1 . LEU A 1 172 ? -2.877  16.795  -2.870  1.00 22.62 ? 172 LEU A CD1 1 
ATOM   1323 C CD2 . LEU A 1 172 ? -3.439  16.435  -5.292  1.00 33.63 ? 172 LEU A CD2 1 
ATOM   1324 N N   . ARG A 1 173 ? -0.028  12.572  -3.804  1.00 14.44 ? 173 ARG A N   1 
ATOM   1325 C CA  . ARG A 1 173 ? -0.156  11.128  -3.842  1.00 12.39 ? 173 ARG A CA  1 
ATOM   1326 C C   . ARG A 1 173 ? 0.232   10.512  -2.506  1.00 11.94 ? 173 ARG A C   1 
ATOM   1327 O O   . ARG A 1 173 ? -0.364  9.528   -2.084  1.00 17.83 ? 173 ARG A O   1 
ATOM   1328 C CB  . ARG A 1 173 ? 0.725   10.546  -4.943  1.00 15.87 ? 173 ARG A CB  1 
ATOM   1329 C CG  . ARG A 1 173 ? 0.471   9.077   -5.181  1.00 18.89 ? 173 ARG A CG  1 
ATOM   1330 C CD  . ARG A 1 173 ? 1.475   8.506   -6.191  1.00 17.94 ? 173 ARG A CD  1 
ATOM   1331 N NE  . ARG A 1 173 ? 1.130   7.141   -6.552  1.00 20.60 ? 173 ARG A NE  1 
ATOM   1332 C CZ  . ARG A 1 173 ? 1.851   6.380   -7.372  1.00 16.50 ? 173 ARG A CZ  1 
ATOM   1333 N NH1 . ARG A 1 173 ? 2.970   6.851   -7.903  1.00 16.30 ? 173 ARG A NH1 1 
ATOM   1334 N NH2 . ARG A 1 173 ? 1.449   5.149   -7.652  1.00 17.71 ? 173 ARG A NH2 1 
ATOM   1335 N N   . ALA A 1 174 ? 1.250   11.088  -1.873  1.00 16.70 ? 174 ALA A N   1 
ATOM   1336 C CA  . ALA A 1 174 ? 1.773   10.581  -0.608  1.00 20.24 ? 174 ALA A CA  1 
ATOM   1337 C C   . ALA A 1 174 ? 0.832   10.926  0.537   1.00 32.34 ? 174 ALA A C   1 
ATOM   1338 O O   . ALA A 1 174 ? 0.366   10.044  1.272   1.00 24.18 ? 174 ALA A O   1 
ATOM   1339 C CB  . ALA A 1 174 ? 3.138   11.156  -0.346  1.00 17.14 ? 174 ALA A CB  1 
ATOM   1340 N N   . GLU A 1 175 ? 0.557   12.219  0.686   1.00 33.10 ? 175 GLU A N   1 
ATOM   1341 C CA  . GLU A 1 175 ? -0.375  12.695  1.704   1.00 34.36 ? 175 GLU A CA  1 
ATOM   1342 C C   . GLU A 1 175 ? -1.720  11.998  1.523   1.00 37.66 ? 175 GLU A C   1 
ATOM   1343 O O   . GLU A 1 175 ? -2.572  12.027  2.410   1.00 43.44 ? 175 GLU A O   1 
ATOM   1344 C CB  . GLU A 1 175 ? -0.552  14.216  1.598   1.00 35.38 ? 175 GLU A CB  1 
ATOM   1345 C CG  . GLU A 1 175 ? 0.755   15.010  1.627   1.00 33.07 ? 175 GLU A CG  1 
ATOM   1346 C CD  . GLU A 1 175 ? 1.180   15.410  3.030   1.00 56.88 ? 175 GLU A CD  1 
ATOM   1347 O OE1 . GLU A 1 175 ? 0.381   16.060  3.738   1.00 48.71 ? 175 GLU A OE1 1 
ATOM   1348 O OE2 . GLU A 1 175 ? 2.324   15.091  3.419   1.00 36.65 ? 175 GLU A OE2 1 
ATOM   1349 N N   . GLN A 1 176 ? -1.892  11.374  0.359   1.00 37.91 ? 176 GLN A N   1 
ATOM   1350 C CA  . GLN A 1 176 ? -3.114  10.654  -0.009  1.00 41.37 ? 176 GLN A CA  1 
ATOM   1351 C C   . GLN A 1 176 ? -4.358  11.067  0.768   1.00 63.06 ? 176 GLN A C   1 
ATOM   1352 O O   . GLN A 1 176 ? -5.409  10.436  0.643   1.00 75.39 ? 176 GLN A O   1 
ATOM   1353 C CB  . GLN A 1 176 ? -2.903  9.142   0.102   1.00 38.22 ? 176 GLN A CB  1 
ATOM   1354 C CG  . GLN A 1 176 ? -2.297  8.701   1.417   1.00 61.64 ? 176 GLN A CG  1 
ATOM   1355 C CD  . GLN A 1 176 ? -1.972  7.224   1.440   1.00 52.55 ? 176 GLN A CD  1 
ATOM   1356 O OE1 . GLN A 1 176 ? -2.844  6.381   1.217   1.00 58.85 ? 176 GLN A OE1 1 
ATOM   1357 N NE2 . GLN A 1 176 ? -0.714  6.900   1.714   1.00 35.17 ? 176 GLN A NE2 1 
ATOM   1358 N N   . THR A 1 186 ? -8.070  20.623  -6.052  1.00 54.89 ? 186 THR A N   1 
ATOM   1359 C CA  . THR A 1 186 ? -6.656  20.433  -6.341  1.00 37.08 ? 186 THR A CA  1 
ATOM   1360 C C   . THR A 1 186 ? -6.166  21.457  -7.355  1.00 39.66 ? 186 THR A C   1 
ATOM   1361 O O   . THR A 1 186 ? -5.246  22.228  -7.078  1.00 39.07 ? 186 THR A O   1 
ATOM   1362 C CB  . THR A 1 186 ? -6.373  19.015  -6.875  1.00 64.37 ? 186 THR A CB  1 
ATOM   1363 N N   . GLU A 1 187 ? -6.780  21.461  -8.534  1.00 49.00 ? 187 GLU A N   1 
ATOM   1364 C CA  . GLU A 1 187 ? -6.418  22.422  -9.571  1.00 55.80 ? 187 GLU A CA  1 
ATOM   1365 C C   . GLU A 1 187 ? -6.481  23.841  -9.021  1.00 52.96 ? 187 GLU A C   1 
ATOM   1366 O O   . GLU A 1 187 ? -5.700  24.709  -9.422  1.00 41.10 ? 187 GLU A O   1 
ATOM   1367 C CB  . GLU A 1 187 ? -7.337  22.285  -10.788 1.00 51.92 ? 187 GLU A CB  1 
ATOM   1368 C CG  . GLU A 1 187 ? -8.815  22.483  -10.488 1.00 46.33 ? 187 GLU A CG  1 
ATOM   1369 C CD  . GLU A 1 187 ? -9.269  23.927  -10.638 1.00 73.25 ? 187 GLU A CD  1 
ATOM   1370 O OE1 . GLU A 1 187 ? -8.479  24.755  -11.143 1.00 66.79 ? 187 GLU A OE1 1 
ATOM   1371 O OE2 . GLU A 1 187 ? -10.422 24.231  -10.255 1.00 65.89 ? 187 GLU A OE2 1 
ATOM   1372 N N   . THR A 1 188 ? -7.416  24.076  -8.105  1.00 52.20 ? 188 THR A N   1 
ATOM   1373 C CA  . THR A 1 188 ? -7.518  25.377  -7.465  1.00 40.21 ? 188 THR A CA  1 
ATOM   1374 C C   . THR A 1 188 ? -6.262  25.690  -6.649  1.00 26.68 ? 188 THR A C   1 
ATOM   1375 O O   . THR A 1 188 ? -5.630  26.725  -6.865  1.00 26.58 ? 188 THR A O   1 
ATOM   1376 C CB  . THR A 1 188 ? -8.774  25.494  -6.592  1.00 54.15 ? 188 THR A CB  1 
ATOM   1377 O OG1 . THR A 1 188 ? -9.889  25.847  -7.419  1.00 53.09 ? 188 THR A OG1 1 
ATOM   1378 C CG2 . THR A 1 188 ? -8.585  26.573  -5.552  1.00 49.06 ? 188 THR A CG2 1 
ATOM   1379 N N   . LEU A 1 189 ? -5.898  24.806  -5.719  1.00 19.49 ? 189 LEU A N   1 
ATOM   1380 C CA  . LEU A 1 189 ? -4.647  24.984  -4.992  1.00 27.58 ? 189 LEU A CA  1 
ATOM   1381 C C   . LEU A 1 189 ? -3.474  25.039  -5.976  1.00 22.21 ? 189 LEU A C   1 
ATOM   1382 O O   . LEU A 1 189 ? -2.548  25.837  -5.819  1.00 24.78 ? 189 LEU A O   1 
ATOM   1383 C CB  . LEU A 1 189 ? -4.432  23.862  -3.973  1.00 29.07 ? 189 LEU A CB  1 
ATOM   1384 C CG  . LEU A 1 189 ? -3.328  24.177  -2.962  1.00 27.35 ? 189 LEU A CG  1 
ATOM   1385 C CD1 . LEU A 1 189 ? -3.764  25.301  -2.021  1.00 37.86 ? 189 LEU A CD1 1 
ATOM   1386 C CD2 . LEU A 1 189 ? -2.936  22.943  -2.161  1.00 40.38 ? 189 LEU A CD2 1 
ATOM   1387 N N   . LEU A 1 190 ? -3.530  24.193  -6.998  1.00 22.65 ? 190 LEU A N   1 
ATOM   1388 C CA  . LEU A 1 190 ? -2.496  24.168  -8.030  1.00 21.30 ? 190 LEU A CA  1 
ATOM   1389 C C   . LEU A 1 190 ? -2.247  25.552  -8.621  1.00 21.67 ? 190 LEU A C   1 
ATOM   1390 O O   . LEU A 1 190 ? -1.105  25.972  -8.768  1.00 24.26 ? 190 LEU A O   1 
ATOM   1391 C CB  . LEU A 1 190 ? -2.884  23.198  -9.145  1.00 17.64 ? 190 LEU A CB  1 
ATOM   1392 C CG  . LEU A 1 190 ? -1.749  23.046  -10.178 1.00 21.60 ? 190 LEU A CG  1 
ATOM   1393 C CD1 . LEU A 1 190 ? -0.493  22.539  -9.511  1.00 17.16 ? 190 LEU A CD1 1 
ATOM   1394 C CD2 . LEU A 1 190 ? -2.142  22.128  -11.306 1.00 23.60 ? 190 LEU A CD2 1 
ATOM   1395 N N   . VAL A 1 191 ? -3.323  26.265  -8.951  1.00 20.06 ? 191 VAL A N   1 
ATOM   1396 C CA  . VAL A 1 191 ? -3.198  27.609  -9.506  1.00 20.76 ? 191 VAL A CA  1 
ATOM   1397 C C   . VAL A 1 191 ? -2.729  28.605  -8.445  1.00 26.02 ? 191 VAL A C   1 
ATOM   1398 O O   . VAL A 1 191 ? -1.867  29.436  -8.715  1.00 24.77 ? 191 VAL A O   1 
ATOM   1399 C CB  . VAL A 1 191 ? -4.520  28.100  -10.159 1.00 19.84 ? 191 VAL A CB  1 
ATOM   1400 C CG1 . VAL A 1 191 ? -4.374  29.527  -10.659 1.00 23.13 ? 191 VAL A CG1 1 
ATOM   1401 C CG2 . VAL A 1 191 ? -4.914  27.200  -11.297 1.00 24.01 ? 191 VAL A CG2 1 
ATOM   1402 N N   . GLN A 1 192 ? -3.300  28.519  -7.244  1.00 17.84 ? 192 GLN A N   1 
ATOM   1403 C CA  . GLN A 1 192 ? -2.868  29.356  -6.125  1.00 23.56 ? 192 GLN A CA  1 
ATOM   1404 C C   . GLN A 1 192 ? -1.365  29.250  -5.818  1.00 33.02 ? 192 GLN A C   1 
ATOM   1405 O O   . GLN A 1 192 ? -0.707  30.261  -5.563  1.00 29.79 ? 192 GLN A O   1 
ATOM   1406 C CB  . GLN A 1 192 ? -3.677  29.027  -4.870  1.00 23.11 ? 192 GLN A CB  1 
ATOM   1407 C CG  . GLN A 1 192 ? -3.387  29.951  -3.687  1.00 25.64 ? 192 GLN A CG  1 
ATOM   1408 C CD  . GLN A 1 192 ? -3.854  31.380  -3.930  1.00 41.34 ? 192 GLN A CD  1 
ATOM   1409 O OE1 . GLN A 1 192 ? -3.234  32.133  -4.685  1.00 43.66 ? 192 GLN A OE1 1 
ATOM   1410 N NE2 . GLN A 1 192 ? -4.948  31.761  -3.284  1.00 28.94 ? 192 GLN A NE2 1 
ATOM   1411 N N   . ASN A 1 193 ? -0.827  28.032  -5.831  1.00 22.96 ? 193 ASN A N   1 
ATOM   1412 C CA  . ASN A 1 193 ? 0.578   27.816  -5.482  1.00 17.45 ? 193 ASN A CA  1 
ATOM   1413 C C   . ASN A 1 193 ? 1.548   28.066  -6.662  1.00 17.99 ? 193 ASN A C   1 
ATOM   1414 O O   . ASN A 1 193 ? 2.764   27.972  -6.500  1.00 19.72 ? 193 ASN A O   1 
ATOM   1415 C CB  . ASN A 1 193 ? 0.784   26.408  -4.909  1.00 21.53 ? 193 ASN A CB  1 
ATOM   1416 C CG  . ASN A 1 193 ? 0.175   26.239  -3.520  1.00 35.50 ? 193 ASN A CG  1 
ATOM   1417 O OD1 . ASN A 1 193 ? -0.401  27.173  -2.969  1.00 29.84 ? 193 ASN A OD1 1 
ATOM   1418 N ND2 . ASN A 1 193 ? 0.297   25.037  -2.955  1.00 25.72 ? 193 ASN A ND2 1 
ATOM   1419 N N   . ALA A 1 194 ? 1.013   28.392  -7.836  1.00 17.52 ? 194 ALA A N   1 
ATOM   1420 C CA  . ALA A 1 194 ? 1.857   28.687  -9.002  1.00 18.12 ? 194 ALA A CA  1 
ATOM   1421 C C   . ALA A 1 194 ? 2.553   30.047  -8.836  1.00 25.07 ? 194 ALA A C   1 
ATOM   1422 O O   . ALA A 1 194 ? 2.093   30.882  -8.055  1.00 26.31 ? 194 ALA A O   1 
ATOM   1423 C CB  . ALA A 1 194 ? 1.019   28.663  -10.286 1.00 17.77 ? 194 ALA A CB  1 
ATOM   1424 N N   . ASN A 1 195 ? 3.653   30.280  -9.551  1.00 20.19 ? 195 ASN A N   1 
ATOM   1425 C CA  . ASN A 1 195 ? 4.311   31.601  -9.495  1.00 25.38 ? 195 ASN A CA  1 
ATOM   1426 C C   . ASN A 1 195 ? 3.474   32.689  -10.193 1.00 26.71 ? 195 ASN A C   1 
ATOM   1427 O O   . ASN A 1 195 ? 2.482   32.379  -10.841 1.00 25.90 ? 195 ASN A O   1 
ATOM   1428 C CB  . ASN A 1 195 ? 5.780   31.551  -9.985  1.00 21.66 ? 195 ASN A CB  1 
ATOM   1429 C CG  . ASN A 1 195 ? 5.913   31.353  -11.496 1.00 23.24 ? 195 ASN A CG  1 
ATOM   1430 O OD1 . ASN A 1 195 ? 5.077   31.797  -12.270 1.00 24.50 ? 195 ASN A OD1 1 
ATOM   1431 N ND2 . ASN A 1 195 ? 6.996   30.699  -11.913 1.00 20.75 ? 195 ASN A ND2 1 
ATOM   1432 N N   . PRO A 1 196 ? 3.844   33.973  -10.031 1.00 31.65 ? 196 PRO A N   1 
ATOM   1433 C CA  . PRO A 1 196 ? 2.969   35.039  -10.546 1.00 32.41 ? 196 PRO A CA  1 
ATOM   1434 C C   . PRO A 1 196 ? 2.781   35.042  -12.066 1.00 25.35 ? 196 PRO A C   1 
ATOM   1435 O O   . PRO A 1 196 ? 1.682   35.346  -12.539 1.00 33.59 ? 196 PRO A O   1 
ATOM   1436 C CB  . PRO A 1 196 ? 3.676   36.325  -10.088 1.00 38.63 ? 196 PRO A CB  1 
ATOM   1437 C CG  . PRO A 1 196 ? 4.477   35.910  -8.905  1.00 37.43 ? 196 PRO A CG  1 
ATOM   1438 C CD  . PRO A 1 196 ? 4.946   34.514  -9.216  1.00 33.03 ? 196 PRO A CD  1 
ATOM   1439 N N   . ASP A 1 197 ? 3.821   34.699  -12.817 1.00 27.21 ? 197 ASP A N   1 
ATOM   1440 C CA  . ASP A 1 197 ? 3.735   34.694  -14.275 1.00 29.74 ? 197 ASP A CA  1 
ATOM   1441 C C   . ASP A 1 197 ? 2.807   33.596  -14.795 1.00 41.46 ? 197 ASP A C   1 
ATOM   1442 O O   . ASP A 1 197 ? 2.038   33.809  -15.735 1.00 30.77 ? 197 ASP A O   1 
ATOM   1443 C CB  . ASP A 1 197 ? 5.124   34.539  -14.893 1.00 40.51 ? 197 ASP A CB  1 
ATOM   1444 C CG  . ASP A 1 197 ? 5.963   35.800  -14.770 1.00 54.54 ? 197 ASP A CG  1 
ATOM   1445 O OD1 . ASP A 1 197 ? 6.914   35.956  -15.564 1.00 47.57 ? 197 ASP A OD1 1 
ATOM   1446 O OD2 . ASP A 1 197 ? 5.673   36.637  -13.887 1.00 49.10 ? 197 ASP A OD2 1 
ATOM   1447 N N   . CYS A 1 198 ? 2.877   32.414  -14.192 1.00 30.66 ? 198 CYS A N   1 
ATOM   1448 C CA  . CYS A 1 198 ? 2.003   31.334  -14.619 1.00 24.76 ? 198 CYS A CA  1 
ATOM   1449 C C   . CYS A 1 198 ? 0.589   31.546  -14.104 1.00 22.47 ? 198 CYS A C   1 
ATOM   1450 O O   . CYS A 1 198 ? -0.382  31.270  -14.807 1.00 28.79 ? 198 CYS A O   1 
ATOM   1451 C CB  . CYS A 1 198 ? 2.552   29.976  -14.172 1.00 24.93 ? 198 CYS A CB  1 
ATOM   1452 S SG  . CYS A 1 198 ? 4.046   29.484  -15.053 1.00 31.76 ? 198 CYS A SG  1 
ATOM   1453 N N   . LYS A 1 199 ? 0.470   32.052  -12.882 1.00 25.34 ? 199 LYS A N   1 
ATOM   1454 C CA  . LYS A 1 199 ? -0.843  32.251  -12.288 1.00 26.78 ? 199 LYS A CA  1 
ATOM   1455 C C   . LYS A 1 199 ? -1.670  33.194  -13.157 1.00 30.00 ? 199 LYS A C   1 
ATOM   1456 O O   . LYS A 1 199 ? -2.854  32.973  -13.378 1.00 29.15 ? 199 LYS A O   1 
ATOM   1457 C CB  . LYS A 1 199 ? -0.721  32.794  -10.859 1.00 26.78 ? 199 LYS A CB  1 
ATOM   1458 C CG  . LYS A 1 199 ? -2.051  32.897  -10.134 1.00 34.59 ? 199 LYS A CG  1 
ATOM   1459 C CD  . LYS A 1 199 ? -1.881  33.518  -8.755  1.00 43.37 ? 199 LYS A CD  1 
ATOM   1460 C CE  . LYS A 1 199 ? -0.820  32.793  -7.945  1.00 38.18 ? 199 LYS A CE  1 
ATOM   1461 N NZ  . LYS A 1 199 ? -0.813  33.230  -6.517  1.00 44.27 ? 199 LYS A NZ  1 
ATOM   1462 N N   . THR A 1 200 ? -1.030  34.240  -13.660 1.00 34.07 ? 200 THR A N   1 
ATOM   1463 C CA  . THR A 1 200 ? -1.688  35.179  -14.557 1.00 36.01 ? 200 THR A CA  1 
ATOM   1464 C C   . THR A 1 200 ? -2.237  34.462  -15.790 1.00 39.26 ? 200 THR A C   1 
ATOM   1465 O O   . THR A 1 200 ? -3.393  34.644  -16.161 1.00 36.58 ? 200 THR A O   1 
ATOM   1466 C CB  . THR A 1 200 ? -0.723  36.288  -14.984 1.00 39.12 ? 200 THR A CB  1 
ATOM   1467 O OG1 . THR A 1 200 ? -0.190  36.917  -13.811 1.00 34.36 ? 200 THR A OG1 1 
ATOM   1468 C CG2 . THR A 1 200 ? -1.445  37.323  -15.831 1.00 42.08 ? 200 THR A CG2 1 
ATOM   1469 N N   . ILE A 1 201 ? -1.408  33.631  -16.409 1.00 35.14 ? 201 ILE A N   1 
ATOM   1470 C CA  . ILE A 1 201 ? -1.837  32.852  -17.567 1.00 33.17 ? 201 ILE A CA  1 
ATOM   1471 C C   . ILE A 1 201 ? -2.966  31.882  -17.215 1.00 33.84 ? 201 ILE A C   1 
ATOM   1472 O O   . ILE A 1 201 ? -3.961  31.786  -17.936 1.00 39.74 ? 201 ILE A O   1 
ATOM   1473 C CB  . ILE A 1 201 ? -0.666  32.061  -18.171 1.00 32.78 ? 201 ILE A CB  1 
ATOM   1474 C CG1 . ILE A 1 201 ? 0.417   33.019  -18.673 1.00 33.45 ? 201 ILE A CG1 1 
ATOM   1475 C CG2 . ILE A 1 201 ? -1.166  31.156  -19.288 1.00 31.76 ? 201 ILE A CG2 1 
ATOM   1476 C CD1 . ILE A 1 201 ? 1.655   32.325  -19.207 1.00 35.39 ? 201 ILE A CD1 1 
ATOM   1477 N N   . LEU A 1 202 ? -2.803  31.165  -16.107 1.00 26.24 ? 202 LEU A N   1 
ATOM   1478 C CA  . LEU A 1 202 ? -3.791  30.185  -15.666 1.00 30.26 ? 202 LEU A CA  1 
ATOM   1479 C C   . LEU A 1 202 ? -5.158  30.801  -15.373 1.00 37.19 ? 202 LEU A C   1 
ATOM   1480 O O   . LEU A 1 202 ? -6.180  30.310  -15.854 1.00 37.87 ? 202 LEU A O   1 
ATOM   1481 C CB  . LEU A 1 202 ? -3.274  29.420  -14.441 1.00 25.55 ? 202 LEU A CB  1 
ATOM   1482 C CG  . LEU A 1 202 ? -2.013  28.603  -14.754 1.00 27.98 ? 202 LEU A CG  1 
ATOM   1483 C CD1 . LEU A 1 202 ? -1.493  27.880  -13.517 1.00 29.14 ? 202 LEU A CD1 1 
ATOM   1484 C CD2 . LEU A 1 202 ? -2.304  27.625  -15.881 1.00 30.51 ? 202 LEU A CD2 1 
ATOM   1485 N N   . LYS A 1 203 ? -5.176  31.865  -14.573 1.00 39.65 ? 203 LYS A N   1 
ATOM   1486 C CA  . LYS A 1 203 ? -6.426  32.556  -14.258 1.00 42.37 ? 203 LYS A CA  1 
ATOM   1487 C C   . LYS A 1 203 ? -7.142  32.983  -15.536 1.00 46.90 ? 203 LYS A C   1 
ATOM   1488 O O   . LYS A 1 203 ? -8.368  32.892  -15.633 1.00 53.59 ? 203 LYS A O   1 
ATOM   1489 C CB  . LYS A 1 203 ? -6.165  33.772  -13.363 1.00 46.70 ? 203 LYS A CB  1 
ATOM   1490 C CG  . LYS A 1 203 ? -5.550  33.419  -12.015 1.00 42.67 ? 203 LYS A CG  1 
ATOM   1491 C CD  . LYS A 1 203 ? -5.068  34.652  -11.263 1.00 48.18 ? 203 LYS A CD  1 
ATOM   1492 C CE  . LYS A 1 203 ? -6.217  35.363  -10.563 1.00 55.85 ? 203 LYS A CE  1 
ATOM   1493 N NZ  . LYS A 1 203 ? -5.741  36.521  -9.751  1.00 60.00 ? 203 LYS A NZ  1 
ATOM   1494 N N   . ALA A 1 204 ? -6.367  33.434  -16.520 1.00 44.18 ? 204 ALA A N   1 
ATOM   1495 C CA  . ALA A 1 204 ? -6.920  33.872  -17.799 1.00 42.54 ? 204 ALA A CA  1 
ATOM   1496 C C   . ALA A 1 204 ? -7.511  32.732  -18.633 1.00 48.65 ? 204 ALA A C   1 
ATOM   1497 O O   . ALA A 1 204 ? -8.235  32.979  -19.593 1.00 52.12 ? 204 ALA A O   1 
ATOM   1498 C CB  . ALA A 1 204 ? -5.867  34.622  -18.604 1.00 43.74 ? 204 ALA A CB  1 
ATOM   1499 N N   . LEU A 1 205 ? -7.195  31.489  -18.279 1.00 50.30 ? 205 LEU A N   1 
ATOM   1500 C CA  . LEU A 1 205 ? -7.735  30.343  -19.010 1.00 48.08 ? 205 LEU A CA  1 
ATOM   1501 C C   . LEU A 1 205 ? -9.230  30.183  -18.763 1.00 50.32 ? 205 LEU A C   1 
ATOM   1502 O O   . LEU A 1 205 ? -9.954  29.659  -19.608 1.00 46.13 ? 205 LEU A O   1 
ATOM   1503 C CB  . LEU A 1 205 ? -7.007  29.049  -18.634 1.00 46.21 ? 205 LEU A CB  1 
ATOM   1504 C CG  . LEU A 1 205 ? -5.679  28.743  -19.333 1.00 44.06 ? 205 LEU A CG  1 
ATOM   1505 C CD1 . LEU A 1 205 ? -5.031  27.501  -18.727 1.00 34.44 ? 205 LEU A CD1 1 
ATOM   1506 C CD2 . LEU A 1 205 ? -5.869  28.575  -20.833 1.00 49.70 ? 205 LEU A CD2 1 
ATOM   1507 N N   . GLY A 1 206 ? -9.688  30.637  -17.602 1.00 60.38 ? 206 GLY A N   1 
ATOM   1508 C CA  . GLY A 1 206 ? -11.071 30.451  -17.208 1.00 46.10 ? 206 GLY A CA  1 
ATOM   1509 C C   . GLY A 1 206 ? -11.251 29.130  -16.484 1.00 70.17 ? 206 GLY A C   1 
ATOM   1510 O O   . GLY A 1 206 ? -10.299 28.362  -16.333 1.00 63.08 ? 206 GLY A O   1 
ATOM   1511 N N   . PRO A 1 207 ? -12.482 28.851  -16.033 1.00 72.27 ? 207 PRO A N   1 
ATOM   1512 C CA  . PRO A 1 207 ? -12.781 27.632  -15.276 1.00 77.09 ? 207 PRO A CA  1 
ATOM   1513 C C   . PRO A 1 207 ? -12.746 26.385  -16.155 1.00 65.24 ? 207 PRO A C   1 
ATOM   1514 O O   . PRO A 1 207 ? -12.904 26.482  -17.373 1.00 68.44 ? 207 PRO A O   1 
ATOM   1515 C CB  . PRO A 1 207 ? -14.216 27.867  -14.776 1.00 66.64 ? 207 PRO A CB  1 
ATOM   1516 C CG  . PRO A 1 207 ? -14.519 29.314  -15.053 1.00 65.13 ? 207 PRO A CG  1 
ATOM   1517 C CD  . PRO A 1 207 ? -13.677 29.686  -16.223 1.00 68.23 ? 207 PRO A CD  1 
ATOM   1518 N N   . GLY A 1 208 ? -12.530 25.229  -15.535 1.00 65.43 ? 208 GLY A N   1 
ATOM   1519 C CA  . GLY A 1 208 ? -12.655 23.953  -16.215 1.00 56.31 ? 208 GLY A CA  1 
ATOM   1520 C C   . GLY A 1 208 ? -11.506 23.532  -17.115 1.00 50.03 ? 208 GLY A C   1 
ATOM   1521 O O   . GLY A 1 208 ? -11.635 22.562  -17.861 1.00 50.89 ? 208 GLY A O   1 
ATOM   1522 N N   . ALA A 1 209 ? -10.387 24.248  -17.062 1.00 45.92 ? 209 ALA A N   1 
ATOM   1523 C CA  . ALA A 1 209 ? -9.227  23.858  -17.856 1.00 41.04 ? 209 ALA A CA  1 
ATOM   1524 C C   . ALA A 1 209 ? -8.693  22.508  -17.391 1.00 27.20 ? 209 ALA A C   1 
ATOM   1525 O O   . ALA A 1 209 ? -8.608  22.239  -16.194 1.00 35.45 ? 209 ALA A O   1 
ATOM   1526 C CB  . ALA A 1 209 ? -8.134  24.918  -17.797 1.00 35.64 ? 209 ALA A CB  1 
ATOM   1527 N N   . THR A 1 210 ? -8.360  21.654  -18.351 1.00 38.03 ? 210 THR A N   1 
ATOM   1528 C CA  . THR A 1 210 ? -7.732  20.375  -18.054 1.00 32.50 ? 210 THR A CA  1 
ATOM   1529 C C   . THR A 1 210 ? -6.290  20.633  -17.641 1.00 33.37 ? 210 THR A C   1 
ATOM   1530 O O   . THR A 1 210 ? -5.756  21.708  -17.890 1.00 22.51 ? 210 THR A O   1 
ATOM   1531 C CB  . THR A 1 210 ? -7.725  19.468  -19.289 1.00 32.68 ? 210 THR A CB  1 
ATOM   1532 O OG1 . THR A 1 210 ? -6.935  20.077  -20.318 1.00 31.88 ? 210 THR A OG1 1 
ATOM   1533 C CG2 . THR A 1 210 ? -9.142  19.252  -19.808 1.00 37.21 ? 210 THR A CG2 1 
ATOM   1534 N N   . LEU A 1 211 ? -5.655  19.650  -17.013 1.00 25.16 ? 211 LEU A N   1 
ATOM   1535 C CA  . LEU A 1 211 ? -4.240  19.771  -16.678 1.00 24.09 ? 211 LEU A CA  1 
ATOM   1536 C C   . LEU A 1 211 ? -3.431  20.000  -17.948 1.00 21.45 ? 211 LEU A C   1 
ATOM   1537 O O   . LEU A 1 211 ? -2.518  20.822  -17.985 1.00 17.30 ? 211 LEU A O   1 
ATOM   1538 C CB  . LEU A 1 211 ? -3.750  18.500  -15.976 1.00 17.22 ? 211 LEU A CB  1 
ATOM   1539 C CG  . LEU A 1 211 ? -2.330  18.574  -15.405 1.00 26.02 ? 211 LEU A CG  1 
ATOM   1540 C CD1 . LEU A 1 211 ? -2.131  19.838  -14.554 1.00 25.63 ? 211 LEU A CD1 1 
ATOM   1541 C CD2 . LEU A 1 211 ? -2.055  17.341  -14.583 1.00 14.80 ? 211 LEU A CD2 1 
ATOM   1542 N N   . GLU A 1 212 ? -3.781  19.256  -18.987 1.00 25.07 ? 212 GLU A N   1 
ATOM   1543 C CA  . GLU A 1 212 ? -3.126  19.367  -20.282 1.00 25.98 ? 212 GLU A CA  1 
ATOM   1544 C C   . GLU A 1 212 ? -3.116  20.809  -20.796 1.00 24.53 ? 212 GLU A C   1 
ATOM   1545 O O   . GLU A 1 212 ? -2.095  21.305  -21.266 1.00 20.59 ? 212 GLU A O   1 
ATOM   1546 C CB  . GLU A 1 212 ? -3.830  18.459  -21.288 1.00 32.72 ? 212 GLU A CB  1 
ATOM   1547 C CG  . GLU A 1 212 ? -3.183  18.421  -22.658 1.00 40.60 ? 212 GLU A CG  1 
ATOM   1548 C CD  . GLU A 1 212 ? -3.894  17.469  -23.603 1.00 48.93 ? 212 GLU A CD  1 
ATOM   1549 O OE1 . GLU A 1 212 ? -5.046  17.084  -23.310 1.00 54.68 ? 212 GLU A OE1 1 
ATOM   1550 O OE2 . GLU A 1 212 ? -3.302  17.106  -24.638 1.00 47.62 ? 212 GLU A OE2 1 
ATOM   1551 N N   . GLU A 1 213 ? -4.257  21.482  -20.688 1.00 25.82 ? 213 GLU A N   1 
ATOM   1552 C CA  . GLU A 1 213 ? -4.383  22.851  -21.178 1.00 28.58 ? 213 GLU A CA  1 
ATOM   1553 C C   . GLU A 1 213 ? -3.559  23.814  -20.333 1.00 24.88 ? 213 GLU A C   1 
ATOM   1554 O O   . GLU A 1 213 ? -2.942  24.746  -20.853 1.00 24.33 ? 213 GLU A O   1 
ATOM   1555 C CB  . GLU A 1 213 ? -5.856  23.270  -21.198 1.00 36.22 ? 213 GLU A CB  1 
ATOM   1556 C CG  . GLU A 1 213 ? -6.672  22.607  -22.298 1.00 34.92 ? 213 GLU A CG  1 
ATOM   1557 C CD  . GLU A 1 213 ? -8.173  22.760  -22.099 1.00 42.97 ? 213 GLU A CD  1 
ATOM   1558 O OE1 . GLU A 1 213 ? -8.614  22.919  -20.942 1.00 36.39 ? 213 GLU A OE1 1 
ATOM   1559 O OE2 . GLU A 1 213 ? -8.918  22.709  -23.101 1.00 47.35 ? 213 GLU A OE2 1 
ATOM   1560 N N   . MET A 1 214 ? -3.537  23.583  -19.023 1.00 22.46 ? 214 MET A N   1 
ATOM   1561 C CA  . MET A 1 214 ? -2.749  24.422  -18.126 1.00 19.50 ? 214 MET A CA  1 
ATOM   1562 C C   . MET A 1 214 ? -1.262  24.275  -18.424 1.00 24.38 ? 214 MET A C   1 
ATOM   1563 O O   . MET A 1 214 ? -0.535  25.265  -18.525 1.00 25.04 ? 214 MET A O   1 
ATOM   1564 C CB  . MET A 1 214 ? -3.050  24.084  -16.659 1.00 19.30 ? 214 MET A CB  1 
ATOM   1565 C CG  . MET A 1 214 ? -4.513  24.244  -16.261 1.00 28.15 ? 214 MET A CG  1 
ATOM   1566 S SD  . MET A 1 214 ? -4.840  23.811  -14.533 1.00 41.87 ? 214 MET A SD  1 
ATOM   1567 C CE  . MET A 1 214 ? -3.706  24.864  -13.668 1.00 22.07 ? 214 MET A CE  1 
ATOM   1568 N N   . MET A 1 215 ? -0.813  23.032  -18.586 1.00 22.06 ? 215 MET A N   1 
ATOM   1569 C CA  . MET A 1 215 ? 0.595   22.763  -18.841 1.00 19.56 ? 215 MET A CA  1 
ATOM   1570 C C   . MET A 1 215 ? 1.065   23.310  -20.198 1.00 20.96 ? 215 MET A C   1 
ATOM   1571 O O   . MET A 1 215 ? 2.148   23.883  -20.306 1.00 28.23 ? 215 MET A O   1 
ATOM   1572 C CB  . MET A 1 215 ? 0.882   21.275  -18.695 1.00 20.86 ? 215 MET A CB  1 
ATOM   1573 C CG  . MET A 1 215 ? 0.593   20.778  -17.271 1.00 23.30 ? 215 MET A CG  1 
ATOM   1574 S SD  . MET A 1 215 ? 1.126   19.085  -16.948 1.00 29.84 ? 215 MET A SD  1 
ATOM   1575 C CE  . MET A 1 215 ? 2.888   19.240  -17.203 1.00 32.28 ? 215 MET A CE  1 
ATOM   1576 N N   . THR A 1 216 ? 0.241   23.166  -21.224 1.00 23.70 ? 216 THR A N   1 
ATOM   1577 C CA  . THR A 1 216 ? 0.561   23.780  -22.517 1.00 21.09 ? 216 THR A CA  1 
ATOM   1578 C C   . THR A 1 216 ? 0.628   25.310  -22.410 1.00 30.00 ? 216 THR A C   1 
ATOM   1579 O O   . THR A 1 216 ? 1.507   25.946  -22.990 1.00 25.90 ? 216 THR A O   1 
ATOM   1580 C CB  . THR A 1 216 ? -0.455  23.386  -23.595 1.00 29.39 ? 216 THR A CB  1 
ATOM   1581 O OG1 . THR A 1 216 ? -0.555  21.956  -23.652 1.00 35.40 ? 216 THR A OG1 1 
ATOM   1582 C CG2 . THR A 1 216 ? -0.009  23.915  -24.950 1.00 40.83 ? 216 THR A CG2 1 
ATOM   1583 N N   . ALA A 1 217 ? -0.295  25.894  -21.654 1.00 26.31 ? 217 ALA A N   1 
ATOM   1584 C CA  . ALA A 1 217 ? -0.326  27.343  -21.467 1.00 32.19 ? 217 ALA A CA  1 
ATOM   1585 C C   . ALA A 1 217 ? 0.927   27.906  -20.793 1.00 37.22 ? 217 ALA A C   1 
ATOM   1586 O O   . ALA A 1 217 ? 1.385   29.000  -21.132 1.00 33.35 ? 217 ALA A O   1 
ATOM   1587 C CB  . ALA A 1 217 ? -1.577  27.755  -20.697 1.00 30.47 ? 217 ALA A CB  1 
ATOM   1588 N N   . CYS A 1 218 ? 1.482   27.171  -19.833 1.00 29.02 ? 218 CYS A N   1 
ATOM   1589 C CA  . CYS A 1 218 ? 2.630   27.675  -19.074 1.00 20.37 ? 218 CYS A CA  1 
ATOM   1590 C C   . CYS A 1 218 ? 3.954   27.101  -19.557 1.00 29.28 ? 218 CYS A C   1 
ATOM   1591 O O   . CYS A 1 218 ? 4.958   27.157  -18.847 1.00 37.63 ? 218 CYS A O   1 
ATOM   1592 C CB  . CYS A 1 218 ? 2.451   27.381  -17.589 1.00 30.74 ? 218 CYS A CB  1 
ATOM   1593 S SG  . CYS A 1 218 ? 0.951   28.095  -16.919 1.00 32.49 ? 218 CYS A SG  1 
ATOM   1594 N N   . GLN A 1 219 ? 3.957   26.563  -20.772 1.00 36.11 ? 219 GLN A N   1 
ATOM   1595 C CA  . GLN A 1 219 ? 5.126   25.856  -21.287 1.00 41.87 ? 219 GLN A CA  1 
ATOM   1596 C C   . GLN A 1 219 ? 6.218   26.825  -21.731 1.00 45.05 ? 219 GLN A C   1 
ATOM   1597 O O   . GLN A 1 219 ? 7.398   26.608  -21.452 1.00 43.57 ? 219 GLN A O   1 
ATOM   1598 C CB  . GLN A 1 219 ? 4.727   24.927  -22.440 1.00 47.05 ? 219 GLN A CB  1 
ATOM   1599 C CG  . GLN A 1 219 ? 5.565   23.657  -22.538 1.00 48.28 ? 219 GLN A CG  1 
ATOM   1600 C CD  . GLN A 1 219 ? 4.896   22.561  -23.361 1.00 57.04 ? 219 GLN A CD  1 
ATOM   1601 O OE1 . GLN A 1 219 ? 3.827   22.761  -23.938 1.00 55.26 ? 219 GLN A OE1 1 
ATOM   1602 N NE2 . GLN A 1 219 ? 5.529   21.393  -23.414 1.00 51.45 ? 219 GLN A NE2 1 
HETATM 1603 C C1  . EDO B 2 .   ? -0.945  2.077   14.446  1.00 43.20 ? 232 EDO A C1  1 
HETATM 1604 O O1  . EDO B 2 .   ? -1.770  1.256   13.613  1.00 38.14 ? 232 EDO A O1  1 
HETATM 1605 C C2  . EDO B 2 .   ? 0.505   1.952   13.995  1.00 28.88 ? 232 EDO A C2  1 
HETATM 1606 O O2  . EDO B 2 .   ? 1.362   2.429   15.054  1.00 38.88 ? 232 EDO A O2  1 
HETATM 1607 O O   . HOH C 3 .   ? 11.173  -6.498  8.529   1.00 15.68 ? 233 HOH A O   1 
HETATM 1608 O O   . HOH C 3 .   ? 16.297  -5.919  10.751  1.00 23.11 ? 234 HOH A O   1 
HETATM 1609 O O   . HOH C 3 .   ? 0.962   1.089   9.711   1.00 22.46 ? 235 HOH A O   1 
HETATM 1610 O O   . HOH C 3 .   ? 6.361   13.488  -9.980  1.00 13.06 ? 236 HOH A O   1 
HETATM 1611 O O   . HOH C 3 .   ? 12.933  28.967  -8.958  1.00 25.60 ? 237 HOH A O   1 
HETATM 1612 O O   . HOH C 3 .   ? 7.937   24.299  -2.604  1.00 25.29 ? 238 HOH A O   1 
HETATM 1613 O O   . HOH C 3 .   ? 5.299   14.583  -15.605 1.00 21.75 ? 239 HOH A O   1 
HETATM 1614 O O   . HOH C 3 .   ? 9.807   17.974  -10.171 1.00 23.40 ? 240 HOH A O   1 
HETATM 1615 O O   . HOH C 3 .   ? 6.832   23.528  -18.023 1.00 24.27 ? 241 HOH A O   1 
HETATM 1616 O O   . HOH C 3 .   ? 5.829   8.685   1.543   1.00 22.53 ? 242 HOH A O   1 
HETATM 1617 O O   . HOH C 3 .   ? 7.137   26.438  -17.603 1.00 30.63 ? 243 HOH A O   1 
HETATM 1618 O O   . HOH C 3 .   ? 15.624  -2.075  4.173   1.00 30.48 ? 244 HOH A O   1 
HETATM 1619 O O   . HOH C 3 .   ? 8.907   -14.931 7.509   1.00 29.72 ? 245 HOH A O   1 
HETATM 1620 O O   . HOH C 3 .   ? 4.095   22.681  -18.677 1.00 23.60 ? 246 HOH A O   1 
HETATM 1621 O O   . HOH C 3 .   ? 11.830  18.904  -9.238  1.00 31.28 ? 247 HOH A O   1 
HETATM 1622 O O   . HOH C 3 .   ? -6.508  -3.006  -0.347  1.00 28.62 ? 248 HOH A O   1 
HETATM 1623 O O   . HOH C 3 .   ? 7.056   10.455  0.101   1.00 27.06 ? 249 HOH A O   1 
HETATM 1624 O O   . HOH C 3 .   ? -6.460  -15.306 -0.699  1.00 17.95 ? 250 HOH A O   1 
HETATM 1625 O O   . HOH C 3 .   ? 4.914   30.310  -6.025  1.00 23.87 ? 251 HOH A O   1 
HETATM 1626 O O   . HOH C 3 .   ? -1.457  4.124   -7.288  1.00 23.96 ? 252 HOH A O   1 
HETATM 1627 O O   . HOH C 3 .   ? 17.678  0.837   9.894   1.00 21.35 ? 253 HOH A O   1 
HETATM 1628 O O   . HOH C 3 .   ? 8.154   15.706  -15.848 1.00 32.10 ? 254 HOH A O   1 
HETATM 1629 O O   . HOH C 3 .   ? 8.047   20.483  -24.164 1.00 33.29 ? 255 HOH A O   1 
HETATM 1630 O O   . HOH C 3 .   ? -11.582 -15.259 15.564  1.00 33.17 ? 256 HOH A O   1 
HETATM 1631 O O   . HOH C 3 .   ? -6.608  -2.029  2.379   1.00 24.27 ? 257 HOH A O   1 
HETATM 1632 O O   . HOH C 3 .   ? 8.902   15.788  -8.568  1.00 24.54 ? 258 HOH A O   1 
HETATM 1633 O O   . HOH C 3 .   ? 16.367  2.258   8.288   1.00 29.86 ? 259 HOH A O   1 
HETATM 1634 O O   . HOH C 3 .   ? -12.932 -23.877 14.159  1.00 30.97 ? 260 HOH A O   1 
HETATM 1635 O O   . HOH C 3 .   ? -6.481  -7.954  -0.863  1.00 26.59 ? 261 HOH A O   1 
HETATM 1636 O O   . HOH C 3 .   ? 9.843   6.959   2.371   1.00 35.93 ? 262 HOH A O   1 
HETATM 1637 O O   . HOH C 3 .   ? -2.243  -2.836  17.761  1.00 33.78 ? 263 HOH A O   1 
HETATM 1638 O O   . HOH C 3 .   ? 14.844  -3.655  2.296   1.00 31.80 ? 264 HOH A O   1 
HETATM 1639 O O   . HOH C 3 .   ? 9.383   15.313  -5.864  1.00 34.19 ? 265 HOH A O   1 
HETATM 1640 O O   . HOH C 3 .   ? -6.217  -13.707 16.530  1.00 32.14 ? 266 HOH A O   1 
HETATM 1641 O O   . HOH C 3 .   ? -0.744  6.034   -4.682  1.00 32.45 ? 267 HOH A O   1 
HETATM 1642 O O   . HOH C 3 .   ? 5.598   21.001  4.854   1.00 39.51 ? 268 HOH A O   1 
HETATM 1643 O O   . HOH C 3 .   ? 4.692   20.191  -19.747 1.00 41.89 ? 269 HOH A O   1 
HETATM 1644 O O   . HOH C 3 .   ? 2.708   -18.466 7.925   1.00 28.98 ? 270 HOH A O   1 
HETATM 1645 O O   . HOH C 3 .   ? 4.537   -16.612 8.178   1.00 33.53 ? 271 HOH A O   1 
HETATM 1646 O O   . HOH C 3 .   ? -0.328  -4.070  18.972  1.00 35.89 ? 272 HOH A O   1 
HETATM 1647 O O   . HOH C 3 .   ? 11.917  21.651  -9.368  1.00 31.47 ? 273 HOH A O   1 
HETATM 1648 O O   . HOH C 3 .   ? -5.445  -5.292  -1.260  1.00 32.54 ? 274 HOH A O   1 
HETATM 1649 O O   . HOH C 3 .   ? 3.853   -19.658 0.436   1.00 29.64 ? 275 HOH A O   1 
HETATM 1650 O O   . HOH C 3 .   ? -9.470  -22.709 14.446  1.00 28.56 ? 276 HOH A O   1 
HETATM 1651 O O   . HOH C 3 .   ? -4.657  3.130   6.213   1.00 32.05 ? 277 HOH A O   1 
HETATM 1652 O O   . HOH C 3 .   ? 10.000  17.101  -12.640 1.00 30.04 ? 278 HOH A O   1 
HETATM 1653 O O   . HOH C 3 .   ? -12.720 21.302  -19.978 1.00 57.44 ? 279 HOH A O   1 
HETATM 1654 O O   . HOH C 3 .   ? 6.798   16.444  -4.124  1.00 35.80 ? 280 HOH A O   1 
HETATM 1655 O O   . HOH C 3 .   ? -1.313  -24.003 13.348  1.00 39.18 ? 281 HOH A O   1 
HETATM 1656 O O   . HOH C 3 .   ? 6.740   -16.359 6.456   1.00 27.22 ? 282 HOH A O   1 
HETATM 1657 O O   . HOH C 3 .   ? -1.615  -22.915 16.100  1.00 46.33 ? 283 HOH A O   1 
HETATM 1658 O O   . HOH C 3 .   ? -14.306 -18.337 9.344   1.00 39.78 ? 284 HOH A O   1 
HETATM 1659 O O   . HOH C 3 .   ? -5.940  -26.870 -11.829 1.00 55.26 ? 285 HOH A O   1 
HETATM 1660 O O   . HOH C 3 .   ? 6.818   12.543  -1.769  1.00 36.06 ? 286 HOH A O   1 
HETATM 1661 O O   . HOH C 3 .   ? 16.466  -10.156 4.142   1.00 27.96 ? 287 HOH A O   1 
HETATM 1662 O O   . HOH C 3 .   ? -13.203 -17.141 11.459  1.00 36.88 ? 288 HOH A O   1 
HETATM 1663 O O   . HOH C 3 .   ? 10.570  -6.891  11.621  1.00 27.65 ? 289 HOH A O   1 
HETATM 1664 O O   . HOH C 3 .   ? 2.146   -28.230 8.637   1.00 42.83 ? 290 HOH A O   1 
HETATM 1665 O O   . HOH C 3 .   ? 4.334   -7.969  10.319  1.00 41.58 ? 291 HOH A O   1 
HETATM 1666 O O   . HOH C 3 .   ? 16.283  -5.884  3.484   1.00 35.88 ? 292 HOH A O   1 
HETATM 1667 O O   . HOH C 3 .   ? 8.360   -7.362  9.546   1.00 24.81 ? 293 HOH A O   1 
HETATM 1668 O O   . HOH C 3 .   ? -5.197  36.622  -15.469 1.00 46.40 ? 294 HOH A O   1 
HETATM 1669 O O   . HOH C 3 .   ? -9.053  -3.433  16.677  1.00 30.04 ? 295 HOH A O   1 
HETATM 1670 O O   . HOH C 3 .   ? 6.184   -6.173  10.048  1.00 27.60 ? 296 HOH A O   1 
HETATM 1671 O O   . HOH C 3 .   ? -4.722  -20.454 15.656  1.00 35.35 ? 297 HOH A O   1 
HETATM 1672 O O   . HOH C 3 .   ? -4.096  25.438  -23.197 1.00 38.70 ? 298 HOH A O   1 
HETATM 1673 O O   . HOH C 3 .   ? -12.183 -16.335 18.183  1.00 52.47 ? 299 HOH A O   1 
HETATM 1674 O O   . HOH C 3 .   ? 0.484   11.132  9.556   1.00 42.43 ? 300 HOH A O   1 
HETATM 1675 O O   . HOH C 3 .   ? 6.387   -17.900 -7.469  1.00 34.61 ? 301 HOH A O   1 
HETATM 1676 O O   . HOH C 3 .   ? 1.447   13.256  5.151   1.00 44.43 ? 302 HOH A O   1 
HETATM 1677 O O   . HOH C 3 .   ? 13.192  -3.930  -7.505  1.00 33.13 ? 303 HOH A O   1 
HETATM 1678 O O   . HOH C 3 .   ? -7.890  -10.770 19.739  1.00 47.51 ? 304 HOH A O   1 
HETATM 1679 O O   . HOH C 3 .   ? 2.443   -11.054 -8.529  1.00 40.30 ? 305 HOH A O   1 
HETATM 1680 O O   . HOH C 3 .   ? 2.283   35.802  -17.424 1.00 44.02 ? 306 HOH A O   1 
HETATM 1681 O O   . HOH C 3 .   ? -2.733  -5.277  -7.728  1.00 46.28 ? 307 HOH A O   1 
HETATM 1682 O O   . HOH C 3 .   ? -11.400 25.259  -13.023 1.00 49.49 ? 308 HOH A O   1 
HETATM 1683 O O   . HOH C 3 .   ? -2.085  -0.273  18.581  1.00 38.69 ? 309 HOH A O   1 
HETATM 1684 O O   . HOH C 3 .   ? 7.259   -18.356 1.577   1.00 51.12 ? 310 HOH A O   1 
HETATM 1685 O O   . HOH C 3 .   ? 0.305   4.786   -2.491  1.00 30.12 ? 311 HOH A O   1 
HETATM 1686 O O   . HOH C 3 .   ? 13.830  21.545  -15.547 1.00 37.20 ? 312 HOH A O   1 
HETATM 1687 O O   . HOH C 3 .   ? 10.286  13.107  -5.160  1.00 39.96 ? 313 HOH A O   1 
HETATM 1688 O O   . HOH C 3 .   ? 6.254   -23.743 5.798   1.00 52.52 ? 314 HOH A O   1 
HETATM 1689 O O   . HOH C 3 .   ? 14.747  -8.955  -8.361  1.00 34.06 ? 315 HOH A O   1 
HETATM 1690 O O   . HOH C 3 .   ? 5.506   -15.822 10.463  1.00 36.57 ? 316 HOH A O   1 
HETATM 1691 O O   . HOH C 3 .   ? 9.668   27.242  -18.178 1.00 35.62 ? 317 HOH A O   1 
HETATM 1692 O O   . HOH C 3 .   ? -7.560  -24.997 6.273   1.00 29.01 ? 318 HOH A O   1 
HETATM 1693 O O   . HOH C 3 .   ? -7.078  -27.569 5.711   1.00 48.66 ? 319 HOH A O   1 
HETATM 1694 O O   . HOH C 3 .   ? 11.620  21.815  1.310   1.00 46.40 ? 320 HOH A O   1 
HETATM 1695 O O   . HOH C 3 .   ? -7.695  -26.285 8.682   1.00 35.84 ? 321 HOH A O   1 
HETATM 1696 O O   . HOH C 3 .   ? -4.781  -8.821  17.650  1.00 30.33 ? 322 HOH A O   1 
HETATM 1697 O O   . HOH C 3 .   ? 9.516   19.519  -2.926  1.00 28.45 ? 323 HOH A O   1 
HETATM 1698 O O   . HOH C 3 .   ? 8.675   -20.624 -7.409  1.00 49.18 ? 324 HOH A O   1 
HETATM 1699 O O   . HOH C 3 .   ? -12.824 -18.530 20.600  1.00 58.74 ? 325 HOH A O   1 
HETATM 1700 O O   . HOH C 3 .   ? 10.386  14.706  -15.245 1.00 39.42 ? 326 HOH A O   1 
HETATM 1701 O O   . HOH C 3 .   ? -11.928 -4.297  17.559  1.00 40.00 ? 327 HOH A O   1 
HETATM 1702 O O   . HOH C 3 .   ? -3.518  -27.548 -4.798  1.00 56.14 ? 328 HOH A O   1 
HETATM 1703 O O   . HOH C 3 .   ? 10.373  11.652  5.390   1.00 35.86 ? 329 HOH A O   1 
HETATM 1704 O O   . HOH C 3 .   ? 9.474   21.417  -0.649  1.00 48.73 ? 330 HOH A O   1 
HETATM 1705 O O   . HOH C 3 .   ? -11.143 -24.212 15.845  1.00 41.35 ? 331 HOH A O   1 
HETATM 1706 O O   . HOH C 3 .   ? -2.760  28.014  -24.201 1.00 47.17 ? 332 HOH A O   1 
HETATM 1707 O O   . HOH C 3 .   ? 2.928   -19.971 11.287  1.00 47.50 ? 333 HOH A O   1 
HETATM 1708 O O   . HOH C 3 .   ? 13.218  22.600  -11.717 1.00 33.39 ? 334 HOH A O   1 
HETATM 1709 O O   . HOH C 3 .   ? -12.152 22.089  -10.028 1.00 53.22 ? 335 HOH A O   1 
HETATM 1710 O O   . HOH C 3 .   ? -16.540 -28.415 3.246   1.00 37.14 ? 336 HOH A O   1 
HETATM 1711 O O   . HOH C 3 .   ? 4.685   -10.306 -10.061 1.00 44.81 ? 337 HOH A O   1 
HETATM 1712 O O   . HOH C 3 .   ? 1.850   -10.107 11.125  1.00 33.29 ? 338 HOH A O   1 
HETATM 1713 O O   . HOH C 3 .   ? -7.319  -28.643 -13.417 1.00 54.18 ? 339 HOH A O   1 
HETATM 1714 O O   . HOH C 3 .   ? 1.777   38.361  -14.744 1.00 51.49 ? 340 HOH A O   1 
HETATM 1715 O O   . HOH C 3 .   ? -2.535  30.466  -23.112 1.00 44.38 ? 341 HOH A O   1 
HETATM 1716 O O   . HOH C 3 .   ? 14.670  27.990  -15.232 1.00 46.06 ? 342 HOH A O   1 
HETATM 1717 O O   . HOH C 3 .   ? -2.353  8.185   -3.073  1.00 39.41 ? 343 HOH A O   1 
HETATM 1718 O O   . HOH C 3 .   ? 8.467   17.021  -1.320  1.00 38.83 ? 344 HOH A O   1 
HETATM 1719 O O   . HOH C 3 .   ? 10.224  -3.899  13.802  1.00 25.41 ? 345 HOH A O   1 
HETATM 1720 O O   . HOH C 3 .   ? 4.206   -24.155 7.821   1.00 40.57 ? 346 HOH A O   1 
HETATM 1721 O O   . HOH C 3 .   ? 6.957   -15.200 -6.610  1.00 33.17 ? 347 HOH A O   1 
HETATM 1722 O O   . HOH C 3 .   ? -0.591  -28.368 8.696   1.00 50.10 ? 348 HOH A O   1 
HETATM 1723 O O   . HOH C 3 .   ? -0.771  13.788  6.180   1.00 44.93 ? 349 HOH A O   1 
HETATM 1724 O O   . HOH C 3 .   ? -9.406  -26.825 0.534   1.00 37.65 ? 350 HOH A O   1 
HETATM 1725 O O   . HOH C 3 .   ? 0.258   30.128  -2.310  1.00 36.96 ? 351 HOH A O   1 
HETATM 1726 O O   . HOH C 3 .   ? -3.338  7.582   8.372   1.00 44.29 ? 352 HOH A O   1 
HETATM 1727 O O   . HOH C 3 .   ? 0.154   30.506  -23.055 1.00 43.45 ? 353 HOH A O   1 
HETATM 1728 O O   . HOH C 3 .   ? 7.897   -23.681 -6.239  1.00 50.13 ? 354 HOH A O   1 
HETATM 1729 O O   . HOH C 3 .   ? -12.223 -11.021 0.929   1.00 43.22 ? 355 HOH A O   1 
HETATM 1730 O O   . HOH C 3 .   ? 9.442   12.998  -2.646  1.00 48.86 ? 356 HOH A O   1 
HETATM 1731 O O   . HOH C 3 .   ? 3.592   37.934  -16.532 1.00 46.94 ? 357 HOH A O   1 
HETATM 1732 O O   . HOH C 3 .   ? 8.547   -23.773 7.227   1.00 62.90 ? 358 HOH A O   1 
HETATM 1733 O O   . HOH C 3 .   ? -3.006  -29.111 7.341   1.00 45.77 ? 359 HOH A O   1 
HETATM 1734 O O   . HOH C 3 .   ? -13.238 -14.199 19.579  1.00 48.48 ? 360 HOH A O   1 
HETATM 1735 O O   . HOH C 3 .   ? -13.798 26.209  -12.014 1.00 56.46 ? 361 HOH A O   1 
HETATM 1736 O O   . HOH C 3 .   ? -2.760  7.444   -5.562  1.00 48.99 ? 362 HOH A O   1 
HETATM 1737 O O   . HOH C 3 .   ? -9.362  -19.457 19.456  1.00 61.88 ? 363 HOH A O   1 
HETATM 1738 O O   . HOH C 3 .   ? -4.011  12.685  4.567   1.00 48.67 ? 364 HOH A O   1 
HETATM 1739 O O   . HOH C 3 .   ? -11.067 -8.894  19.582  1.00 38.29 ? 365 HOH A O   1 
HETATM 1740 O O   . HOH C 3 .   ? -4.632  -11.550 17.441  1.00 51.18 ? 366 HOH A O   1 
HETATM 1741 O O   . HOH C 3 .   ? -1.660  12.680  -7.169  1.00 35.13 ? 367 HOH A O   1 
HETATM 1742 O O   . HOH C 3 .   ? -2.585  -26.768 12.989  1.00 48.52 ? 368 HOH A O   1 
HETATM 1743 O O   . HOH C 3 .   ? 2.219   -21.739 13.724  1.00 56.42 ? 369 HOH A O   1 
HETATM 1744 O O   . HOH C 3 .   ? 10.382  -8.079  13.985  1.00 46.41 ? 370 HOH A O   1 
HETATM 1745 O O   . HOH C 3 .   ? 5.846   -13.253 10.811  1.00 32.44 ? 371 HOH A O   1 
HETATM 1746 O O   . HOH C 3 .   ? 5.512   15.306  0.370   1.00 32.71 ? 372 HOH A O   1 
HETATM 1747 O O   . HOH C 3 .   ? 8.582   29.390  -14.716 1.00 40.26 ? 373 HOH A O   1 
# 
